data_4III
# 
_entry.id   4III 
# 
_audit_conform.dict_name       mmcif_pdbx.dic 
_audit_conform.dict_version    5.381 
_audit_conform.dict_location   http://mmcif.pdb.org/dictionaries/ascii/mmcif_pdbx.dic 
# 
loop_
_database_2.database_id 
_database_2.database_code 
_database_2.pdbx_database_accession 
_database_2.pdbx_DOI 
PDB   4III         pdb_00004iii 10.2210/pdb4iii/pdb 
NDB   NA2179       ?            ?                   
RCSB  RCSB076794   ?            ?                   
WWPDB D_1000076794 ?            ?                   
# 
_pdbx_database_status.status_code                     REL 
_pdbx_database_status.entry_id                        4III 
_pdbx_database_status.recvd_initial_deposition_date   2012-12-20 
_pdbx_database_status.deposit_site                    RCSB 
_pdbx_database_status.process_site                    PDBJ 
_pdbx_database_status.methods_development_category    ? 
_pdbx_database_status.status_code_sf                  REL 
_pdbx_database_status.status_code_mr                  ? 
_pdbx_database_status.SG_entry                        ? 
_pdbx_database_status.status_code_cs                  ? 
_pdbx_database_status.pdb_format_compatible           Y 
_pdbx_database_status.status_code_nmr_data            ? 
# 
loop_
_audit_author.name 
_audit_author.pdbx_ordinal 
'Hall, J.P.'   1 
'Cardin, C.J.' 2 
# 
_citation.id                        primary 
_citation.title                     
;Preferred orientation in an angled intercalation site of a chloro-substituted Lambda-[Ru(TAP)2(dppz)]2+ complex bound to d(TCGGCGCCGA)2.
;
_citation.journal_abbrev            'Philos Trans A Math Phys Eng Sci' 
_citation.journal_volume            371 
_citation.page_first                20120525 
_citation.page_last                 20120525 
_citation.year                      2013 
_citation.journal_id_ASTM           ? 
_citation.country                   UK 
_citation.journal_id_ISSN           1364-503X 
_citation.journal_id_CSD            ? 
_citation.book_publisher            ? 
_citation.pdbx_database_id_PubMed   23776304 
_citation.pdbx_database_id_DOI      10.1098/rsta.2012.0525 
# 
loop_
_citation_author.citation_id 
_citation_author.name 
_citation_author.ordinal 
_citation_author.identifier_ORCID 
primary 'Hall, J.P.'   1 ? 
primary 'Beer, H.'     2 ? 
primary 'Buchner, K.'  3 ? 
primary 'Cardin, D.J.' 4 ? 
primary 'Cardin, C.J.' 5 ? 
# 
_cell.entry_id           4III 
_cell.length_a           42.340 
_cell.length_b           42.340 
_cell.length_c           39.630 
_cell.angle_alpha        90.00 
_cell.angle_beta         90.00 
_cell.angle_gamma        90.00 
_cell.Z_PDB              8 
_cell.pdbx_unique_axis   ? 
_cell.length_a_esd       ? 
_cell.length_b_esd       ? 
_cell.length_c_esd       ? 
_cell.angle_alpha_esd    ? 
_cell.angle_beta_esd     ? 
_cell.angle_gamma_esd    ? 
# 
_symmetry.entry_id                         4III 
_symmetry.space_group_name_H-M             'P 43 21 2' 
_symmetry.pdbx_full_space_group_name_H-M   ? 
_symmetry.cell_setting                     ? 
_symmetry.Int_Tables_number                96 
_symmetry.space_group_name_Hall            ? 
# 
loop_
_entity.id 
_entity.type 
_entity.src_method 
_entity.pdbx_description 
_entity.formula_weight 
_entity.pdbx_number_of_molecules 
_entity.pdbx_ec 
_entity.pdbx_mutation 
_entity.pdbx_fragment 
_entity.details 
1 polymer     syn "5'-D(*TP*CP*GP*GP*CP*GP*CP*CP*GP*A)-3'" 3045.992 1  ? ? ? ? 
2 non-polymer syn 'BARIUM ION'                             137.327  1  ? ? ? ? 
3 non-polymer syn 'Ru(TAP)2(Cl-dppz) complex'              782.177  1  ? ? ? ? 
4 water       nat water                                    18.015   81 ? ? ? ? 
# 
_entity_poly.entity_id                      1 
_entity_poly.type                           polydeoxyribonucleotide 
_entity_poly.nstd_linkage                   no 
_entity_poly.nstd_monomer                   no 
_entity_poly.pdbx_seq_one_letter_code       '(DT)(DC)(DG)(DG)(DC)(DG)(DC)(DC)(DG)(DA)' 
_entity_poly.pdbx_seq_one_letter_code_can   TCGGCGCCGA 
_entity_poly.pdbx_strand_id                 A 
_entity_poly.pdbx_target_identifier         ? 
# 
loop_
_entity_poly_seq.entity_id 
_entity_poly_seq.num 
_entity_poly_seq.mon_id 
_entity_poly_seq.hetero 
1 1  DT n 
1 2  DC n 
1 3  DG n 
1 4  DG n 
1 5  DC n 
1 6  DG n 
1 7  DC n 
1 8  DC n 
1 9  DG n 
1 10 DA n 
# 
_pdbx_entity_src_syn.entity_id              1 
_pdbx_entity_src_syn.pdbx_src_id            1 
_pdbx_entity_src_syn.pdbx_alt_source_flag   sample 
_pdbx_entity_src_syn.pdbx_beg_seq_num       ? 
_pdbx_entity_src_syn.pdbx_end_seq_num       ? 
_pdbx_entity_src_syn.organism_scientific    ? 
_pdbx_entity_src_syn.organism_common_name   ? 
_pdbx_entity_src_syn.ncbi_taxonomy_id       ? 
_pdbx_entity_src_syn.details                'DNA produced by ATDBio' 
# 
_struct_ref.id                         1 
_struct_ref.db_name                    PDB 
_struct_ref.db_code                    4III 
_struct_ref.pdbx_db_accession          4III 
_struct_ref.entity_id                  1 
_struct_ref.pdbx_align_begin           ? 
_struct_ref.pdbx_seq_one_letter_code   ? 
_struct_ref.pdbx_db_isoform            ? 
# 
_struct_ref_seq.align_id                      1 
_struct_ref_seq.ref_id                        1 
_struct_ref_seq.pdbx_PDB_id_code              4III 
_struct_ref_seq.pdbx_strand_id                A 
_struct_ref_seq.seq_align_beg                 1 
_struct_ref_seq.pdbx_seq_align_beg_ins_code   ? 
_struct_ref_seq.seq_align_end                 10 
_struct_ref_seq.pdbx_seq_align_end_ins_code   ? 
_struct_ref_seq.pdbx_db_accession             4III 
_struct_ref_seq.db_align_beg                  1 
_struct_ref_seq.pdbx_db_align_beg_ins_code    ? 
_struct_ref_seq.db_align_end                  10 
_struct_ref_seq.pdbx_db_align_end_ins_code    ? 
_struct_ref_seq.pdbx_auth_seq_align_beg       1 
_struct_ref_seq.pdbx_auth_seq_align_end       10 
# 
loop_
_chem_comp.id 
_chem_comp.type 
_chem_comp.mon_nstd_flag 
_chem_comp.name 
_chem_comp.pdbx_synonyms 
_chem_comp.formula 
_chem_comp.formula_weight 
BA  non-polymer   . 'BARIUM ION'                         ? 'Ba 2'                137.327 
DA  'DNA linking' y "2'-DEOXYADENOSINE-5'-MONOPHOSPHATE" ? 'C10 H14 N5 O6 P'     331.222 
DC  'DNA linking' y "2'-DEOXYCYTIDINE-5'-MONOPHOSPHATE"  ? 'C9 H14 N3 O7 P'      307.197 
DG  'DNA linking' y "2'-DEOXYGUANOSINE-5'-MONOPHOSPHATE" ? 'C10 H14 N5 O7 P'     347.221 
DT  'DNA linking' y "THYMIDINE-5'-MONOPHOSPHATE"         ? 'C10 H15 N2 O8 P'     322.208 
HOH non-polymer   . WATER                                ? 'H2 O'                18.015  
RCZ non-polymer   . 'Ru(TAP)2(Cl-dppz) complex'          ? 'C38 H21 Cl N12 Ru 2' 782.177 
# 
_exptl.entry_id          4III 
_exptl.method            'X-RAY DIFFRACTION' 
_exptl.crystals_number   1 
# 
_exptl_crystal.id                    1 
_exptl_crystal.density_meas          ? 
_exptl_crystal.density_Matthews      2.92 
_exptl_crystal.density_percent_sol   57.81 
_exptl_crystal.description           ? 
_exptl_crystal.F_000                 ? 
_exptl_crystal.preparation           ? 
# 
_exptl_crystal_grow.crystal_id      1 
_exptl_crystal_grow.method          'VAPOR DIFFUSION, SITTING DROP' 
_exptl_crystal_grow.temp            291 
_exptl_crystal_grow.temp_details    ? 
_exptl_crystal_grow.pH              6.3 
_exptl_crystal_grow.pdbx_details    
;1mM d(TCGGCGCCGA)2, 3mM [Ru(TAP)2(11-Cl-dppz)]2Cl, 40mM sodium cacodylate pH 6.3, 12mM spermine, 80mM KCl, 20mM BaCl2, 10% 2-methyl-2,4-pentanediol, VAPOR DIFFUSION, SITTING DROP, temperature 291K
;
_exptl_crystal_grow.pdbx_pH_range   . 
# 
_diffrn.id                     1 
_diffrn.ambient_temp           100 
_diffrn.ambient_temp_details   ? 
_diffrn.crystal_id             1 
# 
_diffrn_detector.diffrn_id              1 
_diffrn_detector.detector               PIXEL 
_diffrn_detector.type                   'PSI PILATUS 6M' 
_diffrn_detector.pdbx_collection_date   2012-12-13 
_diffrn_detector.details                ? 
# 
_diffrn_radiation.diffrn_id                        1 
_diffrn_radiation.wavelength_id                    1 
_diffrn_radiation.pdbx_monochromatic_or_laue_m_l   M 
_diffrn_radiation.monochromator                    'dual Si(111)' 
_diffrn_radiation.pdbx_diffrn_protocol             'SINGLE WAVELENGTH' 
_diffrn_radiation.pdbx_scattering_type             x-ray 
# 
_diffrn_radiation_wavelength.id           1 
_diffrn_radiation_wavelength.wavelength   0.8266 
_diffrn_radiation_wavelength.wt           1.0 
# 
_diffrn_source.diffrn_id                   1 
_diffrn_source.source                      SYNCHROTRON 
_diffrn_source.type                        'DIAMOND BEAMLINE I02' 
_diffrn_source.pdbx_synchrotron_site       Diamond 
_diffrn_source.pdbx_synchrotron_beamline   I02 
_diffrn_source.pdbx_wavelength             ? 
_diffrn_source.pdbx_wavelength_list        0.8266 
# 
_reflns.entry_id                     4III 
_reflns.observed_criterion_sigma_I   2 
_reflns.observed_criterion_sigma_F   ? 
_reflns.d_resolution_low             28.95 
_reflns.d_resolution_high            1.02 
_reflns.number_obs                   18496 
_reflns.number_all                   18496 
_reflns.percent_possible_obs         100 
_reflns.pdbx_Rmerge_I_obs            ? 
_reflns.pdbx_Rsym_value              ? 
_reflns.pdbx_netI_over_sigmaI        ? 
_reflns.B_iso_Wilson_estimate        ? 
_reflns.pdbx_redundancy              ? 
_reflns.R_free_details               ? 
_reflns.limit_h_max                  ? 
_reflns.limit_h_min                  ? 
_reflns.limit_k_max                  ? 
_reflns.limit_k_min                  ? 
_reflns.limit_l_max                  ? 
_reflns.limit_l_min                  ? 
_reflns.observed_criterion_F_max     ? 
_reflns.observed_criterion_F_min     ? 
_reflns.pdbx_chi_squared             ? 
_reflns.pdbx_scaling_rejects         ? 
_reflns.pdbx_ordinal                 1 
_reflns.pdbx_diffrn_id               1 
# 
_reflns_shell.d_res_high                  1.02 
_reflns_shell.d_res_low                   1.05 
_reflns_shell.percent_possible_all        99.5 
_reflns_shell.Rmerge_I_obs                ? 
_reflns_shell.pdbx_Rsym_value             ? 
_reflns_shell.meanI_over_sigI_obs         ? 
_reflns_shell.pdbx_redundancy             ? 
_reflns_shell.percent_possible_obs        ? 
_reflns_shell.number_unique_all           ? 
_reflns_shell.number_measured_all         ? 
_reflns_shell.number_measured_obs         ? 
_reflns_shell.number_unique_obs           ? 
_reflns_shell.pdbx_chi_squared            ? 
_reflns_shell.pdbx_rejects                ? 
_reflns_shell.pdbx_netI_over_sigmaI_obs   ? 
_reflns_shell.number_possible             ? 
_reflns_shell.Rmerge_F_all                ? 
_reflns_shell.Rmerge_F_obs                ? 
_reflns_shell.Rmerge_I_all                ? 
_reflns_shell.meanI_over_sigI_all         ? 
_reflns_shell.pdbx_Rrim_I_all             ? 
_reflns_shell.pdbx_Rpim_I_all             ? 
_reflns_shell.pdbx_ordinal                1 
_reflns_shell.pdbx_diffrn_id              1 
# 
_refine.entry_id                                 4III 
_refine.ls_number_reflns_obs                     17529 
_refine.ls_number_reflns_all                     17529 
_refine.pdbx_ls_sigma_I                          ? 
_refine.pdbx_ls_sigma_F                          ? 
_refine.pdbx_data_cutoff_high_absF               ? 
_refine.pdbx_data_cutoff_low_absF                ? 
_refine.pdbx_data_cutoff_high_rms_absF           ? 
_refine.ls_d_res_low                             28.93 
_refine.ls_d_res_high                            1.02 
_refine.ls_percent_reflns_obs                    97.88 
_refine.ls_R_factor_obs                          0.10142 
_refine.ls_R_factor_all                          0.10202 
_refine.ls_R_factor_R_work                       0.10142 
_refine.ls_R_factor_R_free                       0.11391 
_refine.ls_R_factor_R_free_error                 ? 
_refine.ls_R_factor_R_free_error_details         ? 
_refine.ls_percent_reflns_R_free                 5.1 
_refine.ls_number_reflns_R_free                  946 
_refine.ls_number_parameters                     ? 
_refine.ls_number_restraints                     ? 
_refine.occupancy_min                            ? 
_refine.occupancy_max                            ? 
_refine.correlation_coeff_Fo_to_Fc               0.988 
_refine.correlation_coeff_Fo_to_Fc_free          0.986 
_refine.B_iso_mean                               17.878 
_refine.aniso_B[1][1]                            -1.28 
_refine.aniso_B[2][2]                            -1.28 
_refine.aniso_B[3][3]                            2.56 
_refine.aniso_B[1][2]                            -0.00 
_refine.aniso_B[1][3]                            -0.00 
_refine.aniso_B[2][3]                            -0.00 
_refine.solvent_model_details                    'BABINET MODEL WITH MASK' 
_refine.solvent_model_param_ksol                 ? 
_refine.solvent_model_param_bsol                 ? 
_refine.pdbx_solvent_vdw_probe_radii             1.20 
_refine.pdbx_solvent_ion_probe_radii             0.80 
_refine.pdbx_solvent_shrinkage_radii             0.80 
_refine.pdbx_ls_cross_valid_method               THROUGHOUT 
_refine.details                                  'HYDROGENS HAVE BEEN ADDED IN THE RIDING POSITIONS' 
_refine.pdbx_starting_model                      3QRN 
_refine.pdbx_method_to_determine_struct          'MOLECULAR REPLACEMENT' 
_refine.pdbx_isotropic_thermal_model             ? 
_refine.pdbx_stereochemistry_target_values       'MAXIMUM LIKELIHOOD' 
_refine.pdbx_stereochem_target_val_spec_case     ? 
_refine.pdbx_R_Free_selection_details            RANDOM 
_refine.pdbx_overall_ESU_R                       0.019 
_refine.pdbx_overall_ESU_R_Free                  0.019 
_refine.overall_SU_ML                            0.015 
_refine.pdbx_overall_phase_error                 ? 
_refine.overall_SU_B                             0.686 
_refine.overall_SU_R_Cruickshank_DPI             ? 
_refine.ls_redundancy_reflns_obs                 ? 
_refine.B_iso_min                                ? 
_refine.B_iso_max                                ? 
_refine.overall_SU_R_free                        ? 
_refine.ls_wR_factor_R_free                      ? 
_refine.ls_wR_factor_R_work                      ? 
_refine.overall_FOM_free_R_set                   ? 
_refine.overall_FOM_work_R_set                   ? 
_refine.pdbx_diffrn_id                           1 
_refine.pdbx_refine_id                           'X-RAY DIFFRACTION' 
_refine.pdbx_TLS_residual_ADP_flag               ? 
_refine.pdbx_overall_SU_R_free_Cruickshank_DPI   ? 
_refine.pdbx_overall_SU_R_Blow_DPI               ? 
_refine.pdbx_overall_SU_R_free_Blow_DPI          ? 
# 
_refine_hist.pdbx_refine_id                   'X-RAY DIFFRACTION' 
_refine_hist.cycle_id                         LAST 
_refine_hist.pdbx_number_atoms_protein        0 
_refine_hist.pdbx_number_atoms_nucleic_acid   202 
_refine_hist.pdbx_number_atoms_ligand         53 
_refine_hist.number_atoms_solvent             81 
_refine_hist.number_atoms_total               336 
_refine_hist.d_res_high                       1.02 
_refine_hist.d_res_low                        28.93 
# 
loop_
_refine_ls_restr.type 
_refine_ls_restr.dev_ideal 
_refine_ls_restr.dev_ideal_target 
_refine_ls_restr.weight 
_refine_ls_restr.number 
_refine_ls_restr.pdbx_restraint_function 
_refine_ls_restr.pdbx_refine_id 
r_bond_refined_d             0.020  0.014 ? 405 ? 'X-RAY DIFFRACTION' 
r_bond_other_d               0.003  0.020 ? 177 ? 'X-RAY DIFFRACTION' 
r_angle_refined_deg          2.340  1.789 ? 645 ? 'X-RAY DIFFRACTION' 
r_angle_other_deg            1.570  3.000 ? 401 ? 'X-RAY DIFFRACTION' 
r_dihedral_angle_1_deg       ?      ?     ? ?   ? 'X-RAY DIFFRACTION' 
r_dihedral_angle_2_deg       ?      ?     ? ?   ? 'X-RAY DIFFRACTION' 
r_dihedral_angle_3_deg       ?      ?     ? ?   ? 'X-RAY DIFFRACTION' 
r_dihedral_angle_4_deg       ?      ?     ? ?   ? 'X-RAY DIFFRACTION' 
r_chiral_restr               0.087  0.200 ? 38  ? 'X-RAY DIFFRACTION' 
r_gen_planes_refined         0.039  0.020 ? 258 ? 'X-RAY DIFFRACTION' 
r_gen_planes_other           0.008  0.020 ? 110 ? 'X-RAY DIFFRACTION' 
r_nbd_refined                ?      ?     ? ?   ? 'X-RAY DIFFRACTION' 
r_nbd_other                  ?      ?     ? ?   ? 'X-RAY DIFFRACTION' 
r_nbtor_refined              ?      ?     ? ?   ? 'X-RAY DIFFRACTION' 
r_nbtor_other                ?      ?     ? ?   ? 'X-RAY DIFFRACTION' 
r_xyhbond_nbd_refined        ?      ?     ? ?   ? 'X-RAY DIFFRACTION' 
r_xyhbond_nbd_other          ?      ?     ? ?   ? 'X-RAY DIFFRACTION' 
r_metal_ion_refined          ?      ?     ? ?   ? 'X-RAY DIFFRACTION' 
r_metal_ion_other            ?      ?     ? ?   ? 'X-RAY DIFFRACTION' 
r_symmetry_vdw_refined       ?      ?     ? ?   ? 'X-RAY DIFFRACTION' 
r_symmetry_vdw_other         ?      ?     ? ?   ? 'X-RAY DIFFRACTION' 
r_symmetry_hbond_refined     ?      ?     ? ?   ? 'X-RAY DIFFRACTION' 
r_symmetry_hbond_other       ?      ?     ? ?   ? 'X-RAY DIFFRACTION' 
r_symmetry_metal_ion_refined ?      ?     ? ?   ? 'X-RAY DIFFRACTION' 
r_symmetry_metal_ion_other   ?      ?     ? ?   ? 'X-RAY DIFFRACTION' 
r_mcbond_it                  ?      ?     ? ?   ? 'X-RAY DIFFRACTION' 
r_mcbond_other               ?      ?     ? ?   ? 'X-RAY DIFFRACTION' 
r_mcangle_it                 ?      ?     ? ?   ? 'X-RAY DIFFRACTION' 
r_scbond_it                  ?      ?     ? ?   ? 'X-RAY DIFFRACTION' 
r_scangle_it                 ?      ?     ? ?   ? 'X-RAY DIFFRACTION' 
r_rigid_bond_restr           6.891  3.000 ? 581 ? 'X-RAY DIFFRACTION' 
r_sphericity_free            28.455 5.000 ? 13  ? 'X-RAY DIFFRACTION' 
r_sphericity_bonded          15.716 5.000 ? 595 ? 'X-RAY DIFFRACTION' 
# 
_refine_ls_shell.pdbx_refine_id                   'X-RAY DIFFRACTION' 
_refine_ls_shell.pdbx_total_number_of_bins_used   20 
_refine_ls_shell.d_res_high                       1.021 
_refine_ls_shell.d_res_low                        1.048 
_refine_ls_shell.number_reflns_R_work             1273 
_refine_ls_shell.R_factor_R_work                  0.232 
_refine_ls_shell.percent_reflns_obs               99.27 
_refine_ls_shell.R_factor_R_free                  0.215 
_refine_ls_shell.R_factor_R_free_error            ? 
_refine_ls_shell.percent_reflns_R_free            ? 
_refine_ls_shell.number_reflns_R_free             78 
_refine_ls_shell.number_reflns_all                ? 
_refine_ls_shell.R_factor_all                     ? 
_refine_ls_shell.number_reflns_obs                ? 
_refine_ls_shell.redundancy_reflns_obs            ? 
# 
_struct.entry_id                  4III 
_struct.title                     'Lambda-[Ru(TAP)2(11-Cl-dppz)] with a DNA decamer at atomic resolution' 
_struct.pdbx_model_details        ? 
_struct.pdbx_CASP_flag            ? 
_struct.pdbx_model_type_details   ? 
# 
_struct_keywords.entry_id        4III 
_struct_keywords.pdbx_keywords   DNA 
_struct_keywords.text            'Duplex, Ruthenium, DNA' 
# 
loop_
_struct_asym.id 
_struct_asym.pdbx_blank_PDB_chainid_flag 
_struct_asym.pdbx_modified 
_struct_asym.entity_id 
_struct_asym.details 
A N N 1 ? 
B N N 2 ? 
C N N 3 ? 
D N N 4 ? 
# 
_struct_biol.id        1 
_struct_biol.details   ? 
# 
loop_
_struct_conn.id 
_struct_conn.conn_type_id 
_struct_conn.pdbx_leaving_atom_flag 
_struct_conn.pdbx_PDB_id 
_struct_conn.ptnr1_label_asym_id 
_struct_conn.ptnr1_label_comp_id 
_struct_conn.ptnr1_label_seq_id 
_struct_conn.ptnr1_label_atom_id 
_struct_conn.pdbx_ptnr1_label_alt_id 
_struct_conn.pdbx_ptnr1_PDB_ins_code 
_struct_conn.pdbx_ptnr1_standard_comp_id 
_struct_conn.ptnr1_symmetry 
_struct_conn.ptnr2_label_asym_id 
_struct_conn.ptnr2_label_comp_id 
_struct_conn.ptnr2_label_seq_id 
_struct_conn.ptnr2_label_atom_id 
_struct_conn.pdbx_ptnr2_label_alt_id 
_struct_conn.pdbx_ptnr2_PDB_ins_code 
_struct_conn.ptnr1_auth_asym_id 
_struct_conn.ptnr1_auth_comp_id 
_struct_conn.ptnr1_auth_seq_id 
_struct_conn.ptnr2_auth_asym_id 
_struct_conn.ptnr2_auth_comp_id 
_struct_conn.ptnr2_auth_seq_id 
_struct_conn.ptnr2_symmetry 
_struct_conn.pdbx_ptnr3_label_atom_id 
_struct_conn.pdbx_ptnr3_label_seq_id 
_struct_conn.pdbx_ptnr3_label_comp_id 
_struct_conn.pdbx_ptnr3_label_asym_id 
_struct_conn.pdbx_ptnr3_label_alt_id 
_struct_conn.pdbx_ptnr3_PDB_ins_code 
_struct_conn.details 
_struct_conn.pdbx_dist_value 
_struct_conn.pdbx_value_order 
_struct_conn.pdbx_role 
metalc1  metalc ? ? A DG 4 O6 ? ? ? 1_555 B BA  . BA ? ? A DG 4   A BA  101 1_555 ? ? ? ? ? ? ?            2.843 ? ? 
metalc2  metalc ? ? B BA . BA ? ? ? 1_555 D HOH . O  ? ? A BA 101 A HOH 201 1_555 ? ? ? ? ? ? ?            2.801 ? ? 
metalc3  metalc ? ? B BA . BA ? ? ? 1_555 D HOH . O  ? ? A BA 101 A HOH 202 1_555 ? ? ? ? ? ? ?            2.798 ? ? 
metalc4  metalc ? ? B BA . BA ? ? ? 1_555 D HOH . O  ? ? A BA 101 A HOH 204 1_555 ? ? ? ? ? ? ?            2.768 ? ? 
metalc5  metalc ? ? B BA . BA ? ? ? 1_555 D HOH . O  ? ? A BA 101 A HOH 213 1_555 ? ? ? ? ? ? ?            2.783 ? ? 
metalc6  metalc ? ? B BA . BA ? ? ? 1_555 D HOH . O  ? ? A BA 101 A HOH 231 1_555 ? ? ? ? ? ? ?            2.809 ? ? 
hydrog1  hydrog ? ? A DC 2 N3 ? ? ? 1_555 A DG  9 N1 A ? A DC 2   A DG  9   7_555 ? ? ? ? ? ? WATSON-CRICK ?     ? ? 
hydrog2  hydrog ? ? A DC 2 N4 ? ? ? 1_555 A DG  9 O6 A ? A DC 2   A DG  9   7_555 ? ? ? ? ? ? WATSON-CRICK ?     ? ? 
hydrog3  hydrog ? ? A DC 2 O2 ? ? ? 1_555 A DG  9 N2 A ? A DC 2   A DG  9   7_555 ? ? ? ? ? ? WATSON-CRICK ?     ? ? 
hydrog4  hydrog ? ? A DG 3 N1 ? ? ? 1_555 A DC  8 N3 ? ? A DG 3   A DC  8   7_555 ? ? ? ? ? ? WATSON-CRICK ?     ? ? 
hydrog5  hydrog ? ? A DG 3 N2 ? ? ? 1_555 A DC  8 O2 ? ? A DG 3   A DC  8   7_555 ? ? ? ? ? ? WATSON-CRICK ?     ? ? 
hydrog6  hydrog ? ? A DG 3 O6 ? ? ? 1_555 A DC  8 N4 ? ? A DG 3   A DC  8   7_555 ? ? ? ? ? ? WATSON-CRICK ?     ? ? 
hydrog7  hydrog ? ? A DG 4 N1 ? ? ? 1_555 A DC  7 N3 ? ? A DG 4   A DC  7   7_555 ? ? ? ? ? ? WATSON-CRICK ?     ? ? 
hydrog8  hydrog ? ? A DG 4 N2 ? ? ? 1_555 A DC  7 O2 ? ? A DG 4   A DC  7   7_555 ? ? ? ? ? ? WATSON-CRICK ?     ? ? 
hydrog9  hydrog ? ? A DG 4 O6 ? ? ? 1_555 A DC  7 N4 ? ? A DG 4   A DC  7   7_555 ? ? ? ? ? ? WATSON-CRICK ?     ? ? 
hydrog10 hydrog ? ? A DC 5 N3 ? ? ? 1_555 A DG  6 N1 ? ? A DC 5   A DG  6   7_555 ? ? ? ? ? ? WATSON-CRICK ?     ? ? 
hydrog11 hydrog ? ? A DC 5 N4 ? ? ? 1_555 A DG  6 O6 ? ? A DC 5   A DG  6   7_555 ? ? ? ? ? ? WATSON-CRICK ?     ? ? 
hydrog12 hydrog ? ? A DC 5 O2 ? ? ? 1_555 A DG  6 N2 ? ? A DC 5   A DG  6   7_555 ? ? ? ? ? ? WATSON-CRICK ?     ? ? 
hydrog13 hydrog ? ? A DG 6 N1 ? ? ? 1_555 A DC  5 N3 ? ? A DG 6   A DC  5   7_555 ? ? ? ? ? ? WATSON-CRICK ?     ? ? 
hydrog14 hydrog ? ? A DG 6 N2 ? ? ? 1_555 A DC  5 O2 ? ? A DG 6   A DC  5   7_555 ? ? ? ? ? ? WATSON-CRICK ?     ? ? 
hydrog15 hydrog ? ? A DG 6 O6 ? ? ? 1_555 A DC  5 N4 ? ? A DG 6   A DC  5   7_555 ? ? ? ? ? ? WATSON-CRICK ?     ? ? 
hydrog16 hydrog ? ? A DC 7 N3 ? ? ? 1_555 A DG  4 N1 ? ? A DC 7   A DG  4   7_555 ? ? ? ? ? ? WATSON-CRICK ?     ? ? 
hydrog17 hydrog ? ? A DC 7 N4 ? ? ? 1_555 A DG  4 O6 ? ? A DC 7   A DG  4   7_555 ? ? ? ? ? ? WATSON-CRICK ?     ? ? 
hydrog18 hydrog ? ? A DC 7 O2 ? ? ? 1_555 A DG  4 N2 ? ? A DC 7   A DG  4   7_555 ? ? ? ? ? ? WATSON-CRICK ?     ? ? 
hydrog19 hydrog ? ? A DC 8 N3 ? ? ? 1_555 A DG  3 N1 ? ? A DC 8   A DG  3   7_555 ? ? ? ? ? ? WATSON-CRICK ?     ? ? 
hydrog20 hydrog ? ? A DC 8 N4 ? ? ? 1_555 A DG  3 O6 ? ? A DC 8   A DG  3   7_555 ? ? ? ? ? ? WATSON-CRICK ?     ? ? 
hydrog21 hydrog ? ? A DC 8 O2 ? ? ? 1_555 A DG  3 N2 ? ? A DC 8   A DG  3   7_555 ? ? ? ? ? ? WATSON-CRICK ?     ? ? 
hydrog22 hydrog ? ? A DG 9 N1 A ? ? 1_555 A DC  2 N3 ? ? A DG 9   A DC  2   7_555 ? ? ? ? ? ? WATSON-CRICK ?     ? ? 
hydrog23 hydrog ? ? A DG 9 N2 A ? ? 1_555 A DC  2 O2 ? ? A DG 9   A DC  2   7_555 ? ? ? ? ? ? WATSON-CRICK ?     ? ? 
hydrog24 hydrog ? ? A DG 9 O6 A ? ? 1_555 A DC  2 N4 ? ? A DG 9   A DC  2   7_555 ? ? ? ? ? ? WATSON-CRICK ?     ? ? 
# 
loop_
_struct_conn_type.id 
_struct_conn_type.criteria 
_struct_conn_type.reference 
metalc ? ? 
hydrog ? ? 
# 
loop_
_struct_site.id 
_struct_site.pdbx_evidence_code 
_struct_site.pdbx_auth_asym_id 
_struct_site.pdbx_auth_comp_id 
_struct_site.pdbx_auth_seq_id 
_struct_site.pdbx_auth_ins_code 
_struct_site.pdbx_num_residues 
_struct_site.details 
AC1 Software A BA  101 ? 8  'BINDING SITE FOR RESIDUE BA A 101'  
AC2 Software A RCZ 102 ? 13 'BINDING SITE FOR RESIDUE RCZ A 102' 
# 
loop_
_struct_site_gen.id 
_struct_site_gen.site_id 
_struct_site_gen.pdbx_num_res 
_struct_site_gen.label_comp_id 
_struct_site_gen.label_asym_id 
_struct_site_gen.label_seq_id 
_struct_site_gen.pdbx_auth_ins_code 
_struct_site_gen.auth_comp_id 
_struct_site_gen.auth_asym_id 
_struct_site_gen.auth_seq_id 
_struct_site_gen.label_atom_id 
_struct_site_gen.label_alt_id 
_struct_site_gen.symmetry 
_struct_site_gen.details 
1  AC1 8  DG  A 3  ? DG  A 3   . ? 1_555 ? 
2  AC1 8  DG  A 4  ? DG  A 4   . ? 1_555 ? 
3  AC1 8  HOH D .  ? HOH A 201 . ? 1_555 ? 
4  AC1 8  HOH D .  ? HOH A 202 . ? 1_555 ? 
5  AC1 8  HOH D .  ? HOH A 203 . ? 7_555 ? 
6  AC1 8  HOH D .  ? HOH A 204 . ? 1_555 ? 
7  AC1 8  HOH D .  ? HOH A 213 . ? 1_555 ? 
8  AC1 8  HOH D .  ? HOH A 231 . ? 1_555 ? 
9  AC2 13 DT  A 1  ? DT  A 1   . ? 7_555 ? 
10 AC2 13 DC  A 2  ? DC  A 2   . ? 7_555 ? 
11 AC2 13 DG  A 3  ? DG  A 3   . ? 7_555 ? 
12 AC2 13 DG  A 3  ? DG  A 3   . ? 5_444 ? 
13 AC2 13 DG  A 4  ? DG  A 4   . ? 5_444 ? 
14 AC2 13 DC  A 5  ? DC  A 5   . ? 5_444 ? 
15 AC2 13 DC  A 7  ? DC  A 7   . ? 3_444 ? 
16 AC2 13 DC  A 8  ? DC  A 8   . ? 3_444 ? 
17 AC2 13 DG  A 9  ? DG  A 9   . ? 1_555 ? 
18 AC2 13 DA  A 10 ? DA  A 10  . ? 3_444 ? 
19 AC2 13 HOH D .  ? HOH A 224 . ? 1_555 ? 
20 AC2 13 HOH D .  ? HOH A 250 . ? 3_444 ? 
21 AC2 13 HOH D .  ? HOH A 265 . ? 1_555 ? 
# 
_atom_sites.entry_id                    4III 
_atom_sites.fract_transf_matrix[1][1]   -0.01442887 
_atom_sites.fract_transf_matrix[1][2]   -0.01851312 
_atom_sites.fract_transf_matrix[1][3]   -0.00262337 
_atom_sites.fract_transf_matrix[2][1]   -0.01139132 
_atom_sites.fract_transf_matrix[2][2]   0.01133119 
_atom_sites.fract_transf_matrix[2][3]   -0.01731046 
_atom_sites.fract_transf_matrix[3][1]   0.01584143 
_atom_sites.fract_transf_matrix[3][2]   -0.00994676 
_atom_sites.fract_transf_matrix[3][3]   -0.01693562 
_atom_sites.fract_transf_vector[1]      -0.171441 
_atom_sites.fract_transf_vector[2]      -0.326739 
_atom_sites.fract_transf_vector[3]      -0.148408 
# 
loop_
_atom_type.symbol 
BA 
C  
CL 
H  
N  
O  
P  
RU 
# 
loop_
_atom_site.group_PDB 
_atom_site.id 
_atom_site.type_symbol 
_atom_site.label_atom_id 
_atom_site.label_alt_id 
_atom_site.label_comp_id 
_atom_site.label_asym_id 
_atom_site.label_entity_id 
_atom_site.label_seq_id 
_atom_site.pdbx_PDB_ins_code 
_atom_site.Cartn_x 
_atom_site.Cartn_y 
_atom_site.Cartn_z 
_atom_site.occupancy 
_atom_site.B_iso_or_equiv 
_atom_site.pdbx_formal_charge 
_atom_site.auth_seq_id 
_atom_site.auth_comp_id 
_atom_site.auth_asym_id 
_atom_site.auth_atom_id 
_atom_site.pdbx_PDB_model_num 
ATOM   1   O  "O5'"  . DT  A 1 1  ? 20.255  -0.464  -11.953 1.00 26.55 ? 1   DT  A "O5'"  1 
ATOM   2   C  "C5'"  . DT  A 1 1  ? 20.863  0.766   -11.636 1.00 20.87 ? 1   DT  A "C5'"  1 
ATOM   3   C  "C4'"  . DT  A 1 1  ? 19.972  1.896   -12.054 1.00 17.73 ? 1   DT  A "C4'"  1 
ATOM   4   O  "O4'"  . DT  A 1 1  ? 19.747  1.902   -13.493 1.00 20.80 ? 1   DT  A "O4'"  1 
ATOM   5   C  "C3'"  . DT  A 1 1  ? 18.571  1.790   -11.480 1.00 16.77 ? 1   DT  A "C3'"  1 
ATOM   6   O  "O3'"  . DT  A 1 1  ? 18.584  2.285   -10.145 1.00 16.95 ? 1   DT  A "O3'"  1 
ATOM   7   C  "C2'"  . DT  A 1 1  ? 17.774  2.647   -12.434 1.00 18.33 ? 1   DT  A "C2'"  1 
ATOM   8   C  "C1'"  . DT  A 1 1  ? 18.493  2.504   -13.771 1.00 17.69 ? 1   DT  A "C1'"  1 
ATOM   9   N  N1     . DT  A 1 1  ? 17.858  1.656   -14.805 1.00 17.11 ? 1   DT  A N1     1 
ATOM   10  C  C2     . DT  A 1 1  ? 17.987  2.034   -16.116 1.00 15.01 ? 1   DT  A C2     1 
ATOM   11  O  O2     . DT  A 1 1  ? 18.512  3.066   -16.443 1.00 14.52 ? 1   DT  A O2     1 
ATOM   12  N  N3     . DT  A 1 1  ? 17.406  1.187   -17.026 1.00 16.83 ? 1   DT  A N3     1 
ATOM   13  C  C4     . DT  A 1 1  ? 16.732  0.020   -16.759 1.00 21.02 ? 1   DT  A C4     1 
ATOM   14  O  O4     . DT  A 1 1  ? 16.289  -0.645  -17.685 1.00 24.46 ? 1   DT  A O4     1 
ATOM   15  C  C5     . DT  A 1 1  ? 16.643  -0.332  -15.355 1.00 25.52 ? 1   DT  A C5     1 
ATOM   16  C  C7     . DT  A 1 1  ? 15.950  -1.599  -14.963 1.00 41.64 ? 1   DT  A C7     1 
ATOM   17  C  C6     . DT  A 1 1  ? 17.202  0.494   -14.462 1.00 22.94 ? 1   DT  A C6     1 
ATOM   18  H  "H5'"  . DT  A 1 1  ? 21.824  0.845   -12.148 1.00 21.32 ? 1   DT  A "H5'"  1 
ATOM   19  H  "H5''" . DT  A 1 1  ? 21.046  0.820   -10.560 1.00 21.21 ? 1   DT  A "H5''" 1 
ATOM   20  H  "H4'"  . DT  A 1 1  ? 20.420  2.848   -11.735 1.00 17.82 ? 1   DT  A "H4'"  1 
ATOM   21  H  "H3'"  . DT  A 1 1  ? 18.210  0.754   -11.513 1.00 17.31 ? 1   DT  A "H3'"  1 
ATOM   22  H  "H2'"  . DT  A 1 1  ? 16.746  2.287   -12.488 1.00 18.36 ? 1   DT  A "H2'"  1 
ATOM   23  H  "H2''" . DT  A 1 1  ? 17.765  3.686   -12.102 1.00 18.24 ? 1   DT  A "H2''" 1 
ATOM   24  H  "H1'"  . DT  A 1 1  ? 18.655  3.514   -14.168 1.00 17.67 ? 1   DT  A "H1'"  1 
ATOM   25  H  H3     . DT  A 1 1  ? 17.472  1.469   -18.016 1.00 16.75 ? 1   DT  A H3     1 
ATOM   26  H  H71    . DT  A 1 1  ? 15.129  -1.769  -15.609 1.00 36.52 ? 1   DT  A H71    1 
ATOM   27  H  H72    . DT  A 1 1  ? 16.629  -2.409  -15.033 1.00 37.55 ? 1   DT  A H72    1 
ATOM   28  H  H73    . DT  A 1 1  ? 15.600  -1.519  -13.968 1.00 35.55 ? 1   DT  A H73    1 
ATOM   29  H  H6     . DT  A 1 1  ? 17.153  0.214   -13.423 1.00 21.54 ? 1   DT  A H6     1 
ATOM   30  H  "HO5'" . DT  A 1 1  ? 19.879  -0.608  -12.846 1.00 25.02 ? 1   DT  A "HO5'" 1 
ATOM   31  P  P      . DC  A 1 2  ? 17.343  2.215   -9.170  1.00 16.61 ? 2   DC  A P      1 
ATOM   32  O  OP1    . DC  A 1 2  ? 17.882  2.439   -7.815  1.00 19.51 ? 2   DC  A OP1    1 
ATOM   33  O  OP2    . DC  A 1 2  ? 16.534  0.994   -9.412  1.00 18.92 ? 2   DC  A OP2    1 
ATOM   34  O  "O5'"  . DC  A 1 2  ? 16.410  3.420   -9.587  1.00 15.86 ? 2   DC  A "O5'"  1 
ATOM   35  C  "C5'"  . DC  A 1 2  ? 16.883  4.787   -9.474  1.00 15.34 ? 2   DC  A "C5'"  1 
ATOM   36  C  "C4'"  . DC  A 1 2  ? 15.755  5.716   -9.839  1.00 12.90 ? 2   DC  A "C4'"  1 
ATOM   37  O  "O4'"  . DC  A 1 2  ? 15.321  5.470   -11.190 1.00 13.06 ? 2   DC  A "O4'"  1 
ATOM   38  C  "C3'"  . DC  A 1 2  ? 14.497  5.527   -8.971  1.00 12.85 ? 2   DC  A "C3'"  1 
ATOM   39  O  "O3'"  . DC  A 1 2  ? 14.681  6.404   -7.869  1.00 13.44 ? 2   DC  A "O3'"  1 
ATOM   40  C  "C2'"  . DC  A 1 2  ? 13.370  5.881   -9.910  1.00 12.74 ? 2   DC  A "C2'"  1 
ATOM   41  C  "C1'"  . DC  A 1 2  ? 13.915  5.677   -11.330 1.00 12.35 ? 2   DC  A "C1'"  1 
ATOM   42  N  N1     . DC  A 1 2  ? 13.362  4.499   -12.007 1.00 12.05 ? 2   DC  A N1     1 
ATOM   43  C  C2     . DC  A 1 2  ? 12.759  4.660   -13.257 1.00 11.96 ? 2   DC  A C2     1 
ATOM   44  O  O2     . DC  A 1 2  ? 12.679  5.783   -13.734 1.00 12.14 ? 2   DC  A O2     1 
ATOM   45  N  N3     . DC  A 1 2  ? 12.377  3.543   -13.941 1.00 12.66 ? 2   DC  A N3     1 
ATOM   46  C  C4     . DC  A 1 2  ? 12.509  2.339   -13.383 1.00 12.84 ? 2   DC  A C4     1 
ATOM   47  N  N4     . DC  A 1 2  ? 12.095  1.286   -14.064 1.00 14.94 ? 2   DC  A N4     1 
ATOM   48  C  C5     . DC  A 1 2  ? 13.061  2.157   -12.095 1.00 13.90 ? 2   DC  A C5     1 
ATOM   49  C  C6     . DC  A 1 2  ? 13.500  3.243   -11.463 1.00 13.34 ? 2   DC  A C6     1 
ATOM   50  H  "H5'"  . DC  A 1 2  ? 17.732  4.950   -10.140 1.00 15.23 ? 2   DC  A "H5'"  1 
ATOM   51  H  "H5''" . DC  A 1 2  ? 17.208  4.984   -8.449  1.00 14.96 ? 2   DC  A "H5''" 1 
ATOM   52  H  "H4'"  . DC  A 1 2  ? 16.105  6.742   -9.704  1.00 12.91 ? 2   DC  A "H4'"  1 
ATOM   53  H  "H3'"  . DC  A 1 2  ? 14.403  4.484   -8.639  1.00 12.74 ? 2   DC  A "H3'"  1 
ATOM   54  H  "H2'"  . DC  A 1 2  ? 12.517  5.227   -9.730  1.00 12.40 ? 2   DC  A "H2'"  1 
ATOM   55  H  "H2''" . DC  A 1 2  ? 13.063  6.917   -9.764  1.00 12.78 ? 2   DC  A "H2''" 1 
ATOM   56  H  "H1'"  . DC  A 1 2  ? 13.720  6.584   -11.911 1.00 12.17 ? 2   DC  A "H1'"  1 
ATOM   57  H  H41    . DC  A 1 2  ? 12.168  0.363   -13.659 1.00 14.16 ? 2   DC  A H41    1 
ATOM   58  H  H42    . DC  A 1 2  ? 11.651  1.403   -14.962 1.00 14.23 ? 2   DC  A H42    1 
ATOM   59  H  H5     . DC  A 1 2  ? 13.199  1.170   -11.674 1.00 13.94 ? 2   DC  A H5     1 
ATOM   60  H  H6     . DC  A 1 2  ? 13.970  3.132   -10.495 1.00 12.74 ? 2   DC  A H6     1 
ATOM   61  P  P      . DG  A 1 3  ? 13.647  6.449   -6.615  1.00 13.23 ? 3   DG  A P      1 
ATOM   62  O  OP1    . DG  A 1 3  ? 14.402  7.080   -5.520  1.00 15.21 ? 3   DG  A OP1    1 
ATOM   63  O  OP2    . DG  A 1 3  ? 13.031  5.117   -6.423  1.00 13.70 ? 3   DG  A OP2    1 
ATOM   64  O  "O5'"  . DG  A 1 3  ? 12.464  7.413   -7.071  1.00 12.48 ? 3   DG  A "O5'"  1 
ATOM   65  C  "C5'"  . DG  A 1 3  ? 12.699  8.808   -7.222  1.00 12.87 ? 3   DG  A "C5'"  1 
ATOM   66  C  "C4'"  . DG  A 1 3  ? 11.550  9.447   -7.962  1.00 11.91 ? 3   DG  A "C4'"  1 
ATOM   67  O  "O4'"  . DG  A 1 3  ? 11.510  8.872   -9.294  1.00 11.60 ? 3   DG  A "O4'"  1 
ATOM   68  C  "C3'"  . DG  A 1 3  ? 10.163  9.191   -7.390  1.00 11.94 ? 3   DG  A "C3'"  1 
ATOM   69  O  "O3'"  . DG  A 1 3  ? 9.873   10.268  -6.499  1.00 15.00 ? 3   DG  A "O3'"  1 
ATOM   70  C  "C2'"  . DG  A 1 3  ? 9.255   9.165   -8.603  1.00 11.65 ? 3   DG  A "C2'"  1 
ATOM   71  C  "C1'"  . DG  A 1 3  ? 10.164  8.684   -9.739  1.00 10.77 ? 3   DG  A "C1'"  1 
ATOM   72  N  N9     . DG  A 1 3  ? 10.003  7.262   -10.076 1.00 10.23 ? 3   DG  A N9     1 
ATOM   73  C  C8     . DG  A 1 3  ? 9.985   6.207   -9.210  1.00 11.24 ? 3   DG  A C8     1 
ATOM   74  N  N7     . DG  A 1 3  ? 9.917   5.041   -9.796  1.00 10.69 ? 3   DG  A N7     1 
ATOM   75  C  C5     . DG  A 1 3  ? 9.867   5.358   -11.161 1.00 10.12 ? 3   DG  A C5     1 
ATOM   76  C  C6     . DG  A 1 3  ? 9.681   4.527   -12.309 1.00 10.53 ? 3   DG  A C6     1 
ATOM   77  O  O6     . DG  A 1 3  ? 9.582   3.295   -12.349 1.00 11.18 ? 3   DG  A O6     1 
ATOM   78  N  N1     . DG  A 1 3  ? 9.595   5.283   -13.483 1.00 10.29 ? 3   DG  A N1     1 
ATOM   79  C  C2     . DG  A 1 3  ? 9.625   6.644   -13.547 1.00 10.25 ? 3   DG  A C2     1 
ATOM   80  N  N2     . DG  A 1 3  ? 9.447   7.185   -14.765 1.00 11.16 ? 3   DG  A N2     1 
ATOM   81  N  N3     . DG  A 1 3  ? 9.785   7.426   -12.487 1.00 10.46 ? 3   DG  A N3     1 
ATOM   82  C  C4     . DG  A 1 3  ? 9.934   6.723   -11.349 1.00 10.42 ? 3   DG  A C4     1 
ATOM   83  H  "H5'"  . DG  A 1 3  ? 13.627  8.968   -7.775  1.00 12.25 ? 3   DG  A "H5'"  1 
ATOM   84  H  "H5''" . DG  A 1 3  ? 12.804  9.271   -6.239  1.00 12.39 ? 3   DG  A "H5''" 1 
ATOM   85  H  "H4'"  . DG  A 1 3  ? 11.722  10.531  -8.026  1.00 11.84 ? 3   DG  A "H4'"  1 
ATOM   86  H  "H3'"  . DG  A 1 3  ? 10.128  8.223   -6.875  1.00 12.08 ? 3   DG  A "H3'"  1 
ATOM   87  H  "H2'"  . DG  A 1 3  ? 8.421   8.477   -8.450  1.00 11.34 ? 3   DG  A "H2'"  1 
ATOM   88  H  "H2''" . DG  A 1 3  ? 8.865   10.163  -8.815  1.00 11.43 ? 3   DG  A "H2''" 1 
ATOM   89  H  "H1'"  . DG  A 1 3  ? 9.976   9.308   -10.625 1.00 10.59 ? 3   DG  A "H1'"  1 
ATOM   90  H  H8     . DG  A 1 3  ? 10.191  6.330   -8.157  1.00 10.82 ? 3   DG  A H8     1 
ATOM   91  H  H1     . DG  A 1 3  ? 9.441   4.759   -14.366 1.00 10.02 ? 3   DG  A H1     1 
ATOM   92  H  H21    . DG  A 1 3  ? 9.526   8.184   -14.880 1.00 10.62 ? 3   DG  A H21    1 
ATOM   93  H  H22    . DG  A 1 3  ? 9.378   6.595   -15.579 1.00 10.77 ? 3   DG  A H22    1 
ATOM   94  P  P      . DG  A 1 4  ? 8.995   10.124  -5.200  1.00 16.89 ? 4   DG  A P      1 
ATOM   95  O  OP1    . DG  A 1 4  ? 9.010   11.416  -4.525  1.00 21.32 ? 4   DG  A OP1    1 
ATOM   96  O  OP2    . DG  A 1 4  ? 9.382   8.901   -4.544  1.00 20.60 ? 4   DG  A OP2    1 
ATOM   97  O  "O5'"  . DG  A 1 4  ? 7.535   9.787   -5.702  1.00 14.21 ? 4   DG  A "O5'"  1 
ATOM   98  C  "C5'"  . DG  A 1 4  ? 6.768   10.817  -6.366  1.00 14.49 ? 4   DG  A "C5'"  1 
ATOM   99  C  "C4'"  . DG  A 1 4  ? 5.405   10.264  -6.649  1.00 12.79 ? 4   DG  A "C4'"  1 
ATOM   100 O  "O4'"  . DG  A 1 4  ? 5.533   9.138   -7.571  1.00 12.51 ? 4   DG  A "O4'"  1 
ATOM   101 C  "C3'"  . DG  A 1 4  ? 4.669   9.702   -5.431  1.00 13.49 ? 4   DG  A "C3'"  1 
ATOM   102 O  "O3'"  . DG  A 1 4  ? 3.279   9.986   -5.666  1.00 14.69 ? 4   DG  A "O3'"  1 
ATOM   103 C  "C2'"  . DG  A 1 4  ? 4.925   8.214   -5.503  1.00 13.03 ? 4   DG  A "C2'"  1 
ATOM   104 C  "C1'"  . DG  A 1 4  ? 4.935   7.987   -7.014  1.00 12.10 ? 4   DG  A "C1'"  1 
ATOM   105 N  N9     . DG  A 1 4  ? 5.684   6.816   -7.446  1.00 11.87 ? 4   DG  A N9     1 
ATOM   106 C  C8     . DG  A 1 4  ? 6.895   6.357   -6.983  1.00 12.29 ? 4   DG  A C8     1 
ATOM   107 N  N7     . DG  A 1 4  ? 7.303   5.275   -7.601  1.00 11.91 ? 4   DG  A N7     1 
ATOM   108 C  C5     . DG  A 1 4  ? 6.302   5.035   -8.536  1.00 10.97 ? 4   DG  A C5     1 
ATOM   109 C  C6     . DG  A 1 4  ? 6.206   4.001   -9.499  1.00 10.85 ? 4   DG  A C6     1 
ATOM   110 O  O6     . DG  A 1 4  ? 7.028   3.084   -9.715  1.00 11.25 ? 4   DG  A O6     1 
ATOM   111 N  N1     . DG  A 1 4  ? 5.035   4.087   -10.238 1.00 10.96 ? 4   DG  A N1     1 
ATOM   112 C  C2     . DG  A 1 4  ? 4.123   5.099   -10.123 1.00 10.97 ? 4   DG  A C2     1 
ATOM   113 N  N2     . DG  A 1 4  ? 3.084   5.056   -10.974 1.00 12.27 ? 4   DG  A N2     1 
ATOM   114 N  N3     . DG  A 1 4  ? 4.206   6.083   -9.232  1.00 11.15 ? 4   DG  A N3     1 
ATOM   115 C  C4     . DG  A 1 4  ? 5.317   5.984   -8.470  1.00 10.84 ? 4   DG  A C4     1 
ATOM   116 H  "H5'"  . DG  A 1 4  ? 7.256   11.107  -7.298  1.00 14.19 ? 4   DG  A "H5'"  1 
ATOM   117 H  "H5''" . DG  A 1 4  ? 6.688   11.698  -5.726  1.00 14.46 ? 4   DG  A "H5''" 1 
ATOM   118 H  "H4'"  . DG  A 1 4  ? 4.793   11.055  -7.107  1.00 12.73 ? 4   DG  A "H4'"  1 
ATOM   119 H  "H3'"  . DG  A 1 4  ? 5.046   10.138  -4.495  1.00 13.22 ? 4   DG  A "H3'"  1 
ATOM   120 H  "H2'"  . DG  A 1 4  ? 5.876   7.955   -5.035  1.00 12.78 ? 4   DG  A "H2'"  1 
ATOM   121 H  "H2''" . DG  A 1 4  ? 4.122   7.649   -5.029  1.00 12.92 ? 4   DG  A "H2''" 1 
ATOM   122 H  "H1'"  . DG  A 1 4  ? 3.893   7.912   -7.354  1.00 11.71 ? 4   DG  A "H1'"  1 
ATOM   123 H  H8     . DG  A 1 4  ? 7.432   6.815   -6.164  1.00 12.18 ? 4   DG  A H8     1 
ATOM   124 H  H1     . DG  A 1 4  ? 4.906   3.397   -11.003 1.00 10.76 ? 4   DG  A H1     1 
ATOM   125 H  H21    . DG  A 1 4  ? 2.366   5.751   -10.883 1.00 11.82 ? 4   DG  A H21    1 
ATOM   126 H  H22    . DG  A 1 4  ? 2.994   4.318   -11.653 1.00 11.49 ? 4   DG  A H22    1 
ATOM   127 P  P      . DC  A 1 5  ? 2.162   9.917   -4.566  1.00 15.57 ? 5   DC  A P      1 
ATOM   128 O  OP1    . DC  A 1 5  ? 1.755   11.239  -4.170  1.00 18.34 ? 5   DC  A OP1    1 
ATOM   129 O  OP2    . DC  A 1 5  ? 2.547   8.958   -3.491  1.00 17.22 ? 5   DC  A OP2    1 
ATOM   130 O  "O5'"  . DC  A 1 5  ? 0.979   9.167   -5.382  1.00 14.28 ? 5   DC  A "O5'"  1 
ATOM   131 C  "C5'"  . DC  A 1 5  ? 0.348   9.834   -6.473  1.00 14.01 ? 5   DC  A "C5'"  1 
ATOM   132 C  "C4'"  . DC  A 1 5  ? -0.479  8.880   -7.319  1.00 14.25 ? 5   DC  A "C4'"  1 
ATOM   133 O  "O4'"  . DC  A 1 5  ? 0.480   8.017   -7.988  1.00 14.59 ? 5   DC  A "O4'"  1 
ATOM   134 C  "C3'"  . DC  A 1 5  ? -1.413  7.854   -6.685  1.00 16.51 ? 5   DC  A "C3'"  1 
ATOM   135 O  "O3'"  . DC  A 1 5  ? -2.687  8.555   -6.595  1.00 13.74 ? 5   DC  A "O3'"  1 
ATOM   136 C  "C2'"  . DC  A 1 5  ? -1.349  6.677   -7.660  1.00 16.79 ? 5   DC  A "C2'"  1 
ATOM   137 C  "C1'"  . DC  A 1 5  ? -0.014  6.689   -8.289  1.00 14.87 ? 5   DC  A "C1'"  1 
ATOM   138 N  N1     . DC  A 1 5  ? 0.896   5.709   -7.650  1.00 14.85 ? 5   DC  A N1     1 
ATOM   139 C  C2     . DC  A 1 5  ? 1.117   4.549   -8.328  1.00 15.06 ? 5   DC  A C2     1 
ATOM   140 O  O2     . DC  A 1 5  ? 0.355   4.282   -9.277  1.00 17.25 ? 5   DC  A O2     1 
ATOM   141 N  N3     . DC  A 1 5  ? 2.102   3.735   -7.941  1.00 13.29 ? 5   DC  A N3     1 
ATOM   142 C  C4     . DC  A 1 5  ? 2.916   4.079   -6.948  1.00 11.93 ? 5   DC  A C4     1 
ATOM   143 N  N4     . DC  A 1 5  ? 3.979   3.294   -6.720  1.00 11.64 ? 5   DC  A N4     1 
ATOM   144 C  C5     . DC  A 1 5  ? 2.656   5.214   -6.124  1.00 13.69 ? 5   DC  A C5     1 
ATOM   145 C  C6     . DC  A 1 5  ? 1.605   5.999   -6.499  1.00 14.09 ? 5   DC  A C6     1 
ATOM   146 H  "H5'"  . DC  A 1 5  ? 1.106   10.305  -7.103  1.00 14.29 ? 5   DC  A "H5'"  1 
ATOM   147 H  "H5''" . DC  A 1 5  ? -0.299  10.624  -6.087  1.00 13.86 ? 5   DC  A "H5''" 1 
ATOM   148 H  "H4'"  . DC  A 1 5  ? -1.041  9.466   -8.057  1.00 13.77 ? 5   DC  A "H4'"  1 
ATOM   149 H  "H3'"  . DC  A 1 5  ? -1.038  7.554   -5.697  1.00 16.30 ? 5   DC  A "H3'"  1 
ATOM   150 H  "H2'"  . DC  A 1 5  ? -1.520  5.735   -7.138  1.00 15.33 ? 5   DC  A "H2'"  1 
ATOM   151 H  "H2''" . DC  A 1 5  ? -2.107  6.791   -8.435  1.00 16.91 ? 5   DC  A "H2''" 1 
ATOM   152 H  "H1'"  . DC  A 1 5  ? -0.103  6.524   -9.364  1.00 13.73 ? 5   DC  A "H1'"  1 
ATOM   153 H  H41    . DC  A 1 5  ? 4.514   3.434   -5.874  1.00 11.30 ? 5   DC  A H41    1 
ATOM   154 H  H42    . DC  A 1 5  ? 4.044   2.407   -7.196  1.00 11.49 ? 5   DC  A H42    1 
ATOM   155 H  H5     . DC  A 1 5  ? 3.339   5.513   -5.339  1.00 13.16 ? 5   DC  A H5     1 
ATOM   156 H  H6     . DC  A 1 5  ? 1.505   6.972   -6.040  1.00 13.70 ? 5   DC  A H6     1 
ATOM   157 P  P      . DG  A 1 6  ? -3.813  8.081   -5.646  1.00 15.81 ? 6   DG  A P      1 
ATOM   158 O  OP1    . DG  A 1 6  ? -4.925  9.009   -5.867  1.00 21.71 ? 6   DG  A OP1    1 
ATOM   159 O  OP2    . DG  A 1 6  ? -3.217  7.889   -4.314  1.00 21.10 ? 6   DG  A OP2    1 
ATOM   160 O  "O5'"  . DG  A 1 6  ? -4.216  6.640   -6.096  1.00 14.69 ? 6   DG  A "O5'"  1 
ATOM   161 C  "C5'"  . DG  A 1 6  ? -4.847  6.431   -7.375  1.00 15.26 ? 6   DG  A "C5'"  1 
ATOM   162 C  "C4'"  . DG  A 1 6  ? -5.331  5.026   -7.386  1.00 17.74 ? 6   DG  A "C4'"  1 
ATOM   163 O  "O4'"  . DG  A 1 6  ? -4.168  4.169   -7.426  1.00 18.79 ? 6   DG  A "O4'"  1 
ATOM   164 C  "C3'"  . DG  A 1 6  ? -6.144  4.621   -6.142  1.00 19.33 ? 6   DG  A "C3'"  1 
ATOM   165 O  "O3'"  . DG  A 1 6  ? -7.178  3.798   -6.650  1.00 24.32 ? 6   DG  A "O3'"  1 
ATOM   166 C  "C2'"  . DG  A 1 6  ? -5.161  3.877   -5.256  1.00 17.09 ? 6   DG  A "C2'"  1 
ATOM   167 C  "C1'"  . DG  A 1 6  ? -4.150  3.305   -6.269  1.00 17.20 ? 6   DG  A "C1'"  1 
ATOM   168 N  N9     . DG  A 1 6  ? -2.768  3.265   -5.765  1.00 14.97 ? 6   DG  A N9     1 
ATOM   169 C  C8     . DG  A 1 6  ? -2.117  4.167   -4.977  1.00 14.17 ? 6   DG  A C8     1 
ATOM   170 N  N7     . DG  A 1 6  ? -0.873  3.866   -4.751  1.00 13.52 ? 6   DG  A N7     1 
ATOM   171 C  C5     . DG  A 1 6  ? -0.683  2.687   -5.438  1.00 12.19 ? 6   DG  A C5     1 
ATOM   172 C  C6     . DG  A 1 6  ? 0.475   1.834   -5.541  1.00 12.07 ? 6   DG  A C6     1 
ATOM   173 O  O6     . DG  A 1 6  ? 1.583   1.936   -4.994  1.00 11.97 ? 6   DG  A O6     1 
ATOM   174 N  N1     . DG  A 1 6  ? 0.232   0.738   -6.358  1.00 13.86 ? 6   DG  A N1     1 
ATOM   175 C  C2     . DG  A 1 6  ? -0.980  0.448   -6.933  1.00 15.73 ? 6   DG  A C2     1 
ATOM   176 N  N2     . DG  A 1 6  ? -1.001  -0.671  -7.673  1.00 18.70 ? 6   DG  A N2     1 
ATOM   177 N  N3     . DG  A 1 6  ? -2.070  1.196   -6.815  1.00 16.40 ? 6   DG  A N3     1 
ATOM   178 C  C4     . DG  A 1 6  ? -1.852  2.300   -6.061  1.00 13.41 ? 6   DG  A C4     1 
ATOM   179 H  "H5'"  . DG  A 1 6  ? -4.147  6.598   -8.193  1.00 15.85 ? 6   DG  A "H5'"  1 
ATOM   180 H  "H5''" . DG  A 1 6  ? -5.691  7.113   -7.496  1.00 15.21 ? 6   DG  A "H5''" 1 
ATOM   181 H  "H4'"  . DG  A 1 6  ? -5.942  4.870   -8.287  1.00 17.35 ? 6   DG  A "H4'"  1 
ATOM   182 H  "H3'"  . DG  A 1 6  ? -6.538  5.511   -5.633  1.00 19.35 ? 6   DG  A "H3'"  1 
ATOM   183 H  "H2'"  . DG  A 1 6  ? -4.694  4.561   -4.551  1.00 17.38 ? 6   DG  A "H2'"  1 
ATOM   184 H  "H2''" . DG  A 1 6  ? -5.644  3.073   -4.700  1.00 17.47 ? 6   DG  A "H2''" 1 
ATOM   185 H  "H1'"  . DG  A 1 6  ? -4.478  2.296   -6.556  1.00 16.59 ? 6   DG  A "H1'"  1 
ATOM   186 H  H8     . DG  A 1 6  ? -2.583  5.058   -4.581  1.00 14.97 ? 6   DG  A H8     1 
ATOM   187 H  H1     . DG  A 1 6  ? 1.004   0.055   -6.470  1.00 13.64 ? 6   DG  A H1     1 
ATOM   188 H  H21    . DG  A 1 6  ? -1.852  -0.943  -8.146  1.00 17.56 ? 6   DG  A H21    1 
ATOM   189 H  H22    . DG  A 1 6  ? -0.185  -1.259  -7.743  1.00 17.42 ? 6   DG  A H22    1 
ATOM   190 P  P      . DC  A 1 7  ? -8.319  3.234   -5.715  1.00 26.45 ? 7   DC  A P      1 
ATOM   191 O  OP1    . DC  A 1 7  ? -9.539  3.057   -6.544  1.00 35.45 ? 7   DC  A OP1    1 
ATOM   192 O  OP2    . DC  A 1 7  ? -8.286  3.990   -4.436  1.00 27.80 ? 7   DC  A OP2    1 
ATOM   193 O  "O5'"  . DC  A 1 7  ? -7.759  1.807   -5.289  1.00 20.32 ? 7   DC  A "O5'"  1 
ATOM   194 C  "C5'"  . DC  A 1 7  ? -7.638  0.791   -6.270  1.00 17.99 ? 7   DC  A "C5'"  1 
ATOM   195 C  "C4'"  . DC  A 1 7  ? -6.876  -0.379  -5.696  1.00 15.33 ? 7   DC  A "C4'"  1 
ATOM   196 O  "O4'"  . DC  A 1 7  ? -5.521  0.022   -5.539  1.00 16.24 ? 7   DC  A "O4'"  1 
ATOM   197 C  "C3'"  . DC  A 1 7  ? -7.242  -0.846  -4.291  1.00 13.73 ? 7   DC  A "C3'"  1 
ATOM   198 O  "O3'"  . DC  A 1 7  ? -8.377  -1.717  -4.371  1.00 14.70 ? 7   DC  A "O3'"  1 
ATOM   199 C  "C2'"  . DC  A 1 7  ? -5.978  -1.605  -3.869  1.00 12.94 ? 7   DC  A "C2'"  1 
ATOM   200 C  "C1'"  . DC  A 1 7  ? -4.866  -0.953  -4.697  1.00 13.78 ? 7   DC  A "C1'"  1 
ATOM   201 N  N1     . DC  A 1 7  ? -3.839  -0.214  -3.932  1.00 13.00 ? 7   DC  A N1     1 
ATOM   202 C  C2     . DC  A 1 7  ? -2.526  -0.638  -3.958  1.00 12.65 ? 7   DC  A C2     1 
ATOM   203 O  O2     . DC  A 1 7  ? -2.239  -1.670  -4.577  1.00 14.16 ? 7   DC  A O2     1 
ATOM   204 N  N3     . DC  A 1 7  ? -1.580  0.087   -3.319  1.00 12.04 ? 7   DC  A N3     1 
ATOM   205 C  C4     . DC  A 1 7  ? -1.918  1.175   -2.638  1.00 12.65 ? 7   DC  A C4     1 
ATOM   206 N  N4     . DC  A 1 7  ? -0.944  1.823   -2.017  1.00 12.25 ? 7   DC  A N4     1 
ATOM   207 C  C5     . DC  A 1 7  ? -3.270  1.635   -2.576  1.00 12.55 ? 7   DC  A C5     1 
ATOM   208 C  C6     . DC  A 1 7  ? -4.184  0.935   -3.251  1.00 12.57 ? 7   DC  A C6     1 
ATOM   209 H  "H5'"  . DC  A 1 7  ? -7.112  1.178   -7.145  1.00 17.71 ? 7   DC  A "H5'"  1 
ATOM   210 H  "H5''" . DC  A 1 7  ? -8.630  0.464   -6.588  1.00 17.46 ? 7   DC  A "H5''" 1 
ATOM   211 H  "H4'"  . DC  A 1 7  ? -6.942  -1.229  -6.388  1.00 14.71 ? 7   DC  A "H4'"  1 
ATOM   212 H  "H3'"  . DC  A 1 7  ? -7.411  0.007   -3.620  1.00 14.19 ? 7   DC  A "H3'"  1 
ATOM   213 H  "H2'"  . DC  A 1 7  ? -5.789  -1.484  -2.800  1.00 13.14 ? 7   DC  A "H2'"  1 
ATOM   214 H  "H2''" . DC  A 1 7  ? -6.066  -2.668  -4.103  1.00 13.02 ? 7   DC  A "H2''" 1 
ATOM   215 H  "H1'"  . DC  A 1 7  ? -4.412  -1.727  -5.332  1.00 13.43 ? 7   DC  A "H1'"  1 
ATOM   216 H  H41    . DC  A 1 7  ? -1.152  2.660   -1.491  1.00 12.12 ? 7   DC  A H41    1 
ATOM   217 H  H42    . DC  A 1 7  ? 0.003   1.475   -2.049  1.00 12.23 ? 7   DC  A H42    1 
ATOM   218 H  H5     . DC  A 1 7  ? -3.531  2.544   -2.048  1.00 12.57 ? 7   DC  A H5     1 
ATOM   219 H  H6     . DC  A 1 7  ? -5.216  1.258   -3.247  1.00 13.10 ? 7   DC  A H6     1 
ATOM   220 P  P      . DC  A 1 8  ? -9.514  -1.681  -3.258  1.00 17.00 ? 8   DC  A P      1 
ATOM   221 O  OP1    . DC  A 1 8  ? -10.652 -2.463  -3.729  1.00 20.74 ? 8   DC  A OP1    1 
ATOM   222 O  OP2    . DC  A 1 8  ? -9.805  -0.272  -2.780  1.00 21.77 ? 8   DC  A OP2    1 
ATOM   223 O  "O5'"  . DC  A 1 8  ? -8.860  -2.353  -1.989  1.00 14.34 ? 8   DC  A "O5'"  1 
ATOM   224 C  "C5'"  . DC  A 1 8  ? -8.520  -3.737  -2.003  1.00 13.61 ? 8   DC  A "C5'"  1 
ATOM   225 C  "C4'"  . DC  A 1 8  ? -7.888  -4.084  -0.681  1.00 13.20 ? 8   DC  A "C4'"  1 
ATOM   226 O  "O4'"  . DC  A 1 8  ? -6.678  -3.317  -0.586  1.00 14.19 ? 8   DC  A "O4'"  1 
ATOM   227 C  "C3'"  . DC  A 1 8  ? -8.701  -3.754  0.568   1.00 14.28 ? 8   DC  A "C3'"  1 
ATOM   228 O  "O3'"  . DC  A 1 8  ? -9.187  -5.031  1.082   1.00 15.37 ? 8   DC  A "O3'"  1 
ATOM   229 C  "C2'"  . DC  A 1 8  ? -7.725  -3.012  1.448   1.00 13.92 ? 8   DC  A "C2'"  1 
ATOM   230 C  "C1'"  . DC  A 1 8  ? -6.389  -3.115  0.798   1.00 13.08 ? 8   DC  A "C1'"  1 
ATOM   231 N  N1     . DC  A 1 8  ? -5.516  -1.935  0.905   1.00 11.86 ? 8   DC  A N1     1 
ATOM   232 C  C2     . DC  A 1 8  ? -4.213  -2.043  1.383   1.00 11.43 ? 8   DC  A C2     1 
ATOM   233 O  O2     . DC  A 1 8  ? -3.843  -3.125  1.886   1.00 11.81 ? 8   DC  A O2     1 
ATOM   234 N  N3     . DC  A 1 8  ? -3.401  -0.960  1.333   1.00 11.31 ? 8   DC  A N3     1 
ATOM   235 C  C4     . DC  A 1 8  ? -3.847  0.191   0.832   1.00 12.10 ? 8   DC  A C4     1 
ATOM   236 N  N4     . DC  A 1 8  ? -3.021  1.217   0.761   1.00 12.68 ? 8   DC  A N4     1 
ATOM   237 C  C5     . DC  A 1 8  ? -5.194  0.341   0.387   1.00 13.38 ? 8   DC  A C5     1 
ATOM   238 C  C6     . DC  A 1 8  ? -5.960  -0.756  0.378   1.00 12.69 ? 8   DC  A C6     1 
ATOM   239 H  "H5'"  . DC  A 1 8  ? -7.821  -3.941  -2.816  1.00 13.95 ? 8   DC  A "H5'"  1 
ATOM   240 H  "H5''" . DC  A 1 8  ? -9.416  -4.341  -2.157  1.00 13.35 ? 8   DC  A "H5''" 1 
ATOM   241 H  "H4'"  . DC  A 1 8  ? -7.648  -5.156  -0.675  1.00 13.40 ? 8   DC  A "H4'"  1 
ATOM   242 H  "H3'"  . DC  A 1 8  ? -9.529  -3.087  0.294   1.00 14.22 ? 8   DC  A "H3'"  1 
ATOM   243 H  "H2'"  . DC  A 1 8  ? -8.035  -1.972  1.562   1.00 13.48 ? 8   DC  A "H2'"  1 
ATOM   244 H  "H2''" . DC  A 1 8  ? -7.696  -3.472  2.435   1.00 13.92 ? 8   DC  A "H2''" 1 
ATOM   245 H  "H1'"  . DC  A 1 8  ? -5.888  -4.009  1.194   1.00 12.58 ? 8   DC  A "H1'"  1 
ATOM   246 H  H41    . DC  A 1 8  ? -3.354  2.107   0.418   1.00 12.25 ? 8   DC  A H41    1 
ATOM   247 H  H42    . DC  A 1 8  ? -2.096  1.149   1.160   1.00 12.37 ? 8   DC  A H42    1 
ATOM   248 H  H5     . DC  A 1 8  ? -5.524  1.253   -0.094  1.00 13.10 ? 8   DC  A H5     1 
ATOM   249 H  H6     . DC  A 1 8  ? -6.962  -0.702  -0.023  1.00 12.72 ? 8   DC  A H6     1 
ATOM   250 P  P      A DG  A 1 9  ? -10.392 -5.079  2.109   0.50 20.91 ? 9   DG  A P      1 
ATOM   251 P  P      B DG  A 1 9  ? -10.387 -5.130  2.087   0.50 19.44 ? 9   DG  A P      1 
ATOM   252 O  OP1    A DG  A 1 9  ? -11.019 -6.421  2.063   0.50 30.31 ? 9   DG  A OP1    1 
ATOM   253 O  OP1    B DG  A 1 9  ? -10.872 -6.523  1.951   0.50 21.71 ? 9   DG  A OP1    1 
ATOM   254 O  OP2    A DG  A 1 9  ? -11.177 -3.852  1.900   0.50 26.76 ? 9   DG  A OP2    1 
ATOM   255 O  OP2    B DG  A 1 9  ? -11.301 -3.945  1.956   0.50 25.09 ? 9   DG  A OP2    1 
ATOM   256 O  "O5'"  A DG  A 1 9  ? -9.728  -4.848  3.550   0.50 17.32 ? 9   DG  A "O5'"  1 
ATOM   257 O  "O5'"  B DG  A 1 9  ? -9.738  -4.873  3.526   0.50 16.58 ? 9   DG  A "O5'"  1 
ATOM   258 C  "C5'"  A DG  A 1 9  ? -8.835  -5.869  4.029   0.50 17.75 ? 9   DG  A "C5'"  1 
ATOM   259 C  "C5'"  B DG  A 1 9  ? -8.789  -5.843  3.986   0.50 16.55 ? 9   DG  A "C5'"  1 
ATOM   260 C  "C4'"  A DG  A 1 9  ? -8.034  -5.360  5.200   0.50 17.99 ? 9   DG  A "C4'"  1 
ATOM   261 C  "C4'"  B DG  A 1 9  ? -8.190  -5.297  5.251   0.50 18.62 ? 9   DG  A "C4'"  1 
ATOM   262 O  "O4'"  A DG  A 1 9  ? -7.272  -4.220  4.795   0.50 16.30 ? 9   DG  A "O4'"  1 
ATOM   263 O  "O4'"  B DG  A 1 9  ? -7.326  -4.219  4.876   0.50 17.13 ? 9   DG  A "O4'"  1 
ATOM   264 C  "C3'"  A DG  A 1 9  ? -8.902  -4.847  6.328   0.50 21.34 ? 9   DG  A "C3'"  1 
ATOM   265 C  "C3'"  B DG  A 1 9  ? -9.281  -4.682  6.109   0.50 23.03 ? 9   DG  A "C3'"  1 
ATOM   266 O  "O3'"  A DG  A 1 9  ? -8.317  -5.237  7.568   0.50 25.93 ? 9   DG  A "O3'"  1 
ATOM   267 O  "O3'"  B DG  A 1 9  ? -9.117  -5.090  7.457   0.50 35.03 ? 9   DG  A "O3'"  1 
ATOM   268 C  "C2'"  A DG  A 1 9  ? -8.930  -3.348  6.139   0.50 19.86 ? 9   DG  A "C2'"  1 
ATOM   269 C  "C2'"  B DG  A 1 9  ? -9.003  -3.194  6.131   0.50 20.60 ? 9   DG  A "C2'"  1 
ATOM   270 C  "C1'"  A DG  A 1 9  ? -7.529  -3.162  5.684   0.50 18.05 ? 9   DG  A "C1'"  1 
ATOM   271 C  "C1'"  B DG  A 1 9  ? -7.563  -3.130  5.727   0.50 18.00 ? 9   DG  A "C1'"  1 
ATOM   272 N  N9     A DG  A 1 9  ? -7.176  -1.918  5.022   0.50 15.53 ? 9   DG  A N9     1 
ATOM   273 N  N9     B DG  A 1 9  ? -7.176  -1.914  5.031   0.50 15.60 ? 9   DG  A N9     1 
ATOM   274 C  C8     A DG  A 1 9  ? -7.951  -0.960  4.412   0.50 16.32 ? 9   DG  A C8     1 
ATOM   275 C  C8     B DG  A 1 9  ? -7.952  -0.944  4.442   0.50 17.06 ? 9   DG  A C8     1 
ATOM   276 N  N7     A DG  A 1 9  ? -7.254  0.060   3.979   0.50 17.02 ? 9   DG  A N7     1 
ATOM   277 N  N7     B DG  A 1 9  ? -7.252  0.064   3.988   0.50 17.08 ? 9   DG  A N7     1 
ATOM   278 C  C5     A DG  A 1 9  ? -5.936  -0.285  4.254   0.50 14.80 ? 9   DG  A C5     1 
ATOM   279 C  C5     B DG  A 1 9  ? -5.936  -0.284  4.260   0.50 14.84 ? 9   DG  A C5     1 
ATOM   280 C  C6     A DG  A 1 9  ? -4.745  0.449   4.096   0.50 13.94 ? 9   DG  A C6     1 
ATOM   281 C  C6     B DG  A 1 9  ? -4.743  0.447   4.093   0.50 13.91 ? 9   DG  A C6     1 
ATOM   282 O  O6     A DG  A 1 9  ? -4.585  1.558   3.592   0.50 14.99 ? 9   DG  A O6     1 
ATOM   283 O  O6     B DG  A 1 9  ? -4.584  1.554   3.586   0.50 14.99 ? 9   DG  A O6     1 
ATOM   284 N  N1     A DG  A 1 9  ? -3.641  -0.254  4.562   0.50 12.94 ? 9   DG  A N1     1 
ATOM   285 N  N1     B DG  A 1 9  ? -3.638  -0.257  4.559   0.50 12.96 ? 9   DG  A N1     1 
ATOM   286 C  C2     A DG  A 1 9  ? -3.678  -1.496  5.141   0.50 13.08 ? 9   DG  A C2     1 
ATOM   287 C  C2     B DG  A 1 9  ? -3.676  -1.496  5.142   0.50 13.07 ? 9   DG  A C2     1 
ATOM   288 N  N2     A DG  A 1 9  ? -2.498  -2.018  5.502   0.50 13.82 ? 9   DG  A N2     1 
ATOM   289 N  N2     B DG  A 1 9  ? -2.495  -2.019  5.501   0.50 13.79 ? 9   DG  A N2     1 
ATOM   290 N  N3     A DG  A 1 9  ? -4.792  -2.165  5.364   0.50 14.32 ? 9   DG  A N3     1 
ATOM   291 N  N3     B DG  A 1 9  ? -4.791  -2.162  5.373   0.50 14.38 ? 9   DG  A N3     1 
ATOM   292 C  C4     A DG  A 1 9  ? -5.879  -1.494  4.918   0.50 14.06 ? 9   DG  A C4     1 
ATOM   293 C  C4     B DG  A 1 9  ? -5.877  -1.491  4.928   0.50 14.10 ? 9   DG  A C4     1 
ATOM   294 H  "H5'"  A DG  A 1 9  ? -8.157  -6.171  3.229   0.50 17.44 ? 9   DG  A "H5'"  1 
ATOM   295 H  "H5'"  B DG  A 1 9  ? -8.010  -6.001  3.237   0.50 16.75 ? 9   DG  A "H5'"  1 
ATOM   296 H  "H5''" A DG  A 1 9  ? -9.410  -6.745  4.334   0.50 18.00 ? 9   DG  A "H5''" 1 
ATOM   297 H  "H5''" B DG  A 1 9  ? -9.286  -6.795  4.182   0.50 17.02 ? 9   DG  A "H5''" 1 
ATOM   298 H  "H4'"  A DG  A 1 9  ? -7.375  -6.156  5.574   0.50 17.50 ? 9   DG  A "H4'"  1 
ATOM   299 H  "H4'"  B DG  A 1 9  ? -7.653  -6.082  5.801   0.50 18.26 ? 9   DG  A "H4'"  1 
ATOM   300 H  "H3'"  A DG  A 1 9  ? -9.919  -5.254  6.227   0.50 21.00 ? 9   DG  A "H3'"  1 
ATOM   301 H  "H3'"  B DG  A 1 9  ? -10.283 -4.900  5.716   0.50 22.95 ? 9   DG  A "H3'"  1 
ATOM   302 H  "H2'"  A DG  A 1 9  ? -9.651  -3.047  5.375   0.50 20.34 ? 9   DG  A "H2'"  1 
ATOM   303 H  "H2'"  B DG  A 1 9  ? -9.637  -2.663  5.418   0.50 20.44 ? 9   DG  A "H2'"  1 
ATOM   304 H  "H2''" A DG  A 1 9  ? -9.121  -2.823  7.078   0.50 20.24 ? 9   DG  A "H2''" 1 
ATOM   305 H  "H2''" B DG  A 1 9  ? -9.143  -2.780  7.131   0.50 20.07 ? 9   DG  A "H2''" 1 
ATOM   306 H  "H1'"  A DG  A 1 9  ? -6.882  -3.282  6.564   0.50 17.27 ? 9   DG  A "H1'"  1 
ATOM   307 H  "H1'"  B DG  A 1 9  ? -6.950  -3.239  6.633   0.50 17.41 ? 9   DG  A "H1'"  1 
ATOM   308 H  H8     A DG  A 1 9  ? -9.032  -1.006  4.369   0.50 16.58 ? 9   DG  A H8     1 
ATOM   309 H  H8     B DG  A 1 9  ? -9.033  -0.989  4.399   0.50 16.66 ? 9   DG  A H8     1 
ATOM   310 H  H1     A DG  A 1 9  ? -2.707  0.172   4.411   0.50 12.98 ? 9   DG  A H1     1 
ATOM   311 H  H1     B DG  A 1 9  ? -2.705  0.165   4.397   0.50 13.00 ? 9   DG  A H1     1 
ATOM   312 H  H21    A DG  A 1 9  ? -2.487  -2.907  5.969   0.50 13.23 ? 9   DG  A H21    1 
ATOM   313 H  H21    B DG  A 1 9  ? -2.483  -2.904  5.972   0.50 13.22 ? 9   DG  A H21    1 
ATOM   314 H  H22    A DG  A 1 9  ? -1.642  -1.511  5.355   0.50 13.61 ? 9   DG  A H22    1 
ATOM   315 H  H22    B DG  A 1 9  ? -1.639  -1.515  5.344   0.50 13.60 ? 9   DG  A H22    1 
ATOM   316 P  P      A DA  A 1 10 ? -9.254  -6.016  8.587   0.50 36.92 ? 10  DA  A P      1 
ATOM   317 P  P      B DA  A 1 10 ? -10.299 -5.880  8.250   0.50 44.24 ? 10  DA  A P      1 
ATOM   318 O  OP1    A DA  A 1 10 ? -10.619 -5.412  8.372   0.50 61.48 ? 10  DA  A OP1    1 
ATOM   319 O  OP1    B DA  A 1 10 ? -11.641 -5.279  7.948   0.50 46.68 ? 10  DA  A OP1    1 
ATOM   320 O  OP2    A DA  A 1 10 ? -8.650  -6.051  9.964   0.50 41.21 ? 10  DA  A OP2    1 
ATOM   321 O  OP2    B DA  A 1 10 ? -9.838  -6.021  9.654   0.50 45.95 ? 10  DA  A OP2    1 
ATOM   322 O  "O5'"  A DA  A 1 10 ? -9.530  -7.434  7.954   0.50 37.57 ? 10  DA  A "O5'"  1 
ATOM   323 O  "O5'"  B DA  A 1 10 ? -10.314 -7.317  7.577   0.50 39.75 ? 10  DA  A "O5'"  1 
ATOM   324 C  "C5'"  A DA  A 1 10 ? -8.523  -8.435  7.975   0.50 32.14 ? 10  DA  A "C5'"  1 
ATOM   325 C  "C5'"  B DA  A 1 10 ? -9.301  -8.226  7.971   0.50 28.32 ? 10  DA  A "C5'"  1 
ATOM   326 C  "C4'"  A DA  A 1 10 ? -9.070  -9.525  7.101   0.50 26.42 ? 10  DA  A "C4'"  1 
ATOM   327 C  "C4'"  B DA  A 1 10 ? -9.323  -9.381  7.000   0.50 23.33 ? 10  DA  A "C4'"  1 
ATOM   328 O  "O4'"  A DA  A 1 10 ? -8.954  -9.091  5.736   0.50 23.32 ? 10  DA  A "O4'"  1 
ATOM   329 O  "O4'"  B DA  A 1 10 ? -8.975  -8.961  5.667   0.50 21.95 ? 10  DA  A "O4'"  1 
ATOM   330 C  "C3'"  A DA  A 1 10 ? -8.344  -10.856 7.213   0.50 30.64 ? 10  DA  A "C3'"  1 
ATOM   331 C  "C3'"  B DA  A 1 10 ? -8.389  -10.526 7.364   0.50 27.90 ? 10  DA  A "C3'"  1 
ATOM   332 O  "O3'"  A DA  A 1 10 ? -9.311  -11.902 7.132   0.50 36.50 ? 10  DA  A "O3'"  1 
ATOM   333 O  "O3'"  B DA  A 1 10 ? -9.094  -11.750 7.187   0.50 33.52 ? 10  DA  A "O3'"  1 
ATOM   334 C  "C2'"  A DA  A 1 10 ? -7.409  -10.852 6.021   0.50 27.41 ? 10  DA  A "C2'"  1 
ATOM   335 C  "C2'"  B DA  A 1 10 ? -7.279  -10.412 6.340   0.50 29.06 ? 10  DA  A "C2'"  1 
ATOM   336 C  "C1'"  A DA  A 1 10 ? -8.110  -9.967  5.008   0.50 22.47 ? 10  DA  A "C1'"  1 
ATOM   337 C  "C1'"  B DA  A 1 10 ? -7.997  -9.850  5.130   0.50 23.51 ? 10  DA  A "C1'"  1 
ATOM   338 N  N9     A DA  A 1 10 ? -7.240  -9.163  4.127   0.50 20.61 ? 10  DA  A N9     1 
ATOM   339 N  N9     B DA  A 1 10 ? -7.174  -9.107  4.162   0.50 20.47 ? 10  DA  A N9     1 
ATOM   340 C  C8     A DA  A 1 10 ? -6.085  -8.457  4.362   0.50 19.46 ? 10  DA  A C8     1 
ATOM   341 C  C8     B DA  A 1 10 ? -6.000  -8.422  4.351   0.50 19.63 ? 10  DA  A C8     1 
ATOM   342 N  N7     A DA  A 1 10 ? -5.621  -7.828  3.301   0.50 17.53 ? 10  DA  A N7     1 
ATOM   343 N  N7     B DA  A 1 10 ? -5.558  -7.818  3.268   0.50 17.48 ? 10  DA  A N7     1 
ATOM   344 C  C5     A DA  A 1 10 ? -6.539  -8.136  2.307   0.50 15.31 ? 10  DA  A C5     1 
ATOM   345 C  C5     B DA  A 1 10 ? -6.502  -8.132  2.302   0.50 14.65 ? 10  DA  A C5     1 
ATOM   346 C  C6     A DA  A 1 10 ? -6.641  -7.769  0.954   0.50 13.96 ? 10  DA  A C6     1 
ATOM   347 C  C6     B DA  A 1 10 ? -6.657  -7.746  0.962   0.50 13.30 ? 10  DA  A C6     1 
ATOM   348 N  N6     A DA  A 1 10 ? -5.745  -7.034  0.309   0.50 13.34 ? 10  DA  A N6     1 
ATOM   349 N  N6     B DA  A 1 10 ? -5.746  -7.069  0.271   0.50 12.84 ? 10  DA  A N6     1 
ATOM   350 N  N1     A DA  A 1 10 ? -7.676  -8.263  0.247   0.50 16.24 ? 10  DA  A N1     1 
ATOM   351 N  N1     B DA  A 1 10 ? -7.714  -8.237  0.288   0.50 15.78 ? 10  DA  A N1     1 
ATOM   352 C  C2     A DA  A 1 10 ? -8.584  -9.031  0.875   0.50 17.52 ? 10  DA  A C2     1 
ATOM   353 C  C2     B DA  A 1 10 ? -8.616  -8.985  0.949   0.50 17.51 ? 10  DA  A C2     1 
ATOM   354 N  N3     A DA  A 1 10 ? -8.592  -9.456  2.134   0.50 21.29 ? 10  DA  A N3     1 
ATOM   355 N  N3     B DA  A 1 10 ? -8.611  -9.372  2.223   0.50 20.58 ? 10  DA  A N3     1 
ATOM   356 C  C4     A DA  A 1 10 ? -7.542  -8.954  2.807   0.50 18.59 ? 10  DA  A C4     1 
ATOM   357 C  C4     B DA  A 1 10 ? -7.518  -8.905  2.850   0.50 18.37 ? 10  DA  A C4     1 
ATOM   358 H  "H5'"  A DA  A 1 10 ? -8.360  -8.807  9.000   0.50 30.17 ? 10  DA  A "H5'"  1 
ATOM   359 H  "H5'"  B DA  A 1 10 ? -9.486  -8.583  9.000   0.50 25.99 ? 10  DA  A "H5'"  1 
ATOM   360 H  "H5''" A DA  A 1 10 ? -7.576  -8.048  7.569   0.50 33.56 ? 10  DA  A "H5''" 1 
ATOM   361 H  "H5''" B DA  A 1 10 ? -8.314  -7.735  7.940   0.50 27.33 ? 10  DA  A "H5''" 1 
ATOM   362 H  "H4'"  A DA  A 1 10 ? -10.129 -9.681  7.353   0.50 27.52 ? 10  DA  A "H4'"  1 
ATOM   363 H  "H4'"  B DA  A 1 10 ? -10.347 -9.781  6.987   0.50 25.34 ? 10  DA  A "H4'"  1 
ATOM   364 H  "H3'"  A DA  A 1 10 ? -7.771  -10.902 8.149   0.50 29.73 ? 10  DA  A "H3'"  1 
ATOM   365 H  "H3'"  B DA  A 1 10 ? -8.000  -10.409 8.386   0.50 28.53 ? 10  DA  A "H3'"  1 
ATOM   366 H  "HO3'" A DA  A 1 10 ? -9.876  -11.761 6.554   0.00 29.81 ? 10  DA  A "HO3'" 1 
ATOM   367 H  "HO3'" B DA  A 1 10 ? -8.642  -12.604 7.351   0.50 29.39 ? 10  DA  A "HO3'" 1 
ATOM   368 H  "H2'"  A DA  A 1 10 ? -6.435  -10.437 6.291   0.50 26.31 ? 10  DA  A "H2'"  1 
ATOM   369 H  "H2'"  B DA  A 1 10 ? -6.495  -9.734  6.683   0.50 28.23 ? 10  DA  A "H2'"  1 
ATOM   370 H  "H2''" A DA  A 1 10 ? -7.276  -11.861 5.626   0.50 27.64 ? 10  DA  A "H2''" 1 
ATOM   371 H  "H2''" B DA  A 1 10 ? -6.847  -11.390 6.119   0.50 29.56 ? 10  DA  A "H2''" 1 
ATOM   372 H  "H1'"  A DA  A 1 10 ? -8.733  -10.618 4.381   0.50 23.75 ? 10  DA  A "H1'"  1 
ATOM   373 H  "H1'"  B DA  A 1 10 ? -8.504  -10.679 4.617   0.50 23.46 ? 10  DA  A "H1'"  1 
ATOM   374 H  H8     A DA  A 1 10 ? -5.594  -8.429  5.328   0.50 18.73 ? 10  DA  A H8     1 
ATOM   375 H  H8     B DA  A 1 10 ? -5.476  -8.395  5.298   0.50 18.84 ? 10  DA  A H8     1 
ATOM   376 H  H61    A DA  A 1 10 ? -4.952  -6.654  0.806   0.50 12.91 ? 10  DA  A H61    1 
ATOM   377 H  H61    B DA  A 1 10 ? -4.928  -6.704  0.738   0.50 12.53 ? 10  DA  A H61    1 
ATOM   378 H  H62    A DA  A 1 10 ? -5.879  -6.818  -0.668  0.50 13.00 ? 10  DA  A H62    1 
ATOM   379 H  H62    B DA  A 1 10 ? -5.902  -6.860  -0.703  0.50 12.61 ? 10  DA  A H62    1 
ATOM   380 H  H2     A DA  A 1 10 ? -9.397  -9.393  0.259   0.50 17.52 ? 10  DA  A H2     1 
ATOM   381 H  H2     B DA  A 1 10 ? -9.463  -9.319  0.364   0.50 17.34 ? 10  DA  A H2     1 
HETATM 382 BA BA     . BA  B 2 .  ? 9.218   2.887   -7.914  1.00 11.21 ? 101 BA  A BA     1 
HETATM 383 N  N1     A RCZ C 3 .  ? -2.673  -2.509  9.864   0.66 10.12 ? 102 RCZ A N1     1 
HETATM 384 N  N1     B RCZ C 3 .  ? -1.336  -0.587  8.681   0.33 12.98 ? 102 RCZ A N1     1 
HETATM 385 C  C6     A RCZ C 3 .  ? -4.808  0.480   7.773   0.66 11.92 ? 102 RCZ A C6     1 
HETATM 386 C  C6     B RCZ C 3 .  ? -5.420  -0.583  8.328   0.33 16.19 ? 102 RCZ A C6     1 
HETATM 387 C  C5     A RCZ C 3 .  ? -3.340  0.511   7.840   0.66 11.37 ? 102 RCZ A C5     1 
HETATM 388 C  C5     B RCZ C 3 .  ? -4.799  -1.706  9.024   0.33 16.30 ? 102 RCZ A C5     1 
HETATM 389 C  C4     A RCZ C 3 .  ? -2.570  1.519   7.269   0.66 11.70 ? 102 RCZ A C4     1 
HETATM 390 C  C4     B RCZ C 3 .  ? -5.459  -2.753  9.611   0.33 19.50 ? 102 RCZ A C4     1 
HETATM 391 N  N4     A RCZ C 3 .  ? -6.928  -0.633  8.270   0.66 14.13 ? 102 RCZ A N4     1 
HETATM 392 N  N4     B RCZ C 3 .  ? -5.288  1.528   7.140   0.33 20.33 ? 102 RCZ A N4     1 
HETATM 393 N  N3     A RCZ C 3 .  ? -5.395  1.483   7.138   0.66 13.14 ? 102 RCZ A N3     1 
HETATM 394 N  N3     B RCZ C 3 .  ? -6.733  -0.569  8.221   0.33 19.28 ? 102 RCZ A N3     1 
HETATM 395 C  C2     A RCZ C 3 .  ? -0.590  0.390   8.042   0.66 10.36 ? 102 RCZ A C2     1 
HETATM 396 C  C2     B RCZ C 3 .  ? -3.326  -3.671  10.344  0.33 15.86 ? 102 RCZ A C2     1 
HETATM 397 CL CL     A RCZ C 3 .  ? -11.364 1.327   6.989   0.66 27.55 ? 102 RCZ A CL     1 
HETATM 398 CL CL     B RCZ C 3 .  ? -9.466  3.878   5.395   0.33 27.95 ? 102 RCZ A CL     1 
HETATM 399 C  C18    A RCZ C 3 .  ? -9.600  1.326   6.956   0.66 21.83 ? 102 RCZ A C18    1 
HETATM 400 C  C18    B RCZ C 3 .  ? -8.616  2.587   6.236   0.33 20.48 ? 102 RCZ A C18    1 
HETATM 401 C  C14    A RCZ C 3 .  ? -8.950  0.304   7.600   0.66 16.27 ? 102 RCZ A C14    1 
HETATM 402 C  C14    B RCZ C 3 .  ? -7.230  2.579   6.359   0.33 22.06 ? 102 RCZ A C14    1 
HETATM 403 C  C13    A RCZ C 3 .  ? -7.533  0.373   7.649   0.66 14.42 ? 102 RCZ A C13    1 
HETATM 404 C  C13    B RCZ C 3 .  ? -6.601  1.506   7.041   0.33 19.74 ? 102 RCZ A C13    1 
HETATM 405 C  C15    A RCZ C 3 .  ? -6.780  1.457   7.074   0.66 15.81 ? 102 RCZ A C15    1 
HETATM 406 C  C15    B RCZ C 3 .  ? -7.334  0.439   7.568   0.33 17.91 ? 102 RCZ A C15    1 
HETATM 407 C  C16    A RCZ C 3 .  ? -7.511  2.496   6.419   0.66 19.61 ? 102 RCZ A C16    1 
HETATM 408 C  C16    B RCZ C 3 .  ? -8.735  0.482   7.419   0.33 20.78 ? 102 RCZ A C16    1 
HETATM 409 C  C17    A RCZ C 3 .  ? -8.917  2.402   6.399   0.66 22.43 ? 102 RCZ A C17    1 
HETATM 410 C  C17    B RCZ C 3 .  ? -9.376  1.557   6.745   0.33 19.18 ? 102 RCZ A C17    1 
HETATM 411 C  C7     A RCZ C 3 .  ? -5.531  -0.573  8.323   0.66 12.00 ? 102 RCZ A C7     1 
HETATM 412 C  C7     B RCZ C 3 .  ? -4.693  0.494   7.805   0.33 17.08 ? 102 RCZ A C7     1 
HETATM 413 C  C8     A RCZ C 3 .  ? -4.858  -1.642  9.017   0.66 11.14 ? 102 RCZ A C8     1 
HETATM 414 C  C8     B RCZ C 3 .  ? -3.296  0.505   7.897   0.33 14.36 ? 102 RCZ A C8     1 
HETATM 415 C  C9     A RCZ C 3 .  ? -5.455  -2.709  9.602   0.66 11.54 ? 102 RCZ A C9     1 
HETATM 416 C  C9     B RCZ C 3 .  ? -2.569  1.553   7.388   0.33 14.82 ? 102 RCZ A C9     1 
HETATM 417 C  C11    A RCZ C 3 .  ? -4.740  -3.650  10.289  0.66 12.83 ? 102 RCZ A C11    1 
HETATM 418 C  C11    B RCZ C 3 .  ? -1.222  1.509   7.523   0.33 15.02 ? 102 RCZ A C11    1 
HETATM 419 C  C12    A RCZ C 3 .  ? -3.365  -3.541  10.369  0.66 10.68 ? 102 RCZ A C12    1 
HETATM 420 C  C12    B RCZ C 3 .  ? -0.628  0.459   8.197   0.33 14.54 ? 102 RCZ A C12    1 
HETATM 421 C  C10    A RCZ C 3 .  ? -3.431  -1.596  9.136   0.66 10.46 ? 102 RCZ A C10    1 
HETATM 422 C  C10    B RCZ C 3 .  ? -2.672  -0.544  8.586   0.33 13.61 ? 102 RCZ A C10    1 
HETATM 423 RU RU     A RCZ C 3 .  ? -0.659  -2.195  9.718   0.66 9.86  ? 102 RCZ A RU     1 
HETATM 424 RU RU     B RCZ C 3 .  ? -0.662  -2.196  9.727   0.33 14.23 ? 102 RCZ A RU     1 
HETATM 425 N  N2     A RCZ C 3 .  ? -1.294  -0.614  8.562   0.66 9.94  ? 102 RCZ A N2     1 
HETATM 426 N  N2     B RCZ C 3 .  ? -2.614  -2.627  9.850   0.33 15.09 ? 102 RCZ A N2     1 
HETATM 427 C  C3     A RCZ C 3 .  ? -1.212  1.430   7.405   0.66 11.34 ? 102 RCZ A C3     1 
HETATM 428 C  C3     B RCZ C 3 .  ? -4.710  -3.747  10.241  0.33 16.53 ? 102 RCZ A C3     1 
HETATM 429 C  C1     A RCZ C 3 .  ? -2.703  -0.529  8.510   0.66 10.54 ? 102 RCZ A C1     1 
HETATM 430 C  C1     B RCZ C 3 .  ? -3.361  -1.664  9.172   0.33 15.52 ? 102 RCZ A C1     1 
HETATM 431 N  N5     A RCZ C 3 .  ? -0.696  -1.096  11.445  0.66 9.42  ? 102 RCZ A N5     1 
HETATM 432 N  N5     B RCZ C 3 .  ? -0.565  -3.294  8.132   0.33 18.08 ? 102 RCZ A N5     1 
HETATM 433 C  C20    A RCZ C 3 .  ? -0.942  0.207   11.625  0.66 9.72  ? 102 RCZ A C20    1 
HETATM 434 C  C20    B RCZ C 3 .  ? -1.380  -4.135  7.450   0.33 17.84 ? 102 RCZ A C20    1 
HETATM 435 C  C21    A RCZ C 3 .  ? -0.798  0.767   12.954  0.66 10.70 ? 102 RCZ A C21    1 
HETATM 436 C  C21    B RCZ C 3 .  ? -0.956  -4.838  6.295   0.33 19.18 ? 102 RCZ A C21    1 
HETATM 437 N  N6     A RCZ C 3 .  ? -0.423  0.102   14.022  0.66 9.83  ? 102 RCZ A N6     1 
HETATM 438 N  N6     B RCZ C 3 .  ? 0.283   -4.758  5.849   0.33 17.94 ? 102 RCZ A N6     1 
HETATM 439 C  C19    A RCZ C 3 .  ? -0.284  -1.808  12.541  0.66 9.03  ? 102 RCZ A C19    1 
HETATM 440 C  C19    B RCZ C 3 .  ? 0.728   -3.298  7.653   0.33 16.70 ? 102 RCZ A C19    1 
HETATM 441 C  C22    A RCZ C 3 .  ? -0.158  -1.212  13.849  0.66 9.73  ? 102 RCZ A C22    1 
HETATM 442 C  C22    B RCZ C 3 .  ? 1.176   -4.013  6.439   0.33 17.78 ? 102 RCZ A C22    1 
HETATM 443 C  C23    A RCZ C 3 .  ? 0.267   -2.063  14.916  0.66 10.07 ? 102 RCZ A C23    1 
HETATM 444 C  C23    B RCZ C 3 .  ? 2.526   -3.885  6.008   0.33 17.74 ? 102 RCZ A C23    1 
HETATM 445 C  C24    A RCZ C 3 .  ? 0.551   -3.391  14.709  0.66 10.15 ? 102 RCZ A C24    1 
HETATM 446 C  C24    B RCZ C 3 .  ? 3.496   -3.096  6.635   0.33 15.25 ? 102 RCZ A C24    1 
HETATM 447 C  C25    A RCZ C 3 .  ? 0.396   -3.983  13.425  0.66 9.13  ? 102 RCZ A C25    1 
HETATM 448 C  C25    B RCZ C 3 .  ? 3.086   -2.392  7.819   0.33 16.97 ? 102 RCZ A C25    1 
HETATM 449 N  N7     A RCZ C 3 .  ? 0.609   -5.317  13.244  0.66 9.67  ? 102 RCZ A N7     1 
HETATM 450 N  N7     B RCZ C 3 .  ? 3.970   -1.585  8.517   0.33 20.05 ? 102 RCZ A N7     1 
HETATM 451 C  C27    A RCZ C 3 .  ? 0.435   -5.774  11.998  0.66 10.09 ? 102 RCZ A C27    1 
HETATM 452 C  C27    B RCZ C 3 .  ? 3.548   -0.921  9.604   0.33 18.51 ? 102 RCZ A C27    1 
HETATM 453 C  C28    A RCZ C 3 .  ? 0.065   -4.956  10.931  0.66 9.72  ? 102 RCZ A C28    1 
HETATM 454 C  C28    B RCZ C 3 .  ? 2.227   -1.007  10.067  0.33 19.63 ? 102 RCZ A C28    1 
HETATM 455 C  C26    A RCZ C 3 .  ? -0.026  -3.170  12.390  0.66 8.85  ? 102 RCZ A C26    1 
HETATM 456 C  C26    B RCZ C 3 .  ? 1.731   -2.473  8.308   0.33 15.61 ? 102 RCZ A C26    1 
HETATM 457 N  N8     A RCZ C 3 .  ? -0.165  -3.687  11.038  0.66 9.03  ? 102 RCZ A N8     1 
HETATM 458 N  N8     B RCZ C 3 .  ? 1.308   -1.767  9.496   0.33 17.24 ? 102 RCZ A N8     1 
HETATM 459 N  N9     A RCZ C 3 .  ? -0.469  -3.362  8.035   0.66 11.58 ? 102 RCZ A N9     1 
HETATM 460 N  N9     B RCZ C 3 .  ? -0.681  -1.100  11.402  0.33 13.46 ? 102 RCZ A N9     1 
HETATM 461 C  C30    A RCZ C 3 .  ? -1.253  -4.252  7.470   0.66 13.97 ? 102 RCZ A C30    1 
HETATM 462 C  C30    B RCZ C 3 .  ? -0.922  0.187   11.644  0.33 13.15 ? 102 RCZ A C30    1 
HETATM 463 C  C31    A RCZ C 3 .  ? -0.860  -4.991  6.319   0.66 15.21 ? 102 RCZ A C31    1 
HETATM 464 C  C31    B RCZ C 3 .  ? -0.840  0.718   12.954  0.33 14.34 ? 102 RCZ A C31    1 
HETATM 465 N  N10    A RCZ C 3 .  ? 0.365   -4.907  5.776   0.66 17.00 ? 102 RCZ A N10    1 
HETATM 466 N  N10    B RCZ C 3 .  ? -0.507  0.062   14.068  0.33 14.00 ? 102 RCZ A N10    1 
HETATM 467 C  C32    A RCZ C 3 .  ? 1.264   -4.069  6.346   0.66 13.92 ? 102 RCZ A C32    1 
HETATM 468 C  C32    B RCZ C 3 .  ? -0.216  -1.266  13.781  0.33 12.67 ? 102 RCZ A C32    1 
HETATM 469 C  C29    A RCZ C 3 .  ? 0.869   -3.332  7.555   0.66 12.62 ? 102 RCZ A C29    1 
HETATM 470 C  C29    B RCZ C 3 .  ? -0.271  -1.886  12.486  0.33 13.11 ? 102 RCZ A C29    1 
HETATM 471 C  C33    A RCZ C 3 .  ? 2.606   -3.934  5.932   0.66 16.31 ? 102 RCZ A C33    1 
HETATM 472 C  C33    B RCZ C 3 .  ? 0.203   -2.107  14.838  0.33 13.12 ? 102 RCZ A C33    1 
HETATM 473 C  C34    A RCZ C 3 .  ? 3.506   -3.108  6.576   0.66 14.74 ? 102 RCZ A C34    1 
HETATM 474 C  C34    B RCZ C 3 .  ? 0.477   -3.425  14.573  0.33 13.05 ? 102 RCZ A C34    1 
HETATM 475 C  C35    A RCZ C 3 .  ? 3.093   -2.419  7.757   0.66 13.29 ? 102 RCZ A C35    1 
HETATM 476 C  C35    B RCZ C 3 .  ? 0.388   -4.022  13.293  0.33 13.30 ? 102 RCZ A C35    1 
HETATM 477 C  C36    A RCZ C 3 .  ? 1.777   -2.513  8.206   0.66 11.67 ? 102 RCZ A C36    1 
HETATM 478 C  C36    B RCZ C 3 .  ? 0.044   -3.293  12.144  0.33 15.54 ? 102 RCZ A C36    1 
HETATM 479 N  N12    A RCZ C 3 .  ? 1.361   -1.852  9.383   0.66 10.71 ? 102 RCZ A N12    1 
HETATM 480 N  N12    B RCZ C 3 .  ? -0.051  -3.730  10.841  0.33 18.84 ? 102 RCZ A N12    1 
HETATM 481 N  N11    A RCZ C 3 .  ? 3.966   -1.644  8.462   0.66 13.00 ? 102 RCZ A N11    1 
HETATM 482 N  N11    B RCZ C 3 .  ? 0.671   -5.325  13.099  0.33 14.41 ? 102 RCZ A N11    1 
HETATM 483 C  C37    A RCZ C 3 .  ? 3.503   -0.980  9.485   0.66 12.37 ? 102 RCZ A C37    1 
HETATM 484 C  C37    B RCZ C 3 .  ? 0.568   -5.782  11.859  0.33 16.00 ? 102 RCZ A C37    1 
HETATM 485 C  C38    A RCZ C 3 .  ? 2.201   -1.066  9.948   0.66 10.75 ? 102 RCZ A C38    1 
HETATM 486 C  C38    B RCZ C 3 .  ? 0.141   -5.022  10.783  0.33 15.95 ? 102 RCZ A C38    1 
HETATM 487 H  H4     A RCZ C 3 .  ? -3.018  2.347   6.735   0.66 11.23 ? 102 RCZ A H4     1 
HETATM 488 H  H4     B RCZ C 3 .  ? -6.535  -2.831  9.549   0.33 18.12 ? 102 RCZ A H4     1 
HETATM 489 H  H2     A RCZ C 3 .  ? 0.489   0.391   8.131   0.66 10.70 ? 102 RCZ A H2     1 
HETATM 490 H  H2     B RCZ C 3 .  ? -2.793  -4.468  10.841  0.33 16.06 ? 102 RCZ A H2     1 
HETATM 491 H  H14    A RCZ C 3 .  ? -9.501  -0.483  8.094   0.66 16.34 ? 102 RCZ A H14    1 
HETATM 492 H  H14    B RCZ C 3 .  ? -6.638  3.384   5.939   0.33 20.78 ? 102 RCZ A H14    1 
HETATM 493 H  H16    A RCZ C 3 .  ? -6.999  3.309   5.920   0.66 19.65 ? 102 RCZ A H16    1 
HETATM 494 H  H16    B RCZ C 3 .  ? -9.338  -0.317  7.835   0.33 18.68 ? 102 RCZ A H16    1 
HETATM 495 H  H17    A RCZ C 3 .  ? -9.482  3.160   5.869   0.66 21.00 ? 102 RCZ A H17    1 
HETATM 496 H  H17    B RCZ C 3 .  ? -10.454 1.568   6.639   0.33 19.23 ? 102 RCZ A H17    1 
HETATM 497 H  H9     A RCZ C 3 .  ? -6.534  -2.755  9.651   0.66 11.47 ? 102 RCZ A H9     1 
HETATM 498 H  H9     B RCZ C 3 .  ? -3.052  2.366   6.859   0.33 14.67 ? 102 RCZ A H9     1 
HETATM 499 H  H11    A RCZ C 3 .  ? -5.247  -4.474  10.775  0.66 12.08 ? 102 RCZ A H11    1 
HETATM 500 H  H11    B RCZ C 3 .  ? -0.614  2.306   7.117   0.33 14.67 ? 102 RCZ A H11    1 
HETATM 501 H  H12    A RCZ C 3 .  ? -2.813  -4.345  10.835  0.66 11.03 ? 102 RCZ A H12    1 
HETATM 502 H  H12    B RCZ C 3 .  ? 0.450   0.447   8.294   0.33 14.67 ? 102 RCZ A H12    1 
HETATM 503 H  H3     A RCZ C 3 .  ? -0.599  2.203   6.961   0.66 10.95 ? 102 RCZ A H3     1 
HETATM 504 H  H3     B RCZ C 3 .  ? -5.225  -4.588  10.689  0.33 17.63 ? 102 RCZ A H3     1 
HETATM 505 H  H20    A RCZ C 3 .  ? -1.216  0.830   10.788  0.66 9.68  ? 102 RCZ A H20    1 
HETATM 506 H  H20    B RCZ C 3 .  ? -2.411  -4.224  7.768   0.33 18.07 ? 102 RCZ A H20    1 
HETATM 507 H  H21    A RCZ C 3 .  ? -0.980  1.827   13.062  0.66 10.27 ? 102 RCZ A H21    1 
HETATM 508 H  H21    B RCZ C 3 .  ? -1.662  -5.455  5.756   0.33 18.13 ? 102 RCZ A H21    1 
HETATM 509 H  H23    A RCZ C 3 .  ? 0.354   -1.653  15.915  0.66 10.08 ? 102 RCZ A H23    1 
HETATM 510 H  H23    B RCZ C 3 .  ? 2.826   -4.442  5.127   0.33 18.21 ? 102 RCZ A H23    1 
HETATM 511 H  H24    A RCZ C 3 .  ? 0.808   -4.019  15.544  0.66 9.80  ? 102 RCZ A H24    1 
HETATM 512 H  H24    B RCZ C 3 .  ? 4.515   -3.048  6.270   0.33 16.05 ? 102 RCZ A H24    1 
HETATM 513 H  H27    A RCZ C 3 .  ? 0.668   -6.811  11.791  0.66 9.92  ? 102 RCZ A H27    1 
HETATM 514 H  H27    B RCZ C 3 .  ? 4.245   -0.296  10.145  0.33 19.11 ? 102 RCZ A H27    1 
HETATM 515 H  H28    A RCZ C 3 .  ? -0.010  -5.402  9.948   0.66 9.99  ? 102 RCZ A H28    1 
HETATM 516 H  H28    B RCZ C 3 .  ? 1.952   -0.456  10.955  0.33 20.02 ? 102 RCZ A H28    1 
HETATM 517 H  H30    A RCZ C 3 .  ? -2.287  -4.302  7.790   0.66 13.93 ? 102 RCZ A H30    1 
HETATM 518 H  H30    B RCZ C 3 .  ? -1.226  0.821   10.825  0.33 13.28 ? 102 RCZ A H30    1 
HETATM 519 H  H31    A RCZ C 3 .  ? -1.610  -5.569  5.795   0.66 14.99 ? 102 RCZ A H31    1 
HETATM 520 H  H31    B RCZ C 3 .  ? -1.070  1.768   13.057  0.33 15.30 ? 102 RCZ A H31    1 
HETATM 521 H  H33    A RCZ C 3 .  ? 2.942   -4.497  5.070   0.66 17.06 ? 102 RCZ A H33    1 
HETATM 522 H  H33    B RCZ C 3 .  ? 0.268   -1.725  15.848  0.33 13.95 ? 102 RCZ A H33    1 
HETATM 523 H  H34    A RCZ C 3 .  ? 4.532   -3.046  6.238   0.66 14.84 ? 102 RCZ A H34    1 
HETATM 524 H  H34    B RCZ C 3 .  ? 0.768   -4.058  15.396  0.33 13.01 ? 102 RCZ A H34    1 
HETATM 525 H  H37    A RCZ C 3 .  ? 4.178   -0.319  10.011  0.66 11.89 ? 102 RCZ A H37    1 
HETATM 526 H  H37    B RCZ C 3 .  ? 0.795   -6.822  11.678  0.33 16.23 ? 102 RCZ A H37    1 
HETATM 527 H  H38    A RCZ C 3 .  ? 1.906   -0.511  10.828  0.66 11.33 ? 102 RCZ A H38    1 
HETATM 528 H  H38    B RCZ C 3 .  ? 0.140   -5.483  9.807   0.33 16.08 ? 102 RCZ A H38    1 
HETATM 529 O  O      . HOH D 4 .  ? 12.015  3.019   -7.987  1.00 13.85 ? 201 HOH A O      1 
HETATM 530 O  O      . HOH D 4 .  ? 10.250  4.904   -6.271  1.00 12.79 ? 202 HOH A O      1 
HETATM 531 O  O      . HOH D 4 .  ? 2.869   3.299   -2.877  1.00 15.87 ? 203 HOH A O      1 
HETATM 532 O  O      . HOH D 4 .  ? 9.857   1.556   -10.255 1.00 13.51 ? 204 HOH A O      1 
HETATM 533 O  O      . HOH D 4 .  ? -3.292  -5.728  1.062   1.00 13.02 ? 205 HOH A O      1 
HETATM 534 O  O      . HOH D 4 .  ? -4.031  -4.798  5.867   1.00 17.67 ? 206 HOH A O      1 
HETATM 535 O  O      . HOH D 4 .  ? 8.932   6.340   -4.289  1.00 23.16 ? 207 HOH A O      1 
HETATM 536 O  O      . HOH D 4 .  ? -1.466  4.509   -0.828  1.00 26.10 ? 208 HOH A O      1 
HETATM 537 O  O      . HOH D 4 .  ? 0.590   5.102   -2.769  1.00 18.37 ? 209 HOH A O      1 
HETATM 538 O  O      . HOH D 4 .  ? 13.889  0.968   -8.543  1.00 20.47 ? 210 HOH A O      1 
HETATM 539 O  O      . HOH D 4 .  ? 2.266   13.411  -5.750  1.00 21.22 ? 211 HOH A O      1 
HETATM 540 O  O      . HOH D 4 .  ? 16.779  3.391   -5.437  1.00 27.64 ? 212 HOH A O      1 
HETATM 541 O  O      . HOH D 4 .  ? 8.135   2.843   -5.350  1.00 24.52 ? 213 HOH A O      1 
HETATM 542 O  O      . HOH D 4 .  ? -6.067  3.529   2.586   1.00 26.91 ? 214 HOH A O      1 
HETATM 543 O  O      . HOH D 4 .  ? 10.886  13.154  -5.656  1.00 25.69 ? 215 HOH A O      1 
HETATM 544 O  O      . HOH D 4 .  ? 15.719  -0.530  -11.618 1.00 24.49 ? 216 HOH A O      1 
HETATM 545 O  O      . HOH D 4 .  ? -6.773  2.698   -2.052  1.00 27.70 ? 217 HOH A O      1 
HETATM 546 O  O      . HOH D 4 .  ? -10.914 -10.802 2.965   1.00 29.36 ? 218 HOH A O      1 
HETATM 547 O  O      . HOH D 4 .  ? 13.077  -1.236  -12.716 0.70 24.02 ? 219 HOH A O      1 
HETATM 548 O  O      . HOH D 4 .  ? -10.680 -5.051  -4.556  1.00 33.20 ? 220 HOH A O      1 
HETATM 549 O  O      . HOH D 4 .  ? -4.558  3.742   0.313   1.00 23.20 ? 221 HOH A O      1 
HETATM 550 O  O      . HOH D 4 .  ? -1.747  8.983   -2.385  1.00 29.35 ? 222 HOH A O      1 
HETATM 551 O  O      . HOH D 4 .  ? -4.076  0.728   -8.745  1.00 27.40 ? 223 HOH A O      1 
HETATM 552 O  O      . HOH D 4 .  ? 0.913   -7.559  4.419   1.00 25.07 ? 224 HOH A O      1 
HETATM 553 O  O      . HOH D 4 .  ? 3.010   -7.375  6.237   1.00 16.37 ? 225 HOH A O      1 
HETATM 554 O  O      . HOH D 4 .  ? 1.921   -6.384  8.599   1.00 14.64 ? 226 HOH A O      1 
HETATM 555 O  O      . HOH D 4 .  ? 4.730   -6.231  4.274   1.00 17.00 ? 227 HOH A O      1 
HETATM 556 O  O      . HOH D 4 .  ? 0.015   -8.255  9.423   1.00 22.33 ? 228 HOH A O      1 
HETATM 557 O  O      . HOH D 4 .  ? 19.443  5.345   -12.888 1.00 22.45 ? 229 HOH A O      1 
HETATM 558 O  O      . HOH D 4 .  ? -6.298  -2.483  13.352  1.00 19.45 ? 230 HOH A O      1 
HETATM 559 O  O      . HOH D 4 .  ? 10.265  0.454   -6.978  1.00 22.57 ? 231 HOH A O      1 
HETATM 560 O  O      . HOH D 4 .  ? -2.807  -5.694  12.932  1.00 20.41 ? 232 HOH A O      1 
HETATM 561 O  O      . HOH D 4 .  ? 13.551  7.511   -3.115  1.00 24.26 ? 233 HOH A O      1 
HETATM 562 O  O      . HOH D 4 .  ? 8.235   11.655  -11.004 1.00 25.85 ? 234 HOH A O      1 
HETATM 563 O  O      . HOH D 4 .  ? 20.277  6.049   -10.231 1.00 25.35 ? 235 HOH A O      1 
HETATM 564 O  O      . HOH D 4 .  ? 5.054   13.784  -5.622  1.00 33.56 ? 236 HOH A O      1 
HETATM 565 O  O      . HOH D 4 .  ? 11.947  -0.470  -9.957  1.00 28.77 ? 237 HOH A O      1 
HETATM 566 O  O      . HOH D 4 .  ? 14.079  3.141   -4.865  1.00 27.51 ? 238 HOH A O      1 
HETATM 567 O  O      . HOH D 4 .  ? 0.587   7.626   -2.154  1.00 24.39 ? 239 HOH A O      1 
HETATM 568 O  O      . HOH D 4 .  ? 11.094  13.632  -8.255  1.00 29.49 ? 240 HOH A O      1 
HETATM 569 O  O      . HOH D 4 .  ? -11.435 -2.727  8.363   1.00 44.91 ? 241 HOH A O      1 
HETATM 570 O  O      . HOH D 4 .  ? -8.474  1.797   2.291   1.00 30.88 ? 242 HOH A O      1 
HETATM 571 O  O      . HOH D 4 .  ? -3.722  5.897   -2.646  1.00 32.38 ? 243 HOH A O      1 
HETATM 572 O  O      . HOH D 4 .  ? 18.680  7.756   -8.636  1.00 26.10 ? 244 HOH A O      1 
HETATM 573 O  O      . HOH D 4 .  ? 16.794  5.935   -4.831  0.70 20.04 ? 245 HOH A O      1 
HETATM 574 O  O      . HOH D 4 .  ? -0.961  11.572  -3.425  1.00 27.58 ? 246 HOH A O      1 
HETATM 575 O  O      . HOH D 4 .  ? -5.186  -10.379 9.598   1.00 36.48 ? 247 HOH A O      1 
HETATM 576 O  O      . HOH D 4 .  ? 12.400  10.170  -3.199  1.00 34.55 ? 248 HOH A O      1 
HETATM 577 O  O      . HOH D 4 .  ? 20.119  4.196   -7.449  1.00 32.73 ? 249 HOH A O      1 
HETATM 578 O  O      . HOH D 4 .  ? -4.495  -10.773 4.204   1.00 32.93 ? 250 HOH A O      1 
HETATM 579 O  O      . HOH D 4 .  ? -7.516  -4.647  12.092  1.00 31.90 ? 251 HOH A O      1 
HETATM 580 O  O      . HOH D 4 .  ? -11.919 -8.314  3.787   1.00 32.96 ? 252 HOH A O      1 
HETATM 581 O  O      . HOH D 4 .  ? -0.078  -10.722 8.506   1.00 29.37 ? 253 HOH A O      1 
HETATM 582 O  O      . HOH D 4 .  ? -8.473  1.049   -0.726  1.00 29.90 ? 254 HOH A O      1 
HETATM 583 O  O      . HOH D 4 .  ? -6.568  6.530   6.243   1.00 38.69 ? 255 HOH A O      1 
HETATM 584 O  O      . HOH D 4 .  ? 10.095  3.325   -3.155  1.00 36.89 ? 256 HOH A O      1 
HETATM 585 O  O      . HOH D 4 .  ? -5.364  -1.960  -8.669  1.00 38.22 ? 257 HOH A O      1 
HETATM 586 O  O      . HOH D 4 .  ? -11.042 -1.679  3.965   0.50 29.62 ? 258 HOH A O      1 
HETATM 587 O  O      . HOH D 4 .  ? -4.758  -6.448  7.973   1.00 32.65 ? 259 HOH A O      1 
HETATM 588 O  O      . HOH D 4 .  ? 11.316  5.940   -2.800  1.00 34.25 ? 260 HOH A O      1 
HETATM 589 O  O      . HOH D 4 .  ? -5.781  -7.170  9.822   0.50 36.70 ? 261 HOH A O      1 
HETATM 590 O  O      . HOH D 4 .  ? 12.793  -3.151  -14.627 1.00 47.34 ? 262 HOH A O      1 
HETATM 591 O  O      . HOH D 4 .  ? -10.053 4.988   -8.239  1.00 34.16 ? 263 HOH A O      1 
HETATM 592 O  O      . HOH D 4 .  ? -8.236  2.627   -9.856  1.00 33.19 ? 264 HOH A O      1 
HETATM 593 O  O      . HOH D 4 .  ? -11.288 2.831   3.698   1.00 53.19 ? 265 HOH A O      1 
HETATM 594 O  O      . HOH D 4 .  ? -2.425  -6.766  9.355   1.00 33.95 ? 266 HOH A O      1 
HETATM 595 O  O      . HOH D 4 .  ? 5.670   4.643   -4.203  1.00 15.63 ? 267 HOH A O      1 
HETATM 596 O  O      . HOH D 4 .  ? 17.290  6.827   -6.140  0.30 16.70 ? 268 HOH A O      1 
HETATM 597 O  O      . HOH D 4 .  ? -11.733 -7.700  -0.300  1.00 37.17 ? 269 HOH A O      1 
HETATM 598 O  O      . HOH D 4 .  ? 11.618  -1.369  -12.772 0.30 20.60 ? 270 HOH A O      1 
HETATM 599 O  O      . HOH D 4 .  ? -11.693 -1.797  -6.195  1.00 37.64 ? 271 HOH A O      1 
HETATM 600 O  O      . HOH D 4 .  ? -11.527 1.291   -6.830  1.00 44.83 ? 272 HOH A O      1 
HETATM 601 O  O      . HOH D 4 .  ? -13.779 1.002   -3.274  1.00 44.48 ? 273 HOH A O      1 
HETATM 602 O  O      . HOH D 4 .  ? 24.002  -0.172  -10.218 1.00 50.10 ? 274 HOH A O      1 
HETATM 603 O  O      . HOH D 4 .  ? 3.248   -4.504  10.227  1.00 13.59 ? 275 HOH A O      1 
HETATM 604 O  O      . HOH D 4 .  ? -12.785 -3.972  -0.845  1.00 57.80 ? 276 HOH A O      1 
HETATM 605 O  O      . HOH D 4 .  ? -7.119  -6.266  9.660   0.50 38.64 ? 277 HOH A O      1 
HETATM 606 O  O      . HOH D 4 .  ? 7.162   12.883  -3.119  1.00 54.07 ? 278 HOH A O      1 
HETATM 607 O  O      . HOH D 4 .  ? 13.139  0.241   -6.093  1.00 38.67 ? 279 HOH A O      1 
HETATM 608 O  O      . HOH D 4 .  ? 11.734  1.041   -4.601  1.00 41.45 ? 280 HOH A O      1 
HETATM 609 O  O      . HOH D 4 .  ? -11.167 -1.290  1.872   1.00 34.94 ? 281 HOH A O      1 
# 
loop_
_atom_site_anisotrop.id 
_atom_site_anisotrop.type_symbol 
_atom_site_anisotrop.pdbx_label_atom_id 
_atom_site_anisotrop.pdbx_label_alt_id 
_atom_site_anisotrop.pdbx_label_comp_id 
_atom_site_anisotrop.pdbx_label_asym_id 
_atom_site_anisotrop.pdbx_label_seq_id 
_atom_site_anisotrop.pdbx_PDB_ins_code 
_atom_site_anisotrop.U[1][1] 
_atom_site_anisotrop.U[2][2] 
_atom_site_anisotrop.U[3][3] 
_atom_site_anisotrop.U[1][2] 
_atom_site_anisotrop.U[1][3] 
_atom_site_anisotrop.U[2][3] 
_atom_site_anisotrop.pdbx_auth_seq_id 
_atom_site_anisotrop.pdbx_auth_comp_id 
_atom_site_anisotrop.pdbx_auth_asym_id 
_atom_site_anisotrop.pdbx_auth_atom_id 
1   O  "O5'"  . DT  A 1  ? 0.3375 0.2922 0.3790 0.1149  0.1608  -0.0307 1   DT  A "O5'"  
2   C  "C5'"  . DT  A 1  ? 0.2202 0.2577 0.3151 0.1240  0.1065  -0.0306 1   DT  A "C5'"  
3   C  "C4'"  . DT  A 1  ? 0.1630 0.2797 0.2309 0.0990  0.0826  -0.0203 1   DT  A "C4'"  
4   O  "O4'"  . DT  A 1  ? 0.2021 0.3855 0.2026 0.1100  0.1186  0.0156  1   DT  A "O4'"  
5   C  "C3'"  . DT  A 1  ? 0.1734 0.2812 0.1825 0.0845  0.0880  -0.0223 1   DT  A "C3'"  
6   O  "O3'"  . DT  A 1  ? 0.1832 0.2452 0.2154 0.0840  0.0778  0.0063  1   DT  A "O3'"  
7   C  "C2'"  . DT  A 1  ? 0.1813 0.3178 0.1973 0.1117  0.1191  0.0192  1   DT  A "C2'"  
8   C  "C1'"  . DT  A 1  ? 0.1762 0.2833 0.2126 0.0821  0.0793  0.0150  1   DT  A "C1'"  
9   N  N1     . DT  A 1  ? 0.1962 0.2382 0.2155 0.0369  0.0946  0.0059  1   DT  A N1     
10  C  C2     . DT  A 1  ? 0.1797 0.1922 0.1985 0.0572  0.1106  -0.0245 1   DT  A C2     
11  O  O2     . DT  A 1  ? 0.1857 0.1850 0.1807 0.0621  0.1069  -0.0365 1   DT  A O2     
12  N  N3     . DT  A 1  ? 0.2092 0.1841 0.2462 0.0464  0.1041  -0.0251 1   DT  A N3     
13  C  C4     . DT  A 1  ? 0.2523 0.1928 0.3533 0.0283  0.1028  -0.0213 1   DT  A C4     
14  O  O4     . DT  A 1  ? 0.3410 0.2058 0.3823 -0.0232 0.0704  -0.0217 1   DT  A O4     
15  C  C5     . DT  A 1  ? 0.3106 0.2586 0.4002 -0.0414 0.0429  0.0759  1   DT  A C5     
16  C  C7     . DT  A 1  ? 0.5744 0.4184 0.5892 -0.1579 0.0702  0.1695  1   DT  A C7     
17  C  C6     . DT  A 1  ? 0.2235 0.2916 0.3564 0.0046  0.0582  0.0946  1   DT  A C6     
18  H  "H5'"  . DT  A 1  ? 0.2215 0.2725 0.3158 0.1008  0.1004  -0.0132 1   DT  A "H5'"  
19  H  "H5''" . DT  A 1  ? 0.2254 0.2672 0.3133 0.1116  0.1050  -0.0191 1   DT  A "H5''" 
20  H  "H4'"  . DT  A 1  ? 0.1713 0.2787 0.2266 0.0920  0.0898  -0.0171 1   DT  A "H4'"  
21  H  "H3'"  . DT  A 1  ? 0.1729 0.2767 0.2080 0.0855  0.0897  -0.0060 1   DT  A "H3'"  
22  H  "H2'"  . DT  A 1  ? 0.1983 0.2911 0.2081 0.0898  0.0959  0.0146  1   DT  A "H2'"  
23  H  "H2''" . DT  A 1  ? 0.1764 0.3142 0.2022 0.0900  0.0960  0.0162  1   DT  A "H2''" 
24  H  "H1'"  . DT  A 1  ? 0.1821 0.2844 0.2047 0.0810  0.0938  0.0113  1   DT  A "H1'"  
25  H  H3     . DT  A 1  ? 0.2051 0.1828 0.2484 0.0484  0.0974  -0.0179 1   DT  A H3     
26  H  H71    . DT  A 1  ? 0.5110 0.3470 0.5296 -0.0834 0.1022  0.1287  1   DT  A H71    
27  H  H72    . DT  A 1  ? 0.5064 0.4228 0.4974 -0.1619 0.0592  0.1205  1   DT  A H72    
28  H  H73    . DT  A 1  ? 0.4423 0.3355 0.5729 -0.0859 0.0407  0.1145  1   DT  A H73    
29  H  H6     . DT  A 1  ? 0.2199 0.2716 0.3268 0.0279  0.0715  0.0437  1   DT  A H6     
30  H  "HO5'" . DT  A 1  ? 0.2946 0.2734 0.3824 0.1210  0.1525  -0.0172 1   DT  A "HO5'" 
31  P  P      . DC  A 2  ? 0.1769 0.2391 0.2148 0.0701  0.1138  0.0087  2   DC  A P      
32  O  OP1    . DC  A 2  ? 0.2521 0.2954 0.1937 0.1040  0.1185  0.0240  2   DC  A OP1    
33  O  OP2    . DC  A 2  ? 0.1934 0.2473 0.2779 0.0718  0.1354  0.0251  2   DC  A OP2    
34  O  "O5'"  . DC  A 2  ? 0.1543 0.2167 0.2313 0.0561  0.0958  -0.0002 2   DC  A "O5'"  
35  C  "C5'"  . DC  A 2  ? 0.1528 0.2109 0.2190 0.0420  0.0884  0.0059  2   DC  A "C5'"  
36  C  "C4'"  . DC  A 2  ? 0.1189 0.1812 0.1900 0.0408  0.0892  -0.0237 2   DC  A "C4'"  
37  O  "O4'"  . DC  A 2  ? 0.1344 0.2023 0.1594 0.0233  0.0963  -0.0457 2   DC  A "O4'"  
38  C  "C3'"  . DC  A 2  ? 0.1197 0.1878 0.1808 0.0306  0.0891  -0.0436 2   DC  A "C3'"  
39  O  "O3'"  . DC  A 2  ? 0.1252 0.2203 0.1648 0.0311  0.0746  -0.0368 2   DC  A "O3'"  
40  C  "C2'"  . DC  A 2  ? 0.1380 0.1969 0.1492 0.0241  0.0676  -0.0363 2   DC  A "C2'"  
41  C  "C1'"  . DC  A 2  ? 0.1337 0.1764 0.1590 0.0382  0.0852  -0.0392 2   DC  A "C1'"  
42  N  N1     . DC  A 2  ? 0.1383 0.1650 0.1546 0.0467  0.0963  -0.0356 2   DC  A N1     
43  C  C2     . DC  A 2  ? 0.1151 0.1636 0.1758 0.0329  0.0879  -0.0347 2   DC  A C2     
44  O  O2     . DC  A 2  ? 0.1239 0.1624 0.1748 0.0323  0.0677  -0.0339 2   DC  A O2     
45  N  N3     . DC  A 2  ? 0.1218 0.1634 0.1955 0.0293  0.0872  -0.0354 2   DC  A N3     
46  C  C4     . DC  A 2  ? 0.1274 0.1660 0.1943 0.0271  0.0877  -0.0280 2   DC  A C4     
47  N  N4     . DC  A 2  ? 0.1730 0.1751 0.2193 0.0257  0.0802  -0.0404 2   DC  A N4     
48  C  C5     . DC  A 2  ? 0.1620 0.1719 0.1942 0.0472  0.0891  -0.0189 2   DC  A C5     
49  C  C6     . DC  A 2  ? 0.1601 0.1969 0.1500 0.0282  0.0895  -0.0207 2   DC  A C6     
50  H  "H5'"  . DC  A 2  ? 0.1447 0.2109 0.2228 0.0339  0.0819  0.0090  2   DC  A "H5'"  
51  H  "H5''" . DC  A 2  ? 0.1449 0.2042 0.2191 0.0448  0.0888  0.0049  2   DC  A "H5''" 
52  H  "H4'"  . DC  A 2  ? 0.1186 0.1880 0.1838 0.0290  0.0882  -0.0257 2   DC  A "H4'"  
53  H  "H3'"  . DC  A 2  ? 0.1205 0.1928 0.1704 0.0297  0.0800  -0.0348 2   DC  A "H3'"  
54  H  "H2'"  . DC  A 2  ? 0.1345 0.1821 0.1544 0.0300  0.0720  -0.0398 2   DC  A "H2'"  
55  H  "H2''" . DC  A 2  ? 0.1312 0.1963 0.1578 0.0247  0.0713  -0.0373 2   DC  A "H2''" 
56  H  "H1'"  . DC  A 2  ? 0.1297 0.1800 0.1528 0.0352  0.0812  -0.0368 2   DC  A "H1'"  
57  H  H41    . DC  A 2  ? 0.1516 0.1766 0.2099 0.0254  0.0806  -0.0384 2   DC  A H41    
58  H  H42    . DC  A 2  ? 0.1546 0.1678 0.2181 0.0271  0.0852  -0.0352 2   DC  A H42    
59  H  H5     . DC  A 2  ? 0.1583 0.1759 0.1952 0.0416  0.0849  -0.0136 2   DC  A H5     
60  H  H6     . DC  A 2  ? 0.1455 0.1793 0.1590 0.0384  0.0858  -0.0218 2   DC  A H6     
61  P  P      . DG  A 3  ? 0.1272 0.2228 0.1524 0.0202  0.0577  -0.0365 3   DG  A P      
62  O  OP1    . DG  A 3  ? 0.1528 0.2506 0.1744 0.0247  0.0430  -0.0354 3   DG  A OP1    
63  O  OP2    . DG  A 3  ? 0.1366 0.2369 0.1469 0.0334  0.0580  -0.0241 3   DG  A OP2    
64  O  "O5'"  . DG  A 3  ? 0.1157 0.2217 0.1367 0.0171  0.0592  -0.0265 3   DG  A "O5'"  
65  C  "C5'"  . DG  A 3  ? 0.1282 0.2167 0.1439 0.0254  0.0859  -0.0504 3   DG  A "C5'"  
66  C  "C4'"  . DG  A 3  ? 0.1212 0.1962 0.1348 0.0324  0.0734  -0.0676 3   DG  A "C4'"  
67  O  "O4'"  . DG  A 3  ? 0.1211 0.1833 0.1363 0.0224  0.0721  -0.0484 3   DG  A "O4'"  
68  C  "C3'"  . DG  A 3  ? 0.1292 0.2065 0.1177 0.0383  0.0737  -0.0547 3   DG  A "C3'"  
69  O  "O3'"  . DG  A 3  ? 0.1353 0.2573 0.1773 0.0299  0.0837  -0.1083 3   DG  A "O3'"  
70  C  "C2'"  . DG  A 3  ? 0.1215 0.1865 0.1346 0.0421  0.0698  -0.0483 3   DG  A "C2'"  
71  C  "C1'"  . DG  A 3  ? 0.1287 0.1739 0.1066 0.0346  0.0708  -0.0432 3   DG  A "C1'"  
72  N  N9     . DG  A 3  ? 0.1143 0.1570 0.1173 0.0331  0.0688  -0.0343 3   DG  A N9     
73  C  C8     . DG  A 3  ? 0.1073 0.1931 0.1267 0.0346  0.0763  -0.0361 3   DG  A C8     
74  N  N7     . DG  A 3  ? 0.1147 0.1669 0.1244 0.0358  0.0701  -0.0270 3   DG  A N7     
75  C  C5     . DG  A 3  ? 0.0973 0.1682 0.1189 0.0341  0.0654  -0.0314 3   DG  A C5     
76  C  C6     . DG  A 3  ? 0.1041 0.1645 0.1315 0.0241  0.0808  -0.0307 3   DG  A C6     
77  O  O6     . DG  A 3  ? 0.1269 0.1622 0.1357 0.0258  0.0806  -0.0344 3   DG  A O6     
78  N  N1     . DG  A 3  ? 0.1099 0.1653 0.1156 0.0329  0.0708  -0.0354 3   DG  A N1     
79  C  C2     . DG  A 3  ? 0.0979 0.1626 0.1291 0.0263  0.0717  -0.0309 3   DG  A C2     
80  N  N2     . DG  A 3  ? 0.1366 0.1659 0.1213 0.0321  0.0708  -0.0234 3   DG  A N2     
81  N  N3     . DG  A 3  ? 0.1073 0.1692 0.1209 0.0359  0.0666  -0.0405 3   DG  A N3     
82  C  C4     . DG  A 3  ? 0.1072 0.1737 0.1149 0.0271  0.0688  -0.0291 3   DG  A C4     
83  H  "H5'"  . DG  A 3  ? 0.1137 0.2050 0.1467 0.0076  0.0682  -0.0405 3   DG  A "H5'"  
84  H  "H5''" . DG  A 3  ? 0.1200 0.2079 0.1428 0.0196  0.0716  -0.0439 3   DG  A "H5''" 
85  H  "H4'"  . DG  A 3  ? 0.1190 0.1980 0.1326 0.0265  0.0739  -0.0603 3   DG  A "H4'"  
86  H  "H3'"  . DG  A 3  ? 0.1249 0.2043 0.1296 0.0369  0.0713  -0.0549 3   DG  A "H3'"  
87  H  "H2'"  . DG  A 3  ? 0.1266 0.1806 0.1234 0.0379  0.0648  -0.0499 3   DG  A "H2'"  
88  H  "H2''" . DG  A 3  ? 0.1254 0.1844 0.1242 0.0382  0.0642  -0.0460 3   DG  A "H2''" 
89  H  "H1'"  . DG  A 3  ? 0.1176 0.1700 0.1146 0.0350  0.0651  -0.0402 3   DG  A "H1'"  
90  H  H8     . DG  A 3  ? 0.1090 0.1754 0.1269 0.0356  0.0687  -0.0277 3   DG  A H8     
91  H  H1     . DG  A 3  ? 0.1036 0.1594 0.1175 0.0263  0.0704  -0.0339 3   DG  A H1     
92  H  H21    . DG  A 3  ? 0.1165 0.1649 0.1221 0.0257  0.0661  -0.0274 3   DG  A H21    
93  H  H22    . DG  A 3  ? 0.1216 0.1618 0.1256 0.0259  0.0659  -0.0241 3   DG  A H22    
94  P  P      . DG  A 4  ? 0.1598 0.3302 0.1514 0.0453  0.0812  -0.0966 4   DG  A P      
95  O  OP1    . DG  A 4  ? 0.1648 0.4130 0.2323 0.0195  0.1049  -0.2074 4   DG  A OP1    
96  O  OP2    . DG  A 4  ? 0.1716 0.4396 0.1714 0.0899  0.0906  0.0014  4   DG  A OP2    
97  O  "O5'"  . DG  A 4  ? 0.1314 0.2500 0.1582 0.0427  0.0838  -0.0669 4   DG  A "O5'"  
98  C  "C5'"  . DG  A 4  ? 0.1582 0.2108 0.1814 0.0517  0.0931  -0.0546 4   DG  A "C5'"  
99  C  "C4'"  . DG  A 4  ? 0.1564 0.1932 0.1360 0.0412  0.0835  -0.0348 4   DG  A "C4'"  
100 O  "O4'"  . DG  A 4  ? 0.1529 0.1931 0.1290 0.0325  0.0826  -0.0403 4   DG  A "O4'"  
101 C  "C3'"  . DG  A 4  ? 0.1312 0.2251 0.1561 0.0418  0.0863  -0.0492 4   DG  A "C3'"  
102 O  "O3'"  . DG  A 4  ? 0.1492 0.2645 0.1443 0.0646  0.0910  -0.0419 4   DG  A "O3'"  
103 C  "C2'"  . DG  A 4  ? 0.1456 0.2206 0.1288 0.0411  0.0848  -0.0313 4   DG  A "C2'"  
104 C  "C1'"  . DG  A 4  ? 0.1213 0.2105 0.1279 0.0348  0.0841  -0.0402 4   DG  A "C1'"  
105 N  N9     . DG  A 4  ? 0.1264 0.2004 0.1241 0.0281  0.0861  -0.0411 4   DG  A N9     
106 C  C8     . DG  A 4  ? 0.1090 0.2285 0.1295 0.0446  0.0774  -0.0353 4   DG  A C8     
107 N  N7     . DG  A 4  ? 0.1103 0.2109 0.1311 0.0367  0.0731  -0.0321 4   DG  A N7     
108 C  C5     . DG  A 4  ? 0.1246 0.1683 0.1236 0.0283  0.0643  -0.0254 4   DG  A C5     
109 C  C6     . DG  A 4  ? 0.1236 0.1659 0.1228 0.0265  0.0707  -0.0192 4   DG  A C6     
110 O  O6     . DG  A 4  ? 0.1185 0.1698 0.1391 0.0419  0.0669  -0.0278 4   DG  A O6     
111 N  N1     . DG  A 4  ? 0.1139 0.1665 0.1359 0.0282  0.0613  -0.0219 4   DG  A N1     
112 C  C2     . DG  A 4  ? 0.1127 0.1583 0.1456 0.0302  0.0656  -0.0151 4   DG  A C2     
113 N  N2     . DG  A 4  ? 0.1360 0.1677 0.1624 0.0377  0.0450  -0.0310 4   DG  A N2     
114 N  N3     . DG  A 4  ? 0.1190 0.1668 0.1375 0.0339  0.0654  -0.0305 4   DG  A N3     
115 C  C4     . DG  A 4  ? 0.1267 0.1544 0.1308 0.0439  0.0738  -0.0243 4   DG  A C4     
116 H  "H5'"  . DG  A 4  ? 0.1542 0.2137 0.1713 0.0430  0.0789  -0.0499 4   DG  A "H5'"  
117 H  "H5''" . DG  A 4  ? 0.1575 0.2118 0.1799 0.0373  0.0827  -0.0583 4   DG  A "H5''" 
118 H  "H4'"  . DG  A 4  ? 0.1463 0.2015 0.1356 0.0432  0.0801  -0.0366 4   DG  A "H4'"  
119 H  "H3'"  . DG  A 4  ? 0.1388 0.2194 0.1441 0.0446  0.0853  -0.0380 4   DG  A "H3'"  
120 H  "H2'"  . DG  A 4  ? 0.1421 0.2145 0.1288 0.0367  0.0832  -0.0351 4   DG  A "H2'"  
121 H  "H2''" . DG  A 4  ? 0.1391 0.2141 0.1377 0.0349  0.0780  -0.0378 4   DG  A "H2''" 
122 H  "H1'"  . DG  A 4  ? 0.1253 0.1977 0.1219 0.0318  0.0801  -0.0359 4   DG  A "H1'"  
123 H  H8     . DG  A 4  ? 0.1170 0.2158 0.1299 0.0391  0.0787  -0.0343 4   DG  A H8     
124 H  H1     . DG  A 4  ? 0.1143 0.1583 0.1361 0.0236  0.0614  -0.0179 4   DG  A H1     
125 H  H21    . DG  A 4  ? 0.1269 0.1594 0.1625 0.0328  0.0357  -0.0151 4   DG  A H21    
126 H  H22    . DG  A 4  ? 0.1215 0.1556 0.1593 0.0276  0.0438  -0.0211 4   DG  A H22    
127 P  P      . DC  A 5  ? 0.1532 0.2841 0.1543 0.0636  0.0946  -0.0499 5   DC  A P      
128 O  OP1    . DC  A 5  ? 0.2311 0.2922 0.1732 0.0595  0.1098  -0.0906 5   DC  A OP1    
129 O  OP2    . DC  A 5  ? 0.1571 0.3289 0.1681 0.0477  0.0989  0.0021  5   DC  A OP2    
130 O  "O5'"  . DC  A 5  ? 0.1521 0.2369 0.1535 0.0396  0.0752  -0.0171 5   DC  A "O5'"  
131 C  "C5'"  . DC  A 5  ? 0.1600 0.2232 0.1489 0.0709  0.0682  -0.0442 5   DC  A "C5'"  
132 C  "C4'"  . DC  A 5  ? 0.1439 0.2374 0.1600 0.0538  0.0712  0.0026  5   DC  A "C4'"  
133 O  "O4'"  . DC  A 5  ? 0.1792 0.1736 0.2014 0.0497  0.0617  -0.0308 5   DC  A "O4'"  
134 C  "C3'"  . DC  A 5  ? 0.1301 0.2588 0.2383 0.0249  0.0915  -0.0438 5   DC  A "C3'"  
135 O  "O3'"  . DC  A 5  ? 0.1630 0.1918 0.1671 0.0632  0.0955  -0.0330 5   DC  A "O3'"  
136 C  "C2'"  . DC  A 5  ? 0.2431 0.1968 0.1977 0.0613  0.1198  -0.0305 5   DC  A "C2'"  
137 C  "C1'"  . DC  A 5  ? 0.1822 0.2346 0.1481 0.0522  0.0638  -0.0385 5   DC  A "C1'"  
138 N  N1     . DC  A 5  ? 0.1437 0.2185 0.2021 0.0701  0.0946  -0.0141 5   DC  A N1     
139 C  C2     . DC  A 5  ? 0.1176 0.1805 0.2739 0.0342  0.0544  0.0053  5   DC  A C2     
140 O  O2     . DC  A 5  ? 0.1496 0.1957 0.3101 0.0479  0.0319  -0.0450 5   DC  A O2     
141 N  N3     . DC  A 5  ? 0.1269 0.1736 0.2040 0.0297  0.0605  0.0075  5   DC  A N3     
142 C  C4     . DC  A 5  ? 0.1366 0.1571 0.1593 0.0367  0.0827  -0.0173 5   DC  A C4     
143 N  N4     . DC  A 5  ? 0.1341 0.1720 0.1359 0.0399  0.0737  -0.0153 5   DC  A N4     
144 C  C5     . DC  A 5  ? 0.1537 0.1936 0.1729 0.0514  0.0919  -0.0141 5   DC  A C5     
145 C  C6     . DC  A 5  ? 0.2019 0.1592 0.1740 0.0548  0.0962  0.0012  5   DC  A C6     
146 H  "H5'"  . DC  A 5  ? 0.1588 0.2245 0.1598 0.0640  0.0615  -0.0325 5   DC  A "H5'"  
147 H  "H5''" . DC  A 5  ? 0.1527 0.2064 0.1672 0.0726  0.0591  -0.0299 5   DC  A "H5''" 
148 H  "H4'"  . DC  A 5  ? 0.1441 0.2158 0.1631 0.0572  0.0641  -0.0128 5   DC  A "H4'"  
149 H  "H3'"  . DC  A 5  ? 0.1638 0.2285 0.2266 0.0425  0.1014  -0.0362 5   DC  A "H3'"  
150 H  "H2'"  . DC  A 5  ? 0.1890 0.2046 0.1887 0.0442  0.0943  -0.0292 5   DC  A "H2'"  
151 H  "H2''" . DC  A 5  ? 0.2152 0.2142 0.2128 0.0458  0.1142  -0.0334 5   DC  A "H2''" 
152 H  "H1'"  . DC  A 5  ? 0.1693 0.2038 0.1482 0.0557  0.0649  -0.0308 5   DC  A "H1'"  
153 H  H41    . DC  A 5  ? 0.1298 0.1604 0.1391 0.0391  0.0716  -0.0110 5   DC  A H41    
154 H  H42    . DC  A 5  ? 0.1310 0.1571 0.1481 0.0371  0.0750  -0.0124 5   DC  A H42    
155 H  H5     . DC  A 5  ? 0.1571 0.1731 0.1695 0.0482  0.0911  -0.0080 5   DC  A H5     
156 H  H6     . DC  A 5  ? 0.1710 0.1659 0.1834 0.0459  0.0832  -0.0102 5   DC  A H6     
157 P  P      . DG  A 6  ? 0.1798 0.2443 0.1764 0.0543  0.1175  -0.0462 6   DG  A P      
158 O  OP1    . DG  A 6  ? 0.2329 0.2461 0.3459 0.1058  0.2039  -0.0190 6   DG  A OP1    
159 O  OP2    . DG  A 6  ? 0.3219 0.3060 0.1737 -0.0100 0.1295  -0.0686 6   DG  A OP2    
160 O  "O5'"  . DG  A 6  ? 0.1459 0.2337 0.1782 0.0258  0.0624  0.0021  6   DG  A "O5'"  
161 C  "C5'"  . DG  A 6  ? 0.1691 0.2042 0.2066 0.0476  0.0179  -0.0038 6   DG  A "C5'"  
162 C  "C4'"  . DG  A 6  ? 0.1986 0.2120 0.2635 0.0349  -0.0121 0.0199  6   DG  A "C4'"  
163 O  "O4'"  . DG  A 6  ? 0.2883 0.2328 0.1928 0.0798  0.0430  -0.0160 6   DG  A "O4'"  
164 C  "C3'"  . DG  A 6  ? 0.1810 0.2405 0.3128 0.0284  0.0193  0.0778  6   DG  A "C3'"  
165 O  "O3'"  . DG  A 6  ? 0.2081 0.2523 0.4634 -0.0324 -0.0662 0.1260  6   DG  A "O3'"  
166 C  "C2'"  . DG  A 6  ? 0.1605 0.2494 0.2394 0.0392  0.0514  0.0290  6   DG  A "C2'"  
167 C  "C1'"  . DG  A 6  ? 0.2014 0.2088 0.2433 0.0365  0.0167  0.0230  6   DG  A "C1'"  
168 N  N9     . DG  A 6  ? 0.1639 0.1930 0.2117 0.0464  0.0382  -0.0116 6   DG  A N9     
169 C  C8     . DG  A 6  ? 0.1671 0.2093 0.1619 0.0227  0.0607  -0.0109 6   DG  A C8     
170 N  N7     . DG  A 6  ? 0.1676 0.1729 0.1731 0.0418  0.0878  -0.0281 6   DG  A N7     
171 C  C5     . DG  A 6  ? 0.1281 0.1886 0.1465 0.0254  0.0530  0.0019  6   DG  A C5     
172 C  C6     . DG  A 6  ? 0.1745 0.1719 0.1124 0.0159  0.0627  -0.0311 6   DG  A C6     
173 O  O6     . DG  A 6  ? 0.1580 0.1772 0.1197 0.0101  0.0522  -0.0318 6   DG  A O6     
174 N  N1     . DG  A 6  ? 0.1843 0.1887 0.1533 0.0295  0.0201  -0.0219 6   DG  A N1     
175 C  C2     . DG  A 6  ? 0.2347 0.1845 0.1784 0.0235  0.0305  -0.0499 6   DG  A C2     
176 N  N2     . DG  A 6  ? 0.2750 0.2235 0.2117 0.1038  -0.0234 -0.0788 6   DG  A N2     
177 N  N3     . DG  A 6  ? 0.2214 0.1923 0.2091 0.0545  -0.0115 -0.0428 6   DG  A N3     
178 C  C4     . DG  A 6  ? 0.1634 0.1887 0.1575 0.0259  0.0594  -0.0080 6   DG  A C4     
179 H  "H5'"  . DG  A 6  ? 0.1757 0.2121 0.2141 0.0348  0.0194  0.0085  6   DG  A "H5'"  
180 H  "H5''" . DG  A 6  ? 0.1662 0.2054 0.2061 0.0431  0.0120  0.0152  6   DG  A "H5''" 
181 H  "H4'"  . DG  A 6  ? 0.2003 0.2129 0.2460 0.0400  -0.0026 0.0283  6   DG  A "H4'"  
182 H  "H3'"  . DG  A 6  ? 0.1844 0.2397 0.3109 0.0143  0.0075  0.0633  6   DG  A "H3'"  
183 H  "H2'"  . DG  A 6  ? 0.1755 0.2338 0.2509 0.0336  0.0397  0.0358  6   DG  A "H2'"  
184 H  "H2''" . DG  A 6  ? 0.1729 0.2277 0.2628 0.0322  0.0308  0.0326  6   DG  A "H2''" 
185 H  "H1'"  . DG  A 6  ? 0.1943 0.2130 0.2228 0.0378  0.0278  0.0104  6   DG  A "H1'"  
186 H  H8     . DG  A 6  ? 0.1765 0.2021 0.1899 0.0307  0.0506  -0.0083 6   DG  A H8     
187 H  H1     . DG  A 6  ? 0.1900 0.1785 0.1494 0.0268  0.0252  -0.0254 6   DG  A H1     
188 H  H21    . DG  A 6  ? 0.2677 0.1958 0.2037 0.0742  -0.0043 -0.0598 6   DG  A H21    
189 H  H22    . DG  A 6  ? 0.2530 0.1967 0.2119 0.0805  -0.0238 -0.0526 6   DG  A H22    
190 P  P      . DC  A 7  ? 0.2142 0.2436 0.5471 0.0199  -0.0223 0.0879  7   DC  A P      
191 O  OP1    . DC  A 7  ? 0.2140 0.3443 0.7885 -0.0037 -0.1378 0.1692  7   DC  A OP1    
192 O  OP2    . DC  A 7  ? 0.1748 0.2841 0.5969 0.0138  0.1371  0.0643  7   DC  A OP2    
193 O  "O5'"  . DC  A 7  ? 0.1897 0.2150 0.3672 0.0579  0.0237  0.0492  7   DC  A "O5'"  
194 C  "C5'"  . DC  A 7  ? 0.1950 0.2361 0.2524 0.0169  0.0018  0.0589  7   DC  A "C5'"  
195 C  "C4'"  . DC  A 7  ? 0.1911 0.2115 0.1798 0.0209  0.0383  -0.0238 7   DC  A "C4'"  
196 O  "O4'"  . DC  A 7  ? 0.2054 0.2479 0.1637 -0.0120 0.0208  0.0159  7   DC  A "O4'"  
197 C  "C3'"  . DC  A 7  ? 0.1744 0.1999 0.1474 0.0149  0.0385  -0.0160 7   DC  A "C3'"  
198 O  "O3'"  . DC  A 7  ? 0.1733 0.2281 0.1569 0.0249  0.0483  -0.0151 7   DC  A "O3'"  
199 C  "C2'"  . DC  A 7  ? 0.1480 0.1908 0.1529 0.0333  0.0498  -0.0182 7   DC  A "C2'"  
200 C  "C1'"  . DC  A 7  ? 0.1632 0.2097 0.1506 0.0359  0.0480  -0.0247 7   DC  A "C1'"  
201 N  N1     . DC  A 7  ? 0.1479 0.1920 0.1540 0.0352  0.0539  -0.0190 7   DC  A N1     
202 C  C2     . DC  A 7  ? 0.1704 0.1632 0.1471 0.0397  0.0413  -0.0252 7   DC  A C2     
203 O  O2     . DC  A 7  ? 0.1745 0.1834 0.1800 0.0386  0.0179  -0.0468 7   DC  A O2     
204 N  N3     . DC  A 7  ? 0.1627 0.1724 0.1221 0.0294  0.0512  -0.0258 7   DC  A N3     
205 C  C4     . DC  A 7  ? 0.1844 0.1719 0.1241 0.0283  0.0666  -0.0297 7   DC  A C4     
206 N  N4     . DC  A 7  ? 0.1685 0.1725 0.1242 0.0311  0.0668  -0.0302 7   DC  A N4     
207 C  C5     . DC  A 7  ? 0.1711 0.1738 0.1318 0.0390  0.0589  -0.0204 7   DC  A C5     
208 C  C6     . DC  A 7  ? 0.1584 0.1847 0.1344 0.0479  0.0717  -0.0131 7   DC  A C6     
209 H  "H5'"  . DC  A 7  ? 0.1908 0.2271 0.2548 0.0152  0.0071  0.0490  7   DC  A "H5'"  
210 H  "H5''" . DC  A 7  ? 0.1948 0.2160 0.2525 0.0181  0.0087  0.0397  7   DC  A "H5''" 
211 H  "H4'"  . DC  A 7  ? 0.1856 0.1997 0.1736 0.0058  0.0267  -0.0108 7   DC  A "H4'"  
212 H  "H3'"  . DC  A 7  ? 0.1758 0.1981 0.1652 0.0253  0.0411  -0.0187 7   DC  A "H3'"  
213 H  "H2'"  . DC  A 7  ? 0.1530 0.1915 0.1545 0.0300  0.0419  -0.0131 7   DC  A "H2'"  
214 H  "H2''" . DC  A 7  ? 0.1516 0.1913 0.1516 0.0246  0.0436  -0.0167 7   DC  A "H2''" 
215 H  "H1'"  . DC  A 7  ? 0.1654 0.1924 0.1524 0.0311  0.0411  -0.0227 7   DC  A "H1'"  
216 H  H41    . DC  A 7  ? 0.1725 0.1577 0.1301 0.0210  0.0554  -0.0271 7   DC  A H41    
217 H  H42    . DC  A 7  ? 0.1667 0.1654 0.1324 0.0284  0.0565  -0.0215 7   DC  A H42    
218 H  H5     . DC  A 7  ? 0.1729 0.1694 0.1353 0.0348  0.0547  -0.0214 7   DC  A H5     
219 H  H6     . DC  A 7  ? 0.1570 0.1906 0.1502 0.0465  0.0573  -0.0079 7   DC  A H6     
220 P  P      . DC  A 8  ? 0.1678 0.2401 0.2377 0.0568  0.0615  0.0044  8   DC  A P      
221 O  OP1    . DC  A 8  ? 0.1536 0.3197 0.3147 0.0274  0.0463  0.0445  8   DC  A OP1    
222 O  OP2    . DC  A 8  ? 0.2621 0.2730 0.2920 0.1157  0.1078  0.0203  8   DC  A OP2    
223 O  "O5'"  . DC  A 8  ? 0.1633 0.2100 0.1713 0.0445  0.0695  -0.0274 8   DC  A "O5'"  
224 C  "C5'"  . DC  A 8  ? 0.1514 0.1794 0.1863 0.0360  0.0511  -0.0311 8   DC  A "C5'"  
225 C  "C4'"  . DC  A 8  ? 0.1149 0.2280 0.1585 0.0483  0.0720  -0.0282 8   DC  A "C4'"  
226 O  "O4'"  . DC  A 8  ? 0.1324 0.2770 0.1296 0.0372  0.0718  -0.0601 8   DC  A "O4'"  
227 C  "C3'"  . DC  A 8  ? 0.1365 0.2355 0.1703 0.0402  0.0639  -0.0094 8   DC  A "C3'"  
228 O  "O3'"  . DC  A 8  ? 0.1559 0.2647 0.1633 0.0171  0.0795  -0.0412 8   DC  A "O3'"  
229 C  "C2'"  . DC  A 8  ? 0.1572 0.2164 0.1550 0.0417  0.0755  -0.0346 8   DC  A "C2'"  
230 C  "C1'"  . DC  A 8  ? 0.1371 0.2156 0.1441 0.0588  0.0807  -0.0336 8   DC  A "C1'"  
231 N  N1     . DC  A 8  ? 0.1291 0.1778 0.1434 0.0488  0.0774  -0.0349 8   DC  A N1     
232 C  C2     . DC  A 8  ? 0.1379 0.1832 0.1130 0.0484  0.0717  -0.0428 8   DC  A C2     
233 O  O2     . DC  A 8  ? 0.1334 0.1919 0.1232 0.0418  0.0618  -0.0478 8   DC  A O2     
234 N  N3     . DC  A 8  ? 0.1355 0.1824 0.1117 0.0507  0.0758  -0.0329 8   DC  A N3     
235 C  C4     . DC  A 8  ? 0.1394 0.1902 0.1301 0.0527  0.0682  -0.0240 8   DC  A C4     
236 N  N4     . DC  A 8  ? 0.1542 0.1897 0.1378 0.0579  0.0677  -0.0201 8   DC  A N4     
237 C  C5     . DC  A 8  ? 0.1571 0.2131 0.1380 0.0586  0.0742  -0.0214 8   DC  A C5     
238 C  C6     . DC  A 8  ? 0.1309 0.2075 0.1437 0.0488  0.0678  -0.0301 8   DC  A C6     
239 H  "H5'"  . DC  A 8  ? 0.1505 0.1994 0.1799 0.0321  0.0521  -0.0213 8   DC  A "H5'"  
240 H  "H5''" . DC  A 8  ? 0.1452 0.1877 0.1743 0.0343  0.0580  -0.0269 8   DC  A "H5''" 
241 H  "H4'"  . DC  A 8  ? 0.1272 0.2234 0.1585 0.0399  0.0643  -0.0295 8   DC  A "H4'"  
242 H  "H3'"  . DC  A 8  ? 0.1389 0.2383 0.1631 0.0453  0.0653  -0.0157 8   DC  A "H3'"  
243 H  "H2'"  . DC  A 8  ? 0.1428 0.2166 0.1526 0.0434  0.0711  -0.0280 8   DC  A "H2'"  
244 H  "H2''" . DC  A 8  ? 0.1472 0.2239 0.1577 0.0459  0.0717  -0.0295 8   DC  A "H2''" 
245 H  "H1'"  . DC  A 8  ? 0.1331 0.2123 0.1322 0.0498  0.0717  -0.0349 8   DC  A "H1'"  
246 H  H41    . DC  A 8  ? 0.1466 0.1918 0.1269 0.0550  0.0630  -0.0181 8   DC  A H41    
247 H  H42    . DC  A 8  ? 0.1543 0.1856 0.1301 0.0556  0.0673  -0.0170 8   DC  A H42    
248 H  H5     . DC  A 8  ? 0.1495 0.2125 0.1357 0.0559  0.0679  -0.0216 8   DC  A H5     
249 H  H6     . DC  A 8  ? 0.1339 0.2058 0.1435 0.0515  0.0653  -0.0260 8   DC  A H6     
250 P  P      A DG  A 9  ? 0.1653 0.3974 0.2316 -0.0003 0.0869  0.0186  9   DG  A P      
251 P  P      B DG  A 9  ? 0.1339 0.3768 0.2277 0.0105  0.0951  0.0173  9   DG  A P      
252 O  OP1    A DG  A 9  ? 0.3367 0.4558 0.3589 -0.1267 0.0412  0.0637  9   DG  A OP1    
253 O  OP1    B DG  A 9  ? 0.1909 0.3865 0.2474 -0.0885 0.1028  -0.0280 9   DG  A OP1    
254 O  OP2    A DG  A 9  ? 0.2908 0.4074 0.3184 0.0455  0.1131  0.0465  9   DG  A OP2    
255 O  OP2    B DG  A 9  ? 0.2155 0.5114 0.2264 0.0912  0.0458  0.0212  9   DG  A OP2    
256 O  "O5'"  A DG  A 9  ? 0.1789 0.2872 0.1920 0.0341  0.1072  -0.0420 9   DG  A "O5'"  
257 O  "O5'"  B DG  A 9  ? 0.1737 0.2687 0.1874 0.0347  0.1028  -0.0304 9   DG  A "O5'"  
258 C  "C5'"  A DG  A 9  ? 0.2345 0.2722 0.1677 0.0616  0.0788  -0.0432 9   DG  A "C5'"  
259 C  "C5'"  B DG  A 9  ? 0.2153 0.2476 0.1658 0.0669  0.0835  -0.0311 9   DG  A "C5'"  
260 C  "C4'"  A DG  A 9  ? 0.2262 0.2569 0.2002 0.0364  0.0664  -0.0200 9   DG  A "C4'"  
261 C  "C4'"  B DG  A 9  ? 0.2834 0.3010 0.1232 0.0083  0.0966  -0.0086 9   DG  A "C4'"  
262 O  "O4'"  A DG  A 9  ? 0.1760 0.2821 0.1610 0.0457  0.1088  -0.0430 9   DG  A "O4'"  
263 O  "O4'"  B DG  A 9  ? 0.2157 0.2792 0.1556 0.0273  0.0689  -0.0504 9   DG  A "O4'"  
264 C  "C3'"  A DG  A 9  ? 0.3275 0.3151 0.1679 -0.0058 0.1363  0.0331  9   DG  A "C3'"  
265 C  "C3'"  B DG  A 9  ? 0.3632 0.3325 0.1790 0.0078  0.1513  -0.0632 9   DG  A "C3'"  
266 O  "O3'"  A DG  A 9  ? 0.5561 0.2998 0.1294 -0.0073 0.1104  0.0367  9   DG  A "O3'"  
267 O  "O3'"  B DG  A 9  ? 0.6380 0.4342 0.2586 0.0533  0.0327  -0.0261 9   DG  A "O3'"  
268 C  "C2'"  A DG  A 9  ? 0.2695 0.2922 0.1928 0.0224  0.1655  -0.0461 9   DG  A "C2'"  
269 C  "C2'"  B DG  A 9  ? 0.2912 0.3245 0.1669 -0.0019 0.1453  -0.0640 9   DG  A "C2'"  
270 C  "C1'"  A DG  A 9  ? 0.2562 0.2627 0.1668 -0.0074 0.0809  -0.0458 9   DG  A "C1'"  
271 C  "C1'"  B DG  A 9  ? 0.2707 0.2668 0.1462 -0.0166 0.0769  -0.0506 9   DG  A "C1'"  
272 N  N9     A DG  A 9  ? 0.2138 0.2422 0.1341 0.0212  0.0664  -0.0491 9   DG  A N9     
273 N  N9     B DG  A 9  ? 0.2147 0.2424 0.1353 0.0204  0.0662  -0.0484 9   DG  A N9     
274 C  C8     A DG  A 9  ? 0.1922 0.2699 0.1578 0.0668  0.0954  -0.0622 9   DG  A C8     
275 C  C8     B DG  A 9  ? 0.1931 0.2835 0.1716 0.0561  0.0858  -0.0465 9   DG  A C8     
276 N  N7     A DG  A 9  ? 0.1854 0.2943 0.1667 0.0497  0.0733  -0.0126 9   DG  A N7     
277 N  N7     B DG  A 9  ? 0.1854 0.2948 0.1685 0.0492  0.0728  -0.0122 9   DG  A N7     
278 C  C5     A DG  A 9  ? 0.1985 0.2356 0.1281 0.0407  0.0661  -0.0324 9   DG  A C5     
279 C  C5     B DG  A 9  ? 0.1989 0.2355 0.1295 0.0410  0.0657  -0.0328 9   DG  A C5     
280 C  C6     A DG  A 9  ? 0.1904 0.2144 0.1247 0.0480  0.0595  -0.0331 9   DG  A C6     
281 C  C6     B DG  A 9  ? 0.1906 0.2141 0.1236 0.0481  0.0599  -0.0338 9   DG  A C6     
282 O  O6     A DG  A 9  ? 0.1974 0.2210 0.1513 0.0701  0.0763  -0.0180 9   DG  A O6     
283 O  O6     B DG  A 9  ? 0.1977 0.2210 0.1508 0.0702  0.0771  -0.0183 9   DG  A O6     
284 N  N1     A DG  A 9  ? 0.1856 0.1904 0.1153 0.0464  0.0528  -0.0338 9   DG  A N1     
285 N  N1     B DG  A 9  ? 0.1862 0.1903 0.1156 0.0463  0.0523  -0.0339 9   DG  A N1     
286 C  C2     A DG  A 9  ? 0.1951 0.2010 0.1008 0.0368  0.0682  -0.0518 9   DG  A C2     
287 C  C2     B DG  A 9  ? 0.1950 0.2008 0.1008 0.0369  0.0682  -0.0520 9   DG  A C2     
288 N  N2     A DG  A 9  ? 0.2263 0.1732 0.1254 0.0582  0.0441  -0.0422 9   DG  A N2     
289 N  N2     B DG  A 9  ? 0.2262 0.1727 0.1250 0.0584  0.0443  -0.0423 9   DG  A N2     
290 N  N3     A DG  A 9  ? 0.2182 0.2048 0.1208 0.0461  0.0602  -0.0413 9   DG  A N3     
291 N  N3     B DG  A 9  ? 0.2182 0.2052 0.1230 0.0462  0.0606  -0.0402 9   DG  A N3     
292 C  C4     A DG  A 9  ? 0.2080 0.2177 0.1081 0.0293  0.0628  -0.0527 9   DG  A C4     
293 C  C4     B DG  A 9  ? 0.2083 0.2187 0.1085 0.0290  0.0632  -0.0518 9   DG  A C4     
294 H  "H5'"  A DG  A 9  ? 0.2179 0.2828 0.1618 0.0339  0.0850  -0.0263 9   DG  A "H5'"  
295 H  "H5'"  B DG  A 9  ? 0.2102 0.2645 0.1618 0.0315  0.0877  -0.0132 9   DG  A "H5'"  
296 H  "H5''" A DG  A 9  ? 0.2243 0.2828 0.1766 0.0503  0.0751  -0.0410 9   DG  A "H5''" 
297 H  "H5''" B DG  A 9  ? 0.2168 0.2682 0.1614 0.0446  0.0843  -0.0261 9   DG  A "H5''" 
298 H  "H4'"  A DG  A 9  ? 0.2305 0.2660 0.1681 0.0391  0.0859  -0.0125 9   DG  A "H4'"  
299 H  "H4'"  B DG  A 9  ? 0.2591 0.2946 0.1398 0.0211  0.0925  -0.0285 9   DG  A "H4'"  
300 H  "H3'"  A DG  A 9  ? 0.3228 0.2971 0.1780 0.0055  0.1180  -0.0040 9   DG  A "H3'"  
301 H  "H3'"  B DG  A 9  ? 0.3696 0.3359 0.1664 0.0062  0.1279  -0.0374 9   DG  A "H3'"  
302 H  "H2'"  A DG  A 9  ? 0.2872 0.3002 0.1851 0.0000  0.1472  -0.0449 9   DG  A "H2'"  
303 H  "H2'"  B DG  A 9  ? 0.2981 0.3186 0.1599 -0.0090 0.1378  -0.0642 9   DG  A "H2'"  
304 H  "H2''" A DG  A 9  ? 0.3028 0.3025 0.1634 -0.0017 0.1344  -0.0533 9   DG  A "H2''" 
305 H  "H2''" B DG  A 9  ? 0.2945 0.3232 0.1448 -0.0085 0.1254  -0.0648 9   DG  A "H2''" 
306 H  "H1'"  A DG  A 9  ? 0.2309 0.2651 0.1602 0.0150  0.0956  -0.0434 9   DG  A "H1'"  
307 H  "H1'"  B DG  A 9  ? 0.2435 0.2685 0.1493 0.0065  0.0852  -0.0470 9   DG  A "H1'"  
308 H  H8     A DG  A 9  ? 0.1953 0.2686 0.1659 0.0450  0.0784  -0.0391 9   DG  A H8     
309 H  H8     B DG  A 9  ? 0.1954 0.2709 0.1666 0.0421  0.0764  -0.0362 9   DG  A H8     
310 H  H1     A DG  A 9  ? 0.1898 0.1892 0.1141 0.0396  0.0545  -0.0372 9   DG  A H1     
311 H  H1     B DG  A 9  ? 0.1902 0.1894 0.1141 0.0395  0.0543  -0.0372 9   DG  A H1     
312 H  H21    A DG  A 9  ? 0.2163 0.1745 0.1119 0.0538  0.0443  -0.0442 9   DG  A H21    
313 H  H21    B DG  A 9  ? 0.2162 0.1744 0.1117 0.0539  0.0445  -0.0442 9   DG  A H21    
314 H  H22    A DG  A 9  ? 0.2263 0.1766 0.1140 0.0531  0.0449  -0.0468 9   DG  A H22    
315 H  H22    B DG  A 9  ? 0.2262 0.1765 0.1139 0.0532  0.0449  -0.0468 9   DG  A H22    
316 P  P      A DA  A 10 ? 0.8461 0.4015 0.1552 0.0325  0.3142  0.0499  10  DA  A P      
317 P  P      B DA  A 10 ? 1.0686 0.3239 0.2883 0.0517  0.2843  0.0209  10  DA  A P      
318 O  OP1    A DA  A 10 ? 0.7710 1.0508 0.5139 0.1170  0.2850  -0.1959 10  DA  A OP1    
319 O  OP1    B DA  A 10 ? 0.6693 0.8756 0.2285 -0.1739 0.3615  -0.1099 10  DA  A OP1    
320 O  OP2    A DA  A 10 ? 0.5489 0.6706 0.3459 0.0979  0.1849  -0.0115 10  DA  A OP2    
321 O  OP2    B DA  A 10 ? 0.7730 0.4960 0.4768 -0.0553 0.1295  -0.0347 10  DA  A OP2    
322 O  "O5'"  A DA  A 10 ? 0.6419 0.2980 0.4875 0.0116  0.3709  0.0961  10  DA  A "O5'"  
323 O  "O5'"  B DA  A 10 ? 0.5775 0.4135 0.5192 0.0773  0.1883  -0.0283 10  DA  A "O5'"  
324 C  "C5'"  A DA  A 10 ? 0.5922 0.4018 0.2271 0.0069  0.0833  -0.0369 10  DA  A "C5'"  
325 C  "C5'"  B DA  A 10 ? 0.4854 0.3599 0.2306 -0.0637 0.1931  0.0009  10  DA  A "C5'"  
326 C  "C4'"  A DA  A 10 ? 0.4171 0.3064 0.2800 -0.0038 0.1930  -0.0052 10  DA  A "C4'"  
327 C  "C4'"  B DA  A 10 ? 0.3754 0.3194 0.1914 -0.0114 0.2084  0.0127  10  DA  A "C4'"  
328 O  "O4'"  A DA  A 10 ? 0.2971 0.3328 0.2559 0.1056  0.1215  -0.0279 10  DA  A "O4'"  
329 O  "O4'"  B DA  A 10 ? 0.2661 0.3575 0.2104 0.0369  0.1769  0.0306  10  DA  A "O4'"  
330 C  "C3'"  A DA  A 10 ? 0.4614 0.3575 0.3450 0.0623  0.1681  0.0232  10  DA  A "C3'"  
331 C  "C3'"  B DA  A 10 ? 0.3431 0.3586 0.3581 0.0465  0.2160  0.0345  10  DA  A "C3'"  
332 O  "O3'"  A DA  A 10 ? 0.5024 0.4261 0.4582 0.0534  0.2118  -0.1070 10  DA  A "O3'"  
333 O  "O3'"  B DA  A 10 ? 0.5154 0.3253 0.4328 0.0306  0.2899  0.0604  10  DA  A "O3'"  
334 C  "C2'"  A DA  A 10 ? 0.2855 0.4047 0.3512 0.0497  0.1054  0.1008  10  DA  A "C2'"  
335 C  "C2'"  B DA  A 10 ? 0.2784 0.4617 0.3638 0.0525  0.1556  0.1543  10  DA  A "C2'"  
336 C  "C1'"  A DA  A 10 ? 0.2256 0.3530 0.2751 0.1019  0.1685  0.0411  10  DA  A "C1'"  
337 C  "C1'"  B DA  A 10 ? 0.2981 0.3553 0.2396 0.0778  0.1626  0.0526  10  DA  A "C1'"  
338 N  N9     A DA  A 10 ? 0.2327 0.3151 0.2350 0.0614  0.1266  0.0254  10  DA  A N9     
339 N  N9     B DA  A 10 ? 0.2392 0.3121 0.2263 0.0582  0.1320  0.0291  10  DA  A N9     
340 C  C8     A DA  A 10 ? 0.2484 0.3110 0.1799 0.0575  0.0993  -0.0283 10  DA  A C8     
341 C  C8     B DA  A 10 ? 0.2543 0.3069 0.1845 0.0580  0.1019  -0.0250 10  DA  A C8     
342 N  N7     A DA  A 10 ? 0.1917 0.3050 0.1694 0.0497  0.1014  -0.0357 10  DA  A N7     
343 N  N7     B DA  A 10 ? 0.2070 0.2981 0.1587 0.0435  0.1053  -0.0379 10  DA  A N7     
344 C  C5     A DA  A 10 ? 0.1886 0.2170 0.1759 0.0656  0.0984  -0.0383 10  DA  A C5     
345 C  C5     B DA  A 10 ? 0.1570 0.2201 0.1794 0.0730  0.1076  -0.0334 10  DA  A C5     
346 C  C6     A DA  A 10 ? 0.1531 0.1992 0.1782 0.0396  0.0934  -0.0320 10  DA  A C6     
347 C  C6     B DA  A 10 ? 0.1492 0.1943 0.1619 0.0463  0.1058  -0.0444 10  DA  A C6     
348 N  N6     A DA  A 10 ? 0.1434 0.2055 0.1577 0.0488  0.0704  -0.0542 10  DA  A N6     
349 N  N6     B DA  A 10 ? 0.1481 0.1917 0.1478 0.0540  0.0724  -0.0648 10  DA  A N6     
350 N  N1     A DA  A 10 ? 0.1642 0.2460 0.2065 0.0323  0.0951  -0.0619 10  DA  A N1     
351 N  N1     B DA  A 10 ? 0.1687 0.2461 0.1846 0.0392  0.1061  -0.0725 10  DA  A N1     
352 C  C2     A DA  A 10 ? 0.1356 0.2655 0.2644 0.0277  0.1117  -0.0374 10  DA  A C2     
353 C  C2     B DA  A 10 ? 0.1431 0.2710 0.2510 0.0219  0.1068  -0.0316 10  DA  A C2     
354 N  N3     A DA  A 10 ? 0.2362 0.2643 0.3081 0.0484  0.1271  -0.0478 10  DA  A N3     
355 N  N3     B DA  A 10 ? 0.2177 0.2771 0.2869 0.0137  0.1350  -0.0198 10  DA  A N3     
356 C  C4     A DA  A 10 ? 0.2161 0.2438 0.2462 0.0567  0.1151  -0.0270 10  DA  A C4     
357 C  C4     B DA  A 10 ? 0.2169 0.2473 0.2336 0.0473  0.1149  -0.0316 10  DA  A C4     
358 H  "H5'"  A DA  A 10 ? 0.5411 0.3599 0.2452 0.0154  0.1244  0.0026  10  DA  A "H5'"  
359 H  "H5'"  B DA  A 10 ? 0.4490 0.3363 0.2021 -0.0129 0.1743  0.0314  10  DA  A "H5'"  
360 H  "H5''" A DA  A 10 ? 0.5887 0.3897 0.2964 0.0272  0.1194  -0.0032 10  DA  A "H5''" 
361 H  "H5''" B DA  A 10 ? 0.4234 0.3774 0.2375 -0.0147 0.1923  0.0051  10  DA  A "H5''" 
362 H  "H4'"  A DA  A 10 ? 0.4058 0.3494 0.2902 0.0238  0.1581  0.0005  10  DA  A "H4'"  
363 H  "H4'"  B DA  A 10 ? 0.3690 0.3532 0.2406 0.0015  0.1884  0.0148  10  DA  A "H4'"  
364 H  "H3'"  A DA  A 10 ? 0.4067 0.3626 0.3600 0.0415  0.1709  0.0173  10  DA  A "H3'"  
365 H  "H3'"  B DA  A 10 ? 0.3640 0.3677 0.3522 0.0282  0.2099  0.0526  10  DA  A "H3'"  
366 H  "HO3'" A DA  A 10 ? 0.3714 0.4130 0.3483 0.0308  0.1135  0.0037  10  DA  A "HO3'" 
367 H  "HO3'" B DA  A 10 ? 0.3970 0.3636 0.3561 0.0332  0.2155  0.0337  10  DA  A "HO3'" 
368 H  "H2'"  A DA  A 10 ? 0.2794 0.3835 0.3365 0.0525  0.1326  0.0727  10  DA  A "H2'"  
369 H  "H2'"  B DA  A 10 ? 0.3182 0.4128 0.3415 0.0593  0.1703  0.1010  10  DA  A "H2'"  
370 H  "H2''" A DA  A 10 ? 0.2918 0.4177 0.3408 0.0540  0.1362  0.0890  10  DA  A "H2''" 
371 H  "H2''" B DA  A 10 ? 0.3168 0.4557 0.3503 0.0381  0.1476  0.1003  10  DA  A "H2''" 
372 H  "H1'"  A DA  A 10 ? 0.2597 0.3539 0.2886 0.0838  0.1513  0.0439  10  DA  A "H1'"  
373 H  "H1'"  B DA  A 10 ? 0.2755 0.3613 0.2545 0.0680  0.1568  0.0591  10  DA  A "H1'"  
374 H  H8     A DA  A 10 ? 0.2315 0.3003 0.1797 0.0589  0.1021  -0.0104 10  DA  A H8     
375 H  H8     B DA  A 10 ? 0.2348 0.2983 0.1826 0.0592  0.1055  -0.0092 10  DA  A H8     
376 H  H61    A DA  A 10 ? 0.1407 0.1903 0.1592 0.0431  0.0755  -0.0475 10  DA  A H61    
377 H  H61    B DA  A 10 ? 0.1422 0.1836 0.1502 0.0475  0.0791  -0.0552 10  DA  A H61    
378 H  H62    A DA  A 10 ? 0.1396 0.1937 0.1604 0.0498  0.0724  -0.0452 10  DA  A H62    
379 H  H62    B DA  A 10 ? 0.1413 0.1860 0.1515 0.0538  0.0754  -0.0521 10  DA  A H62    
380 H  H2     A DA  A 10 ? 0.1616 0.2547 0.2491 0.0289  0.1076  -0.0464 10  DA  A H2     
381 H  H2     B DA  A 10 ? 0.1605 0.2595 0.2385 0.0222  0.1071  -0.0419 10  DA  A H2     
382 BA BA     . BA  B .  ? 0.1173 0.1796 0.1287 0.0360  0.0728  -0.0218 101 BA  A BA     
383 N  N1     A RCZ C .  ? 0.1221 0.1436 0.1188 0.0689  0.0477  -0.0357 102 RCZ A N1     
384 N  N1     B RCZ C .  ? 0.1714 0.1867 0.1349 0.0611  0.0944  -0.0419 102 RCZ A N1     
385 C  C6     A RCZ C .  ? 0.1669 0.1716 0.1143 0.0880  0.0502  -0.0453 102 RCZ A C6     
386 C  C6     B RCZ C .  ? 0.2026 0.2661 0.1461 0.0646  0.1043  -0.0757 102 RCZ A C6     
387 C  C5     A RCZ C .  ? 0.1611 0.1790 0.0920 0.0715  0.0587  -0.0383 102 RCZ A C5     
388 C  C5     B RCZ C .  ? 0.2310 0.2288 0.1595 0.0542  0.0886  -0.0754 102 RCZ A C5     
389 C  C4     A RCZ C .  ? 0.1821 0.1719 0.0904 0.0651  0.0507  -0.0269 102 RCZ A C4     
390 C  C4     B RCZ C .  ? 0.2336 0.2605 0.2465 -0.0035 0.0567  -0.0525 102 RCZ A C4     
391 N  N4     A RCZ C .  ? 0.1565 0.2365 0.1436 0.0758  0.0457  -0.0649 102 RCZ A N4     
392 N  N4     B RCZ C .  ? 0.2624 0.3092 0.2007 0.0935  0.0715  -0.0213 102 RCZ A N4     
393 N  N3     A RCZ C .  ? 0.1803 0.1999 0.1188 0.1024  0.0585  -0.0467 102 RCZ A N3     
394 N  N3     B RCZ C .  ? 0.2352 0.2788 0.2184 0.0978  0.0748  -0.0511 102 RCZ A N3     
395 C  C2     A RCZ C .  ? 0.1739 0.1372 0.0824 0.0359  0.0633  -0.0405 102 RCZ A C2     
396 C  C2     B RCZ C .  ? 0.2008 0.2718 0.1297 -0.0031 0.0739  -0.0368 102 RCZ A C2     
397 CL CL     A RCZ C .  ? 0.2219 0.4701 0.3546 0.1423  0.0175  -0.0829 102 RCZ A CL     
398 CL CL     B RCZ C .  ? 0.2448 0.4028 0.4142 0.1431  -0.0006 0.0791  102 RCZ A CL     
399 C  C18    A RCZ C .  ? 0.2191 0.4019 0.2083 0.1933  0.0467  -0.0203 102 RCZ A C18    
400 C  C18    B RCZ C .  ? 0.2656 0.2293 0.2832 0.0576  0.0188  0.0140  102 RCZ A C18    
401 C  C14    A RCZ C .  ? 0.1684 0.2817 0.1678 0.1123  0.0438  -0.0697 102 RCZ A C14    
402 C  C14    B RCZ C .  ? 0.2673 0.2800 0.2908 0.0744  0.0356  0.0084  102 RCZ A C14    
403 C  C13    A RCZ C .  ? 0.1436 0.2257 0.1785 0.0987  0.0227  -0.0627 102 RCZ A C13    
404 C  C13    B RCZ C .  ? 0.2848 0.2669 0.1980 0.1042  0.0607  -0.0302 102 RCZ A C13    
405 C  C15    A RCZ C .  ? 0.2096 0.2161 0.1749 0.1074  0.0319  -0.0444 102 RCZ A C15    
406 C  C15    B RCZ C .  ? 0.2587 0.2358 0.1859 0.1214  0.0956  -0.0841 102 RCZ A C15    
407 C  C16    A RCZ C .  ? 0.2216 0.3436 0.1799 0.1757  0.0350  -0.0422 102 RCZ A C16    
408 C  C16    B RCZ C .  ? 0.2733 0.2611 0.2548 0.0215  0.0405  0.0040  102 RCZ A C16    
409 C  C17    A RCZ C .  ? 0.2178 0.3979 0.2363 0.1695  0.0309  0.0270  102 RCZ A C17    
410 C  C17    B RCZ C .  ? 0.2454 0.2541 0.2292 0.0299  0.0390  -0.0322 102 RCZ A C17    
411 C  C7     A RCZ C .  ? 0.1559 0.1889 0.1110 0.0694  0.0564  -0.0582 102 RCZ A C7     
412 C  C7     B RCZ C .  ? 0.2199 0.2745 0.1545 0.0587  0.0820  -0.0443 102 RCZ A C7     
413 C  C8     A RCZ C .  ? 0.1327 0.1673 0.1231 0.0535  0.0586  -0.0512 102 RCZ A C8     
414 C  C8     B RCZ C .  ? 0.2107 0.2245 0.1101 0.0787  0.0888  -0.0459 102 RCZ A C8     
415 C  C9     A RCZ C .  ? 0.1237 0.1674 0.1472 0.0521  0.0572  -0.0523 102 RCZ A C9     
416 C  C9     B RCZ C .  ? 0.2113 0.2100 0.1419 0.1042  0.0897  -0.0438 102 RCZ A C9     
417 C  C11    A RCZ C .  ? 0.1485 0.1744 0.1646 0.0224  0.0439  -0.0278 102 RCZ A C11    
418 C  C11    B RCZ C .  ? 0.2078 0.1640 0.1986 0.0660  0.0776  -0.0400 102 RCZ A C11    
419 C  C12    A RCZ C .  ? 0.1278 0.1465 0.1315 0.0472  0.0653  -0.0501 102 RCZ A C12    
420 C  C12    B RCZ C .  ? 0.1959 0.1835 0.1730 0.0674  0.0845  -0.0246 102 RCZ A C12    
421 C  C10    A RCZ C .  ? 0.1377 0.1520 0.1077 0.0516  0.0542  -0.0512 102 RCZ A C10    
422 C  C10    B RCZ C .  ? 0.2145 0.1925 0.1101 0.0566  0.0639  -0.0783 102 RCZ A C10    
423 RU RU     A RCZ C .  ? 0.1314 0.1510 0.0923 0.0475  0.0598  -0.0320 102 RCZ A RU     
424 RU RU     B RCZ C .  ? 0.1779 0.2256 0.1372 0.0722  0.0923  -0.0529 102 RCZ A RU     
425 N  N2     A RCZ C .  ? 0.1469 0.1443 0.0866 0.0503  0.0591  -0.0316 102 RCZ A N2     
426 N  N2     B RCZ C .  ? 0.1936 0.2822 0.0975 -0.0073 0.1033  -0.0521 102 RCZ A N2     
427 C  C3     A RCZ C .  ? 0.1712 0.1807 0.0788 0.0440  0.0720  -0.0287 102 RCZ A C3     
428 C  C3     B RCZ C .  ? 0.2160 0.2482 0.1640 -0.0050 0.0860  -0.0710 102 RCZ A C3     
429 C  C1     A RCZ C .  ? 0.1487 0.1705 0.0813 0.0611  0.0466  -0.0434 102 RCZ A C1     
430 C  C1     B RCZ C .  ? 0.2394 0.2472 0.1029 -0.0105 0.1049  -0.0813 102 RCZ A C1     
431 N  N5     A RCZ C .  ? 0.0997 0.1479 0.1101 0.0360  0.0585  -0.0262 102 RCZ A N5     
432 N  N5     B RCZ C .  ? 0.3199 0.2604 0.1064 0.0047  -0.0154 -0.0354 102 RCZ A N5     
433 C  C20    A RCZ C .  ? 0.1057 0.1613 0.1022 0.0320  0.0668  -0.0248 102 RCZ A C20    
434 C  C20    B RCZ C .  ? 0.2847 0.2437 0.1492 -0.0015 0.0334  -0.0541 102 RCZ A C20    
435 C  C21    A RCZ C .  ? 0.1054 0.1725 0.1286 0.0297  0.0578  -0.0387 102 RCZ A C21    
436 C  C21    B RCZ C .  ? 0.2920 0.2631 0.1737 0.0223  0.0358  -0.0610 102 RCZ A C21    
437 N  N6     A RCZ C .  ? 0.1078 0.1599 0.1057 0.0190  0.0726  -0.0293 102 RCZ A N6     
438 N  N6     B RCZ C .  ? 0.2806 0.2380 0.1630 0.1206  0.0309  -0.0564 102 RCZ A N6     
439 C  C19    A RCZ C .  ? 0.0943 0.1394 0.1092 0.0287  0.0572  -0.0373 102 RCZ A C19    
440 C  C19    B RCZ C .  ? 0.3059 0.1588 0.1697 0.1382  -0.0029 -0.0566 102 RCZ A C19    
441 C  C22    A RCZ C .  ? 0.0964 0.1701 0.1031 0.0149  0.0677  -0.0292 102 RCZ A C22    
442 C  C22    B RCZ C .  ? 0.2956 0.2280 0.1519 0.1254  0.0396  -0.0300 102 RCZ A C22    
443 C  C23    A RCZ C .  ? 0.0984 0.1861 0.0978 0.0205  0.0633  -0.0348 102 RCZ A C23    
444 C  C23    B RCZ C .  ? 0.2866 0.1404 0.2469 0.1151  0.0144  -0.0234 102 RCZ A C23    
445 C  C24    A RCZ C .  ? 0.1019 0.1797 0.1040 0.0355  0.0627  -0.0326 102 RCZ A C24    
446 C  C24    B RCZ C .  ? 0.2060 0.2105 0.1626 0.1198  0.1011  -0.0254 102 RCZ A C24    
447 C  C25    A RCZ C .  ? 0.1040 0.1427 0.1000 0.0290  0.0606  -0.0323 102 RCZ A C25    
448 C  C25    B RCZ C .  ? 0.2099 0.2790 0.1557 0.0760  0.1294  -0.0407 102 RCZ A C25    
449 N  N7     A RCZ C .  ? 0.0975 0.1444 0.1253 0.0397  0.0579  -0.0235 102 RCZ A N7     
450 N  N7     B RCZ C .  ? 0.2620 0.2618 0.2377 0.0456  0.0403  0.0457  102 RCZ A N7     
451 C  C27    A RCZ C .  ? 0.1161 0.1466 0.1207 0.0422  0.0681  -0.0352 102 RCZ A C27    
452 C  C27    B RCZ C .  ? 0.2248 0.2482 0.2302 0.0494  0.0402  0.0526  102 RCZ A C27    
453 C  C28    A RCZ C .  ? 0.1400 0.1292 0.0999 0.0595  0.0605  -0.0244 102 RCZ A C28    
454 C  C28    B RCZ C .  ? 0.2152 0.2908 0.2397 0.0482  0.0696  0.0371  102 RCZ A C28    
455 C  C26    A RCZ C .  ? 0.1248 0.1307 0.0804 0.0341  0.0505  -0.0353 102 RCZ A C26    
456 C  C26    B RCZ C .  ? 0.1743 0.2314 0.1873 0.0762  0.0938  -0.0044 102 RCZ A C26    
457 N  N8     A RCZ C .  ? 0.1221 0.1517 0.0691 0.0454  0.0538  -0.0128 102 RCZ A N8     
458 N  N8     B RCZ C .  ? 0.1924 0.2081 0.2543 0.1209  0.1321  -0.0134 102 RCZ A N8     
459 N  N9     A RCZ C .  ? 0.1473 0.1595 0.1331 0.0700  0.0812  -0.0106 102 RCZ A N9     
460 N  N9     B RCZ C .  ? 0.1418 0.1948 0.1746 0.0576  0.0874  -0.0294 102 RCZ A N9     
461 C  C30    A RCZ C .  ? 0.2455 0.1514 0.1337 0.0855  0.0573  -0.0427 102 RCZ A C30    
462 C  C30    B RCZ C .  ? 0.1614 0.2209 0.1172 0.0527  0.0917  -0.0335 102 RCZ A C30    
463 C  C31    A RCZ C .  ? 0.2544 0.1942 0.1292 0.1057  0.0197  -0.0656 102 RCZ A C31    
464 C  C31    B RCZ C .  ? 0.1608 0.2313 0.1525 0.0308  0.1113  -0.0551 102 RCZ A C31    
465 N  N10    A RCZ C .  ? 0.2734 0.2536 0.1190 0.1113  0.0298  -0.0750 102 RCZ A N10    
466 N  N10    B RCZ C .  ? 0.1700 0.2089 0.1528 0.0664  0.0744  -0.0828 102 RCZ A N10    
467 C  C32    A RCZ C .  ? 0.1899 0.2339 0.1051 0.1230  0.0801  -0.0090 102 RCZ A C32    
468 C  C32    B RCZ C .  ? 0.1415 0.2140 0.1257 0.0200  0.0971  -0.0429 102 RCZ A C32    
469 C  C29    A RCZ C .  ? 0.1663 0.2205 0.0924 0.0576  0.0889  -0.0076 102 RCZ A C29    
470 C  C29    B RCZ C .  ? 0.1326 0.2730 0.0925 0.0309  0.0804  -0.0174 102 RCZ A C29    
471 C  C33    A RCZ C .  ? 0.2163 0.2810 0.1222 0.0858  0.1255  0.0003  102 RCZ A C33    
472 C  C33    B RCZ C .  ? 0.1146 0.2423 0.1413 0.0360  0.0881  -0.0414 102 RCZ A C33    
473 C  C34    A RCZ C .  ? 0.1934 0.2398 0.1267 0.0819  0.1233  0.0164  102 RCZ A C34    
474 C  C34    B RCZ C .  ? 0.1285 0.2330 0.1341 0.0454  0.0915  -0.0317 102 RCZ A C34    
475 C  C35    A RCZ C .  ? 0.1520 0.2124 0.1405 0.0820  0.1071  0.0117  102 RCZ A C35    
476 C  C35    B RCZ C .  ? 0.1145 0.2501 0.1404 0.0482  0.0837  -0.0401 102 RCZ A C35    
477 C  C36    A RCZ C .  ? 0.1614 0.1850 0.0967 0.0854  0.0785  -0.0034 102 RCZ A C36    
478 C  C36    B RCZ C .  ? 0.0557 0.2614 0.2731 0.0492  0.0771  0.0342  102 RCZ A C36    
479 N  N12    A RCZ C .  ? 0.1428 0.1756 0.0885 0.0525  0.0752  -0.0102 102 RCZ A N12    
480 N  N12    B RCZ C .  ? 0.2153 0.2402 0.2601 0.0731  0.0170  -0.0118 102 RCZ A N12    
481 N  N11    A RCZ C .  ? 0.1321 0.2126 0.1493 0.0686  0.1057  0.0151  102 RCZ A N11    
482 N  N11    B RCZ C .  ? 0.1747 0.2159 0.1568 0.0154  0.0782  -0.0178 102 RCZ A N11    
483 C  C37    A RCZ C .  ? 0.1228 0.2158 0.1312 0.0519  0.0659  -0.0107 102 RCZ A C37    
484 C  C37    B RCZ C .  ? 0.1607 0.2850 0.1623 0.0812  0.0719  -0.0586 102 RCZ A C37    
485 C  C38    A RCZ C .  ? 0.1273 0.1803 0.1008 0.0237  0.0824  -0.0173 102 RCZ A C38    
486 C  C38    B RCZ C .  ? 0.1822 0.2211 0.2025 0.1182  0.0661  -0.0766 102 RCZ A C38    
487 H  H4     A RCZ C .  ? 0.1717 0.1721 0.0829 0.0638  0.0539  -0.0281 102 RCZ A H4     
488 H  H4     B RCZ C .  ? 0.2271 0.2528 0.2083 0.0118  0.0704  -0.0543 102 RCZ A H4     
489 H  H2     A RCZ C .  ? 0.1709 0.1503 0.0852 0.0414  0.0668  -0.0322 102 RCZ A H2     
490 H  H2     B RCZ C .  ? 0.2060 0.2662 0.1377 -0.0014 0.0722  -0.0418 102 RCZ A H2     
491 H  H14    A RCZ C .  ? 0.1677 0.2743 0.1789 0.1155  0.0364  -0.0608 102 RCZ A H14    
492 H  H14    B RCZ C .  ? 0.2644 0.2563 0.2688 0.0735  0.0252  -0.0127 102 RCZ A H14    
493 H  H16    A RCZ C .  ? 0.2223 0.3227 0.2015 0.1615  0.0205  -0.0438 102 RCZ A H16    
494 H  H16    B RCZ C .  ? 0.2449 0.2403 0.2243 0.0356  0.0563  -0.0296 102 RCZ A H16    
495 H  H17    A RCZ C .  ? 0.2150 0.3797 0.2032 0.1709  0.0266  -0.0006 102 RCZ A H17    
496 H  H17    B RCZ C .  ? 0.2470 0.2382 0.2453 0.0308  0.0326  -0.0085 102 RCZ A H17    
497 H  H9     A RCZ C .  ? 0.1231 0.1670 0.1455 0.0409  0.0497  -0.0449 102 RCZ A H9     
498 H  H9     B RCZ C .  ? 0.2080 0.2003 0.1488 0.0906  0.0849  -0.0411 102 RCZ A H9     
499 H  H11    A RCZ C .  ? 0.1401 0.1669 0.1517 0.0283  0.0549  -0.0412 102 RCZ A H11    
500 H  H11    B RCZ C .  ? 0.1995 0.1785 0.1792 0.0697  0.0799  -0.0342 102 RCZ A H11    
501 H  H12    A RCZ C .  ? 0.1353 0.1590 0.1244 0.0436  0.0548  -0.0390 102 RCZ A H12    
502 H  H12    B RCZ C .  ? 0.1966 0.1849 0.1758 0.0616  0.0776  -0.0308 102 RCZ A H12    
503 H  H3     A RCZ C .  ? 0.1715 0.1619 0.0826 0.0455  0.0626  -0.0335 102 RCZ A H3     
504 H  H3     B RCZ C .  ? 0.2280 0.2626 0.1791 -0.0101 0.0804  -0.0523 102 RCZ A H3     
505 H  H20    A RCZ C .  ? 0.1072 0.1563 0.1040 0.0343  0.0614  -0.0281 102 RCZ A H20    
506 H  H20    B RCZ C .  ? 0.2762 0.2507 0.1597 -0.0020 0.0174  -0.0431 102 RCZ A H20    
507 H  H21    A RCZ C .  ? 0.1049 0.1701 0.1152 0.0268  0.0630  -0.0335 102 RCZ A H21    
508 H  H21    B RCZ C .  ? 0.2798 0.2343 0.1747 0.0294  0.0378  -0.0516 102 RCZ A H21    
509 H  H23    A RCZ C .  ? 0.1097 0.1773 0.0961 0.0195  0.0598  -0.0315 102 RCZ A H23    
510 H  H23    B RCZ C .  ? 0.2892 0.1808 0.2217 0.0965  0.0100  -0.0171 102 RCZ A H23    
511 H  H24    A RCZ C .  ? 0.0979 0.1722 0.1021 0.0314  0.0599  -0.0343 102 RCZ A H24    
512 H  H24    B RCZ C .  ? 0.1839 0.2144 0.2113 0.0721  0.0692  -0.0063 102 RCZ A H24    
513 H  H27    A RCZ C .  ? 0.1168 0.1439 0.1159 0.0435  0.0616  -0.0306 102 RCZ A H27    
514 H  H27    B RCZ C .  ? 0.2335 0.2616 0.2309 0.0467  0.0409  0.0388  102 RCZ A H27    
515 H  H28    A RCZ C .  ? 0.1368 0.1427 0.0999 0.0514  0.0559  -0.0270 102 RCZ A H28    
516 H  H28    B RCZ C .  ? 0.2495 0.2624 0.2486 0.0432  0.0332  0.0238  102 RCZ A H28    
517 H  H30    A RCZ C .  ? 0.2341 0.1623 0.1329 0.0752  0.0444  -0.0404 102 RCZ A H30    
518 H  H30    B RCZ C .  ? 0.1641 0.2088 0.1316 0.0495  0.0903  -0.0316 102 RCZ A H30    
519 H  H31    A RCZ C .  ? 0.2508 0.1891 0.1294 0.0918  0.0343  -0.0607 102 RCZ A H31    
520 H  H31    B RCZ C .  ? 0.1843 0.2295 0.1673 0.0403  0.0850  -0.0546 102 RCZ A H31    
521 H  H33    A RCZ C .  ? 0.3020 0.2363 0.1096 0.0852  0.0826  -0.0113 102 RCZ A H33    
522 H  H33    B RCZ C .  ? 0.1512 0.2414 0.1371 0.0183  0.0609  -0.0310 102 RCZ A H33    
523 H  H34    A RCZ C .  ? 0.1859 0.2376 0.1399 0.0759  0.1129  0.0200  102 RCZ A H34    
524 H  H34    B RCZ C .  ? 0.1185 0.2384 0.1374 0.0438  0.0842  -0.0287 102 RCZ A H34    
525 H  H37    A RCZ C .  ? 0.1259 0.1991 0.1266 0.0462  0.0767  -0.0053 102 RCZ A H37    
526 H  H37    B RCZ C .  ? 0.1791 0.2624 0.1750 0.0584  0.0630  -0.0356 102 RCZ A H37    
527 H  H38    A RCZ C .  ? 0.1643 0.1745 0.0914 0.0266  0.0552  -0.0236 102 RCZ A H38    
528 H  H38    B RCZ C .  ? 0.1955 0.2354 0.1798 0.0702  0.0181  -0.0537 102 RCZ A H38    
529 O  O      . HOH D .  ? 0.1202 0.2304 0.1753 0.0449  0.0688  -0.0283 201 HOH A O      
530 O  O      . HOH D .  ? 0.1345 0.2126 0.1390 0.0298  0.0610  -0.0196 202 HOH A O      
531 O  O      . HOH D .  ? 0.2594 0.1970 0.1462 -0.0238 0.0083  0.0025  203 HOH A O      
532 O  O      . HOH D .  ? 0.1585 0.2000 0.1544 0.0549  0.0805  -0.0332 204 HOH A O      
533 O  O      . HOH D .  ? 0.1503 0.2005 0.1439 0.0525  0.0696  -0.0580 205 HOH A O      
534 O  O      . HOH D .  ? 0.2373 0.2375 0.1964 0.0183  0.0604  -0.0358 206 HOH A O      
535 O  O      . HOH D .  ? 0.2407 0.4762 0.1627 0.1459  0.0436  -0.1169 207 HOH A O      
536 O  O      . HOH D .  ? 0.5461 0.2067 0.2386 -0.0142 0.0886  -0.0555 208 HOH A O      
537 O  O      . HOH D .  ? 0.2043 0.2578 0.2355 0.0189  0.0746  -0.0616 209 HOH A O      
538 O  O      . HOH D .  ? 0.2106 0.2592 0.3078 0.0758  0.1224  0.0016  210 HOH A O      
539 O  O      . HOH D .  ? 0.2732 0.2757 0.2574 0.0289  0.0358  -0.0936 211 HOH A O      
540 O  O      . HOH D .  ? 0.2851 0.4532 0.3119 0.0818  0.0232  -0.0326 212 HOH A O      
541 O  O      . HOH D .  ? 0.4741 0.2022 0.2553 -0.0040 0.2625  -0.0156 213 HOH A O      
542 O  O      . HOH D .  ? 0.3917 0.3433 0.2875 0.1428  0.0554  0.0306  214 HOH A O      
543 O  O      . HOH D .  ? 0.2656 0.3951 0.3151 0.0511  0.0758  -0.0922 215 HOH A O      
544 O  O      . HOH D .  ? 0.2954 0.2910 0.3439 0.0554  0.1382  0.0348  216 HOH A O      
545 O  O      . HOH D .  ? 0.2959 0.3787 0.3779 0.1562  0.1323  0.0223  217 HOH A O      
546 O  O      . HOH D .  ? 0.2746 0.3933 0.4473 -0.0489 0.1521  -0.0126 218 HOH A O      
547 O  O      . HOH D .  ? 0.2794 0.2108 0.4222 0.0230  0.0638  0.0212  219 HOH A O      
548 O  O      . HOH D .  ? 0.4339 0.5151 0.3126 -0.1311 0.0475  -0.0761 220 HOH A O      
549 O  O      . HOH D .  ? 0.3594 0.2437 0.2785 0.1021  0.1157  -0.0121 221 HOH A O      
550 O  O      . HOH D .  ? 0.4141 0.4326 0.2682 0.0814  0.1426  -0.0587 222 HOH A O      
551 O  O      . HOH D .  ? 0.3560 0.3098 0.3751 0.1106  -0.0944 -0.1125 223 HOH A O      
552 O  O      . HOH D .  ? 0.3322 0.3282 0.2921 0.0641  0.0142  -0.1148 224 HOH A O      
553 O  O      . HOH D .  ? 0.2035 0.2462 0.1722 0.0532  0.0635  -0.0845 225 HOH A O      
554 O  O      . HOH D .  ? 0.1965 0.2028 0.1570 0.0643  0.0438  -0.0519 226 HOH A O      
555 O  O      . HOH D .  ? 0.2349 0.2080 0.2030 0.0484  0.0827  -0.0239 227 HOH A O      
556 O  O      . HOH D .  ? 0.2943 0.2452 0.3089 0.0373  0.0154  -0.0814 228 HOH A O      
557 O  O      . HOH D .  ? 0.2380 0.4162 0.1987 0.1876  0.0885  -0.0395 229 HOH A O      
558 O  O      . HOH D .  ? 0.2879 0.2520 0.1990 -0.0156 0.1194  -0.0399 230 HOH A O      
559 O  O      . HOH D .  ? 0.1597 0.3049 0.3930 0.0509  0.0708  0.1323  231 HOH A O      
560 O  O      . HOH D .  ? 0.2983 0.2652 0.2117 0.0420  -0.0150 -0.0315 232 HOH A O      
561 O  O      . HOH D .  ? 0.3120 0.3838 0.2257 0.0284  0.0445  -0.0538 233 HOH A O      
562 O  O      . HOH D .  ? 0.3107 0.2708 0.4009 0.0105  -0.0138 -0.0340 234 HOH A O      
563 O  O      . HOH D .  ? 0.2174 0.3680 0.3776 -0.0087 0.0578  -0.1227 235 HOH A O      
564 O  O      . HOH D .  ? 0.3683 0.2865 0.6201 0.0662  0.1305  -0.1408 236 HOH A O      
565 O  O      . HOH D .  ? 0.2705 0.3607 0.4617 0.1378  0.2019  0.0533  237 HOH A O      
566 O  O      . HOH D .  ? 0.3509 0.4213 0.2729 0.1191  0.0494  0.0030  238 HOH A O      
567 O  O      . HOH D .  ? 0.3147 0.3537 0.2582 0.0182  0.0953  -0.0373 239 HOH A O      
568 O  O      . HOH D .  ? 0.3004 0.4703 0.3497 -0.0271 0.1374  -0.1677 240 HOH A O      
569 O  O      . HOH D .  ? 0.5031 0.7271 0.4760 0.0453  0.1036  -0.1411 241 HOH A O      
570 O  O      . HOH D .  ? 0.2951 0.4677 0.4103 0.1393  0.0983  0.1187  242 HOH A O      
571 O  O      . HOH D .  ? 0.3765 0.4856 0.3681 0.0531  -0.0056 0.0718  243 HOH A O      
572 O  O      . HOH D .  ? 0.2983 0.3324 0.3610 0.0212  0.0585  -0.0266 244 HOH A O      
573 O  O      . HOH D .  ? 0.2263 0.2972 0.2378 0.0638  0.0516  -0.0345 245 HOH A O      
574 O  O      . HOH D .  ? 0.2953 0.4382 0.3143 0.0934  0.1597  -0.0815 246 HOH A O      
575 O  O      . HOH D .  ? 0.4415 0.6115 0.3328 -0.0772 0.1528  0.0356  247 HOH A O      
576 O  O      . HOH D .  ? 0.4852 0.4339 0.3934 0.1248  0.2351  0.0581  248 HOH A O      
577 O  O      . HOH D .  ? 0.3610 0.4034 0.4791 0.0164  -0.0199 0.0532  249 HOH A O      
578 O  O      . HOH D .  ? 0.4553 0.4484 0.3474 0.0203  0.1333  -0.0358 250 HOH A O      
579 O  O      . HOH D .  ? 0.4689 0.4538 0.2891 -0.1131 0.1201  -0.1530 251 HOH A O      
580 O  O      . HOH D .  ? 0.3565 0.4595 0.4360 -0.0084 0.2063  0.0288  252 HOH A O      
581 O  O      . HOH D .  ? 0.4575 0.3650 0.2934 0.0498  0.1036  -0.1055 253 HOH A O      
582 O  O      . HOH D .  ? 0.3763 0.3278 0.4318 0.0960  0.1050  -0.0202 254 HOH A O      
583 O  O      . HOH D .  ? 0.5087 0.4420 0.5192 0.0883  -0.1025 0.1369  255 HOH A O      
584 O  O      . HOH D .  ? 0.3425 0.7157 0.3433 -0.0768 -0.0082 0.1846  256 HOH A O      
585 O  O      . HOH D .  ? 0.4676 0.6278 0.3568 -0.0464 0.1158  -0.1967 257 HOH A O      
586 O  O      . HOH D .  ? 0.1388 0.3668 0.6196 0.0244  0.0150  0.1231  258 HOH A O      
587 O  O      . HOH D .  ? 0.5278 0.3048 0.4077 0.0826  0.1586  -0.0313 259 HOH A O      
588 O  O      . HOH D .  ? 0.3212 0.6051 0.3748 0.0363  0.1392  -0.0838 260 HOH A O      
589 O  O      . HOH D .  ? 0.7343 0.4417 0.2181 -0.1716 -0.0389 -0.0505 261 HOH A O      
590 O  O      . HOH D .  ? 0.6957 0.3351 0.7676 0.1132  0.0150  -0.1009 262 HOH A O      
591 O  O      . HOH D .  ? 0.3420 0.4819 0.4738 -0.0895 0.0634  0.0103  263 HOH A O      
592 O  O      . HOH D .  ? 0.4003 0.4523 0.4085 -0.0178 -0.0125 0.0020  264 HOH A O      
593 O  O      . HOH D .  ? 0.4857 0.9269 0.6083 -0.0272 -0.0892 0.0471  265 HOH A O      
594 O  O      . HOH D .  ? 0.3101 0.2909 0.6886 0.0507  -0.0629 -0.0777 266 HOH A O      
595 O  O      . HOH D .  ? 0.1138 0.3848 0.0950 0.0282  0.0780  0.0309  267 HOH A O      
596 O  O      . HOH D .  ? 0.0789 0.3576 0.1979 0.0122  0.0308  -0.1079 268 HOH A O      
597 O  O      . HOH D .  ? 0.4381 0.5206 0.4533 -0.0114 -0.0170 -0.1063 269 HOH A O      
598 O  O      . HOH D .  ? 0.3172 0.2113 0.2540 0.0139  0.1687  0.0224  270 HOH A O      
599 O  O      . HOH D .  ? 0.3924 0.6700 0.3676 0.2165  -0.0523 -0.1474 271 HOH A O      
600 O  O      . HOH D .  ? 0.3883 0.6789 0.6359 -0.1474 -0.0776 0.1508  272 HOH A O      
601 O  O      . HOH D .  ? 0.6675 0.5492 0.4733 0.0401  0.0922  -0.1045 273 HOH A O      
602 O  O      . HOH D .  ? 0.7150 0.7176 0.4708 0.1372  -0.1015 0.0946  274 HOH A O      
603 O  O      . HOH D .  ? 0.2084 0.1780 0.1300 0.0334  0.0430  -0.0235 275 HOH A O      
604 O  O      . HOH D .  ? 0.3153 1.2362 0.6443 -0.0596 -0.0475 0.1055  276 HOH A O      
605 O  O      . HOH D .  ? 0.5730 0.4578 0.4371 -0.1088 0.1822  -0.0604 277 HOH A O      
606 O  O      . HOH D .  ? 0.6668 0.7496 0.6378 0.0045  0.2625  -0.1736 278 HOH A O      
607 O  O      . HOH D .  ? 0.4791 0.6116 0.3786 0.0452  0.1192  0.1019  279 HOH A O      
608 O  O      . HOH D .  ? 0.4308 0.5890 0.5549 -0.0685 -0.0711 -0.0085 280 HOH A O      
609 O  O      . HOH D .  ? 0.3668 0.4871 0.4737 0.0406  0.0166  -0.0233 281 HOH A O      
# 
loop_
_pdbx_poly_seq_scheme.asym_id 
_pdbx_poly_seq_scheme.entity_id 
_pdbx_poly_seq_scheme.seq_id 
_pdbx_poly_seq_scheme.mon_id 
_pdbx_poly_seq_scheme.ndb_seq_num 
_pdbx_poly_seq_scheme.pdb_seq_num 
_pdbx_poly_seq_scheme.auth_seq_num 
_pdbx_poly_seq_scheme.pdb_mon_id 
_pdbx_poly_seq_scheme.auth_mon_id 
_pdbx_poly_seq_scheme.pdb_strand_id 
_pdbx_poly_seq_scheme.pdb_ins_code 
_pdbx_poly_seq_scheme.hetero 
A 1 1  DT 1  1  1  DT DT A . n 
A 1 2  DC 2  2  2  DC DC A . n 
A 1 3  DG 3  3  3  DG DG A . n 
A 1 4  DG 4  4  4  DG DG A . n 
A 1 5  DC 5  5  5  DC DC A . n 
A 1 6  DG 6  6  6  DG DG A . n 
A 1 7  DC 7  7  7  DC DC A . n 
A 1 8  DC 8  8  8  DC DC A . n 
A 1 9  DG 9  9  9  DG DG A . n 
A 1 10 DA 10 10 10 DA DA A . n 
# 
loop_
_pdbx_nonpoly_scheme.asym_id 
_pdbx_nonpoly_scheme.entity_id 
_pdbx_nonpoly_scheme.mon_id 
_pdbx_nonpoly_scheme.ndb_seq_num 
_pdbx_nonpoly_scheme.pdb_seq_num 
_pdbx_nonpoly_scheme.auth_seq_num 
_pdbx_nonpoly_scheme.pdb_mon_id 
_pdbx_nonpoly_scheme.auth_mon_id 
_pdbx_nonpoly_scheme.pdb_strand_id 
_pdbx_nonpoly_scheme.pdb_ins_code 
B 2 BA  1  101 1  BA  BA  A . 
C 3 RCZ 1  102 1  RCZ RPC A . 
D 4 HOH 1  201 1  HOH HOH A . 
D 4 HOH 2  202 2  HOH HOH A . 
D 4 HOH 3  203 3  HOH HOH A . 
D 4 HOH 4  204 5  HOH HOH A . 
D 4 HOH 5  205 6  HOH HOH A . 
D 4 HOH 6  206 7  HOH HOH A . 
D 4 HOH 7  207 8  HOH HOH A . 
D 4 HOH 8  208 9  HOH HOH A . 
D 4 HOH 9  209 10 HOH HOH A . 
D 4 HOH 10 210 11 HOH HOH A . 
D 4 HOH 11 211 12 HOH HOH A . 
D 4 HOH 12 212 13 HOH HOH A . 
D 4 HOH 13 213 14 HOH HOH A . 
D 4 HOH 14 214 15 HOH HOH A . 
D 4 HOH 15 215 16 HOH HOH A . 
D 4 HOH 16 216 17 HOH HOH A . 
D 4 HOH 17 217 18 HOH HOH A . 
D 4 HOH 18 218 19 HOH HOH A . 
D 4 HOH 19 219 20 HOH HOH A . 
D 4 HOH 20 220 21 HOH HOH A . 
D 4 HOH 21 221 22 HOH HOH A . 
D 4 HOH 22 222 23 HOH HOH A . 
D 4 HOH 23 223 24 HOH HOH A . 
D 4 HOH 24 224 25 HOH HOH A . 
D 4 HOH 25 225 26 HOH HOH A . 
D 4 HOH 26 226 27 HOH HOH A . 
D 4 HOH 27 227 28 HOH HOH A . 
D 4 HOH 28 228 29 HOH HOH A . 
D 4 HOH 29 229 31 HOH HOH A . 
D 4 HOH 30 230 32 HOH HOH A . 
D 4 HOH 31 231 33 HOH HOH A . 
D 4 HOH 32 232 34 HOH HOH A . 
D 4 HOH 33 233 35 HOH HOH A . 
D 4 HOH 34 234 36 HOH HOH A . 
D 4 HOH 35 235 37 HOH HOH A . 
D 4 HOH 36 236 38 HOH HOH A . 
D 4 HOH 37 237 39 HOH HOH A . 
D 4 HOH 38 238 40 HOH HOH A . 
D 4 HOH 39 239 41 HOH HOH A . 
D 4 HOH 40 240 42 HOH HOH A . 
D 4 HOH 41 241 43 HOH HOH A . 
D 4 HOH 42 242 44 HOH HOH A . 
D 4 HOH 43 243 45 HOH HOH A . 
D 4 HOH 44 244 46 HOH HOH A . 
D 4 HOH 45 245 47 HOH HOH A . 
D 4 HOH 46 246 48 HOH HOH A . 
D 4 HOH 47 247 49 HOH HOH A . 
D 4 HOH 48 248 50 HOH HOH A . 
D 4 HOH 49 249 51 HOH HOH A . 
D 4 HOH 50 250 52 HOH HOH A . 
D 4 HOH 51 251 53 HOH HOH A . 
D 4 HOH 52 252 55 HOH HOH A . 
D 4 HOH 53 253 56 HOH HOH A . 
D 4 HOH 54 254 57 HOH HOH A . 
D 4 HOH 55 255 58 HOH HOH A . 
D 4 HOH 56 256 59 HOH HOH A . 
D 4 HOH 57 257 60 HOH HOH A . 
D 4 HOH 58 258 61 HOH HOH A . 
D 4 HOH 59 259 62 HOH HOH A . 
D 4 HOH 60 260 63 HOH HOH A . 
D 4 HOH 61 261 65 HOH HOH A . 
D 4 HOH 62 262 67 HOH HOH A . 
D 4 HOH 63 263 70 HOH HOH A . 
D 4 HOH 64 264 75 HOH HOH A . 
D 4 HOH 65 265 76 HOH HOH A . 
D 4 HOH 66 266 77 HOH HOH A . 
D 4 HOH 67 267 78 HOH HOH A . 
D 4 HOH 68 268 79 HOH HOH A . 
D 4 HOH 69 269 80 HOH HOH A . 
D 4 HOH 70 270 81 HOH HOH A . 
D 4 HOH 71 271 82 HOH HOH A . 
D 4 HOH 72 272 84 HOH HOH A . 
D 4 HOH 73 273 85 HOH HOH A . 
D 4 HOH 74 274 86 HOH HOH A . 
D 4 HOH 75 275 87 HOH HOH A . 
D 4 HOH 76 276 88 HOH HOH A . 
D 4 HOH 77 277 89 HOH HOH A . 
D 4 HOH 78 278 90 HOH HOH A . 
D 4 HOH 79 279 91 HOH HOH A . 
D 4 HOH 80 280 92 HOH HOH A . 
D 4 HOH 81 281 93 HOH HOH A . 
# 
_pdbx_struct_assembly.id                   1 
_pdbx_struct_assembly.details              author_and_software_defined_assembly 
_pdbx_struct_assembly.method_details       PISA 
_pdbx_struct_assembly.oligomeric_details   dimeric 
_pdbx_struct_assembly.oligomeric_count     2 
# 
_pdbx_struct_assembly_gen.assembly_id       1 
_pdbx_struct_assembly_gen.oper_expression   1,2 
_pdbx_struct_assembly_gen.asym_id_list      A,B,C,D 
# 
loop_
_pdbx_struct_assembly_prop.biol_id 
_pdbx_struct_assembly_prop.type 
_pdbx_struct_assembly_prop.value 
_pdbx_struct_assembly_prop.details 
1 'ABSA (A^2)' 1950 ? 
1 MORE         -26  ? 
1 'SSA (A^2)'  4600 ? 
# 
loop_
_pdbx_struct_oper_list.id 
_pdbx_struct_oper_list.type 
_pdbx_struct_oper_list.name 
_pdbx_struct_oper_list.symmetry_operation 
_pdbx_struct_oper_list.matrix[1][1] 
_pdbx_struct_oper_list.matrix[1][2] 
_pdbx_struct_oper_list.matrix[1][3] 
_pdbx_struct_oper_list.vector[1] 
_pdbx_struct_oper_list.matrix[2][1] 
_pdbx_struct_oper_list.matrix[2][2] 
_pdbx_struct_oper_list.matrix[2][3] 
_pdbx_struct_oper_list.vector[2] 
_pdbx_struct_oper_list.matrix[3][1] 
_pdbx_struct_oper_list.matrix[3][2] 
_pdbx_struct_oper_list.matrix[3][3] 
_pdbx_struct_oper_list.vector[3] 
1 'identity operation'         1_555 x,y,z  1.0000000000 0.0000000000 0.0000000000 0.0000000000 0.0000000000 1.0000000000  0.0000000000 0.0000000000 0.0000000000 0.0000000000 1.0000000000  0.0000000000   
2 'crystal symmetry operation' 7_555 y,x,-z 0.1951778728 0.3324408956 0.9227072390 8.2305412349 0.3324408956 -0.9075309612 0.2566526941 3.6719204183 0.9227072390 0.2566526941 -0.2876469116 -11.9839281743 
# 
loop_
_pdbx_struct_conn_angle.id 
_pdbx_struct_conn_angle.ptnr1_label_atom_id 
_pdbx_struct_conn_angle.ptnr1_label_alt_id 
_pdbx_struct_conn_angle.ptnr1_label_asym_id 
_pdbx_struct_conn_angle.ptnr1_label_comp_id 
_pdbx_struct_conn_angle.ptnr1_label_seq_id 
_pdbx_struct_conn_angle.ptnr1_auth_atom_id 
_pdbx_struct_conn_angle.ptnr1_auth_asym_id 
_pdbx_struct_conn_angle.ptnr1_auth_comp_id 
_pdbx_struct_conn_angle.ptnr1_auth_seq_id 
_pdbx_struct_conn_angle.ptnr1_PDB_ins_code 
_pdbx_struct_conn_angle.ptnr1_symmetry 
_pdbx_struct_conn_angle.ptnr2_label_atom_id 
_pdbx_struct_conn_angle.ptnr2_label_alt_id 
_pdbx_struct_conn_angle.ptnr2_label_asym_id 
_pdbx_struct_conn_angle.ptnr2_label_comp_id 
_pdbx_struct_conn_angle.ptnr2_label_seq_id 
_pdbx_struct_conn_angle.ptnr2_auth_atom_id 
_pdbx_struct_conn_angle.ptnr2_auth_asym_id 
_pdbx_struct_conn_angle.ptnr2_auth_comp_id 
_pdbx_struct_conn_angle.ptnr2_auth_seq_id 
_pdbx_struct_conn_angle.ptnr2_PDB_ins_code 
_pdbx_struct_conn_angle.ptnr2_symmetry 
_pdbx_struct_conn_angle.ptnr3_label_atom_id 
_pdbx_struct_conn_angle.ptnr3_label_alt_id 
_pdbx_struct_conn_angle.ptnr3_label_asym_id 
_pdbx_struct_conn_angle.ptnr3_label_comp_id 
_pdbx_struct_conn_angle.ptnr3_label_seq_id 
_pdbx_struct_conn_angle.ptnr3_auth_atom_id 
_pdbx_struct_conn_angle.ptnr3_auth_asym_id 
_pdbx_struct_conn_angle.ptnr3_auth_comp_id 
_pdbx_struct_conn_angle.ptnr3_auth_seq_id 
_pdbx_struct_conn_angle.ptnr3_PDB_ins_code 
_pdbx_struct_conn_angle.ptnr3_symmetry 
_pdbx_struct_conn_angle.value 
_pdbx_struct_conn_angle.value_esd 
1  O6 ? A DG  4 ? A DG  4   ? 1_555 BA ? B BA . ? A BA 101 ? 1_555 O ? D HOH . ? A HOH 201 ? 1_555 138.5 ? 
2  O6 ? A DG  4 ? A DG  4   ? 1_555 BA ? B BA . ? A BA 101 ? 1_555 O ? D HOH . ? A HOH 202 ? 1_555 127.3 ? 
3  O  ? D HOH . ? A HOH 201 ? 1_555 BA ? B BA . ? A BA 101 ? 1_555 O ? D HOH . ? A HOH 202 ? 1_555 67.3  ? 
4  O6 ? A DG  4 ? A DG  4   ? 1_555 BA ? B BA . ? A BA 101 ? 1_555 O ? D HOH . ? A HOH 204 ? 1_555 71.0  ? 
5  O  ? D HOH . ? A HOH 201 ? 1_555 BA ? B BA . ? A BA 101 ? 1_555 O ? D HOH . ? A HOH 204 ? 1_555 76.7  ? 
6  O  ? D HOH . ? A HOH 202 ? 1_555 BA ? B BA . ? A BA 101 ? 1_555 O ? D HOH . ? A HOH 204 ? 1_555 139.3 ? 
7  O6 ? A DG  4 ? A DG  4   ? 1_555 BA ? B BA . ? A BA 101 ? 1_555 O ? D HOH . ? A HOH 213 ? 1_555 106.6 ? 
8  O  ? D HOH . ? A HOH 201 ? 1_555 BA ? B BA . ? A BA 101 ? 1_555 O ? D HOH . ? A HOH 213 ? 1_555 114.4 ? 
9  O  ? D HOH . ? A HOH 202 ? 1_555 BA ? B BA . ? A BA 101 ? 1_555 O ? D HOH . ? A HOH 213 ? 1_555 67.3  ? 
10 O  ? D HOH . ? A HOH 204 ? 1_555 BA ? B BA . ? A BA 101 ? 1_555 O ? D HOH . ? A HOH 213 ? 1_555 149.4 ? 
11 O6 ? A DG  4 ? A DG  4   ? 1_555 BA ? B BA . ? A BA 101 ? 1_555 O ? D HOH . ? A HOH 231 ? 1_555 123.9 ? 
12 O  ? D HOH . ? A HOH 201 ? 1_555 BA ? B BA . ? A BA 101 ? 1_555 O ? D HOH . ? A HOH 231 ? 1_555 71.2  ? 
13 O  ? D HOH . ? A HOH 202 ? 1_555 BA ? B BA . ? A BA 101 ? 1_555 O ? D HOH . ? A HOH 231 ? 1_555 106.9 ? 
14 O  ? D HOH . ? A HOH 204 ? 1_555 BA ? B BA . ? A BA 101 ? 1_555 O ? D HOH . ? A HOH 231 ? 1_555 77.2  ? 
15 O  ? D HOH . ? A HOH 213 ? 1_555 BA ? B BA . ? A BA 101 ? 1_555 O ? D HOH . ? A HOH 231 ? 1_555 79.9  ? 
# 
loop_
_pdbx_audit_revision_history.ordinal 
_pdbx_audit_revision_history.data_content_type 
_pdbx_audit_revision_history.major_revision 
_pdbx_audit_revision_history.minor_revision 
_pdbx_audit_revision_history.revision_date 
1 'Structure model' 1 0 2013-07-17 
2 'Structure model' 1 1 2023-11-08 
# 
_pdbx_audit_revision_details.ordinal             1 
_pdbx_audit_revision_details.revision_ordinal    1 
_pdbx_audit_revision_details.data_content_type   'Structure model' 
_pdbx_audit_revision_details.provider            repository 
_pdbx_audit_revision_details.type                'Initial release' 
_pdbx_audit_revision_details.description         ? 
_pdbx_audit_revision_details.details             ? 
# 
loop_
_pdbx_audit_revision_group.ordinal 
_pdbx_audit_revision_group.revision_ordinal 
_pdbx_audit_revision_group.data_content_type 
_pdbx_audit_revision_group.group 
1 2 'Structure model' 'Data collection'        
2 2 'Structure model' 'Database references'    
3 2 'Structure model' 'Derived calculations'   
4 2 'Structure model' 'Refinement description' 
# 
loop_
_pdbx_audit_revision_category.ordinal 
_pdbx_audit_revision_category.revision_ordinal 
_pdbx_audit_revision_category.data_content_type 
_pdbx_audit_revision_category.category 
1 2 'Structure model' chem_comp_atom                
2 2 'Structure model' chem_comp_bond                
3 2 'Structure model' database_2                    
4 2 'Structure model' pdbx_initial_refinement_model 
5 2 'Structure model' pdbx_struct_conn_angle        
6 2 'Structure model' struct_conn                   
7 2 'Structure model' struct_site                   
# 
loop_
_pdbx_audit_revision_item.ordinal 
_pdbx_audit_revision_item.revision_ordinal 
_pdbx_audit_revision_item.data_content_type 
_pdbx_audit_revision_item.item 
1  2 'Structure model' '_database_2.pdbx_DOI'                        
2  2 'Structure model' '_database_2.pdbx_database_accession'         
3  2 'Structure model' '_pdbx_struct_conn_angle.ptnr1_auth_comp_id'  
4  2 'Structure model' '_pdbx_struct_conn_angle.ptnr1_auth_seq_id'   
5  2 'Structure model' '_pdbx_struct_conn_angle.ptnr1_label_asym_id' 
6  2 'Structure model' '_pdbx_struct_conn_angle.ptnr1_label_atom_id' 
7  2 'Structure model' '_pdbx_struct_conn_angle.ptnr1_label_comp_id' 
8  2 'Structure model' '_pdbx_struct_conn_angle.ptnr1_label_seq_id'  
9  2 'Structure model' '_pdbx_struct_conn_angle.ptnr3_auth_comp_id'  
10 2 'Structure model' '_pdbx_struct_conn_angle.ptnr3_auth_seq_id'   
11 2 'Structure model' '_pdbx_struct_conn_angle.ptnr3_label_asym_id' 
12 2 'Structure model' '_pdbx_struct_conn_angle.ptnr3_label_atom_id' 
13 2 'Structure model' '_pdbx_struct_conn_angle.ptnr3_label_comp_id' 
14 2 'Structure model' '_pdbx_struct_conn_angle.ptnr3_label_seq_id'  
15 2 'Structure model' '_pdbx_struct_conn_angle.value'               
16 2 'Structure model' '_struct_conn.pdbx_dist_value'                
17 2 'Structure model' '_struct_conn.ptnr1_auth_comp_id'             
18 2 'Structure model' '_struct_conn.ptnr1_auth_seq_id'              
19 2 'Structure model' '_struct_conn.ptnr1_label_asym_id'            
20 2 'Structure model' '_struct_conn.ptnr1_label_atom_id'            
21 2 'Structure model' '_struct_conn.ptnr1_label_comp_id'            
22 2 'Structure model' '_struct_conn.ptnr1_label_seq_id'             
23 2 'Structure model' '_struct_conn.ptnr2_auth_comp_id'             
24 2 'Structure model' '_struct_conn.ptnr2_auth_seq_id'              
25 2 'Structure model' '_struct_conn.ptnr2_label_asym_id'            
26 2 'Structure model' '_struct_conn.ptnr2_label_atom_id'            
27 2 'Structure model' '_struct_conn.ptnr2_label_comp_id'            
28 2 'Structure model' '_struct_site.pdbx_auth_asym_id'              
29 2 'Structure model' '_struct_site.pdbx_auth_comp_id'              
30 2 'Structure model' '_struct_site.pdbx_auth_seq_id'               
# 
loop_
_software.name 
_software.classification 
_software.version 
_software.citation_id 
_software.pdbx_ordinal 
GDA    'data collection' .        ? 1 
PHASER phasing           .        ? 2 
REFMAC refinement        5.7.0029 ? 3 
XDS    'data reduction'  .        ? 4 
SCALA  'data scaling'    .        ? 5 
# 
loop_
_pdbx_validate_rmsd_angle.id 
_pdbx_validate_rmsd_angle.PDB_model_num 
_pdbx_validate_rmsd_angle.auth_atom_id_1 
_pdbx_validate_rmsd_angle.auth_asym_id_1 
_pdbx_validate_rmsd_angle.auth_comp_id_1 
_pdbx_validate_rmsd_angle.auth_seq_id_1 
_pdbx_validate_rmsd_angle.PDB_ins_code_1 
_pdbx_validate_rmsd_angle.label_alt_id_1 
_pdbx_validate_rmsd_angle.auth_atom_id_2 
_pdbx_validate_rmsd_angle.auth_asym_id_2 
_pdbx_validate_rmsd_angle.auth_comp_id_2 
_pdbx_validate_rmsd_angle.auth_seq_id_2 
_pdbx_validate_rmsd_angle.PDB_ins_code_2 
_pdbx_validate_rmsd_angle.label_alt_id_2 
_pdbx_validate_rmsd_angle.auth_atom_id_3 
_pdbx_validate_rmsd_angle.auth_asym_id_3 
_pdbx_validate_rmsd_angle.auth_comp_id_3 
_pdbx_validate_rmsd_angle.auth_seq_id_3 
_pdbx_validate_rmsd_angle.PDB_ins_code_3 
_pdbx_validate_rmsd_angle.label_alt_id_3 
_pdbx_validate_rmsd_angle.angle_value 
_pdbx_validate_rmsd_angle.angle_target_value 
_pdbx_validate_rmsd_angle.angle_deviation 
_pdbx_validate_rmsd_angle.angle_standard_deviation 
_pdbx_validate_rmsd_angle.linker_flag 
1 1 "O4'" A DC 5  ? ? "C4'" A DC 5  ? ? "C3'" A DC 5  ? ? 101.33 104.50 -3.17 0.40 N 
2 1 "C1'" A DC 5  ? ? "O4'" A DC 5  ? ? "C4'" A DC 5  ? ? 114.51 110.30 4.21  0.70 N 
3 1 "O5'" A DA 10 ? A P     A DA 10 ? A OP1   A DA 10 ? A 98.31  105.70 -7.39 0.90 N 
4 1 "O5'" A DA 10 ? A "C5'" A DA 10 ? A "C4'" A DA 10 ? A 104.20 109.40 -5.20 0.80 N 
# 
_pdbx_validate_planes.id              1 
_pdbx_validate_planes.PDB_model_num   1 
_pdbx_validate_planes.auth_comp_id    DC 
_pdbx_validate_planes.auth_asym_id    A 
_pdbx_validate_planes.auth_seq_id     5 
_pdbx_validate_planes.PDB_ins_code    ? 
_pdbx_validate_planes.label_alt_id    ? 
_pdbx_validate_planes.rmsd            0.124 
_pdbx_validate_planes.type            'SIDE CHAIN' 
# 
loop_
_chem_comp_atom.comp_id 
_chem_comp_atom.atom_id 
_chem_comp_atom.type_symbol 
_chem_comp_atom.pdbx_aromatic_flag 
_chem_comp_atom.pdbx_stereo_config 
_chem_comp_atom.pdbx_ordinal 
BA  BA     BA N N 1   
DA  OP3    O  N N 2   
DA  P      P  N N 3   
DA  OP1    O  N N 4   
DA  OP2    O  N N 5   
DA  "O5'"  O  N N 6   
DA  "C5'"  C  N N 7   
DA  "C4'"  C  N R 8   
DA  "O4'"  O  N N 9   
DA  "C3'"  C  N S 10  
DA  "O3'"  O  N N 11  
DA  "C2'"  C  N N 12  
DA  "C1'"  C  N R 13  
DA  N9     N  Y N 14  
DA  C8     C  Y N 15  
DA  N7     N  Y N 16  
DA  C5     C  Y N 17  
DA  C6     C  Y N 18  
DA  N6     N  N N 19  
DA  N1     N  Y N 20  
DA  C2     C  Y N 21  
DA  N3     N  Y N 22  
DA  C4     C  Y N 23  
DA  HOP3   H  N N 24  
DA  HOP2   H  N N 25  
DA  "H5'"  H  N N 26  
DA  "H5''" H  N N 27  
DA  "H4'"  H  N N 28  
DA  "H3'"  H  N N 29  
DA  "HO3'" H  N N 30  
DA  "H2'"  H  N N 31  
DA  "H2''" H  N N 32  
DA  "H1'"  H  N N 33  
DA  H8     H  N N 34  
DA  H61    H  N N 35  
DA  H62    H  N N 36  
DA  H2     H  N N 37  
DC  OP3    O  N N 38  
DC  P      P  N N 39  
DC  OP1    O  N N 40  
DC  OP2    O  N N 41  
DC  "O5'"  O  N N 42  
DC  "C5'"  C  N N 43  
DC  "C4'"  C  N R 44  
DC  "O4'"  O  N N 45  
DC  "C3'"  C  N S 46  
DC  "O3'"  O  N N 47  
DC  "C2'"  C  N N 48  
DC  "C1'"  C  N R 49  
DC  N1     N  N N 50  
DC  C2     C  N N 51  
DC  O2     O  N N 52  
DC  N3     N  N N 53  
DC  C4     C  N N 54  
DC  N4     N  N N 55  
DC  C5     C  N N 56  
DC  C6     C  N N 57  
DC  HOP3   H  N N 58  
DC  HOP2   H  N N 59  
DC  "H5'"  H  N N 60  
DC  "H5''" H  N N 61  
DC  "H4'"  H  N N 62  
DC  "H3'"  H  N N 63  
DC  "HO3'" H  N N 64  
DC  "H2'"  H  N N 65  
DC  "H2''" H  N N 66  
DC  "H1'"  H  N N 67  
DC  H41    H  N N 68  
DC  H42    H  N N 69  
DC  H5     H  N N 70  
DC  H6     H  N N 71  
DG  OP3    O  N N 72  
DG  P      P  N N 73  
DG  OP1    O  N N 74  
DG  OP2    O  N N 75  
DG  "O5'"  O  N N 76  
DG  "C5'"  C  N N 77  
DG  "C4'"  C  N R 78  
DG  "O4'"  O  N N 79  
DG  "C3'"  C  N S 80  
DG  "O3'"  O  N N 81  
DG  "C2'"  C  N N 82  
DG  "C1'"  C  N R 83  
DG  N9     N  Y N 84  
DG  C8     C  Y N 85  
DG  N7     N  Y N 86  
DG  C5     C  Y N 87  
DG  C6     C  N N 88  
DG  O6     O  N N 89  
DG  N1     N  N N 90  
DG  C2     C  N N 91  
DG  N2     N  N N 92  
DG  N3     N  N N 93  
DG  C4     C  Y N 94  
DG  HOP3   H  N N 95  
DG  HOP2   H  N N 96  
DG  "H5'"  H  N N 97  
DG  "H5''" H  N N 98  
DG  "H4'"  H  N N 99  
DG  "H3'"  H  N N 100 
DG  "HO3'" H  N N 101 
DG  "H2'"  H  N N 102 
DG  "H2''" H  N N 103 
DG  "H1'"  H  N N 104 
DG  H8     H  N N 105 
DG  H1     H  N N 106 
DG  H21    H  N N 107 
DG  H22    H  N N 108 
DT  OP3    O  N N 109 
DT  P      P  N N 110 
DT  OP1    O  N N 111 
DT  OP2    O  N N 112 
DT  "O5'"  O  N N 113 
DT  "C5'"  C  N N 114 
DT  "C4'"  C  N R 115 
DT  "O4'"  O  N N 116 
DT  "C3'"  C  N S 117 
DT  "O3'"  O  N N 118 
DT  "C2'"  C  N N 119 
DT  "C1'"  C  N R 120 
DT  N1     N  N N 121 
DT  C2     C  N N 122 
DT  O2     O  N N 123 
DT  N3     N  N N 124 
DT  C4     C  N N 125 
DT  O4     O  N N 126 
DT  C5     C  N N 127 
DT  C7     C  N N 128 
DT  C6     C  N N 129 
DT  HOP3   H  N N 130 
DT  HOP2   H  N N 131 
DT  "H5'"  H  N N 132 
DT  "H5''" H  N N 133 
DT  "H4'"  H  N N 134 
DT  "H3'"  H  N N 135 
DT  "HO3'" H  N N 136 
DT  "H2'"  H  N N 137 
DT  "H2''" H  N N 138 
DT  "H1'"  H  N N 139 
DT  H3     H  N N 140 
DT  H71    H  N N 141 
DT  H72    H  N N 142 
DT  H73    H  N N 143 
DT  H6     H  N N 144 
HOH O      O  N N 145 
HOH H1     H  N N 146 
HOH H2     H  N N 147 
RCZ N1     N  Y N 148 
RCZ C6     C  Y N 149 
RCZ C5     C  Y N 150 
RCZ C4     C  Y N 151 
RCZ N4     N  Y N 152 
RCZ N3     N  Y N 153 
RCZ C2     C  Y N 154 
RCZ CL     CL N N 155 
RCZ C18    C  Y N 156 
RCZ C14    C  Y N 157 
RCZ C13    C  Y N 158 
RCZ C15    C  Y N 159 
RCZ C16    C  Y N 160 
RCZ C17    C  Y N 161 
RCZ C7     C  Y N 162 
RCZ C8     C  Y N 163 
RCZ C9     C  Y N 164 
RCZ C11    C  Y N 165 
RCZ C12    C  Y N 166 
RCZ C10    C  Y N 167 
RCZ RU     RU N N 168 
RCZ N2     N  Y N 169 
RCZ C3     C  Y N 170 
RCZ C1     C  Y N 171 
RCZ N5     N  Y N 172 
RCZ C20    C  Y N 173 
RCZ C21    C  Y N 174 
RCZ N6     N  Y N 175 
RCZ C19    C  Y N 176 
RCZ C22    C  Y N 177 
RCZ C23    C  Y N 178 
RCZ C24    C  Y N 179 
RCZ C25    C  Y N 180 
RCZ N7     N  Y N 181 
RCZ C27    C  Y N 182 
RCZ C28    C  Y N 183 
RCZ C26    C  Y N 184 
RCZ N8     N  Y N 185 
RCZ N9     N  Y N 186 
RCZ C30    C  Y N 187 
RCZ C31    C  Y N 188 
RCZ N10    N  Y N 189 
RCZ C32    C  Y N 190 
RCZ C29    C  Y N 191 
RCZ C33    C  Y N 192 
RCZ C34    C  Y N 193 
RCZ C35    C  Y N 194 
RCZ C36    C  Y N 195 
RCZ N12    N  Y N 196 
RCZ N11    N  Y N 197 
RCZ C37    C  Y N 198 
RCZ C38    C  Y N 199 
RCZ H4     H  N N 200 
RCZ H2     H  N N 201 
RCZ H14    H  N N 202 
RCZ H16    H  N N 203 
RCZ H17    H  N N 204 
RCZ H9     H  N N 205 
RCZ H11    H  N N 206 
RCZ H12    H  N N 207 
RCZ H3     H  N N 208 
RCZ H20    H  N N 209 
RCZ H21    H  N N 210 
RCZ H23    H  N N 211 
RCZ H24    H  N N 212 
RCZ H27    H  N N 213 
RCZ H28    H  N N 214 
RCZ H30    H  N N 215 
RCZ H31    H  N N 216 
RCZ H33    H  N N 217 
RCZ H34    H  N N 218 
RCZ H37    H  N N 219 
RCZ H38    H  N N 220 
# 
loop_
_chem_comp_bond.comp_id 
_chem_comp_bond.atom_id_1 
_chem_comp_bond.atom_id_2 
_chem_comp_bond.value_order 
_chem_comp_bond.pdbx_aromatic_flag 
_chem_comp_bond.pdbx_stereo_config 
_chem_comp_bond.pdbx_ordinal 
DA  OP3   P      sing N N 1   
DA  OP3   HOP3   sing N N 2   
DA  P     OP1    doub N N 3   
DA  P     OP2    sing N N 4   
DA  P     "O5'"  sing N N 5   
DA  OP2   HOP2   sing N N 6   
DA  "O5'" "C5'"  sing N N 7   
DA  "C5'" "C4'"  sing N N 8   
DA  "C5'" "H5'"  sing N N 9   
DA  "C5'" "H5''" sing N N 10  
DA  "C4'" "O4'"  sing N N 11  
DA  "C4'" "C3'"  sing N N 12  
DA  "C4'" "H4'"  sing N N 13  
DA  "O4'" "C1'"  sing N N 14  
DA  "C3'" "O3'"  sing N N 15  
DA  "C3'" "C2'"  sing N N 16  
DA  "C3'" "H3'"  sing N N 17  
DA  "O3'" "HO3'" sing N N 18  
DA  "C2'" "C1'"  sing N N 19  
DA  "C2'" "H2'"  sing N N 20  
DA  "C2'" "H2''" sing N N 21  
DA  "C1'" N9     sing N N 22  
DA  "C1'" "H1'"  sing N N 23  
DA  N9    C8     sing Y N 24  
DA  N9    C4     sing Y N 25  
DA  C8    N7     doub Y N 26  
DA  C8    H8     sing N N 27  
DA  N7    C5     sing Y N 28  
DA  C5    C6     sing Y N 29  
DA  C5    C4     doub Y N 30  
DA  C6    N6     sing N N 31  
DA  C6    N1     doub Y N 32  
DA  N6    H61    sing N N 33  
DA  N6    H62    sing N N 34  
DA  N1    C2     sing Y N 35  
DA  C2    N3     doub Y N 36  
DA  C2    H2     sing N N 37  
DA  N3    C4     sing Y N 38  
DC  OP3   P      sing N N 39  
DC  OP3   HOP3   sing N N 40  
DC  P     OP1    doub N N 41  
DC  P     OP2    sing N N 42  
DC  P     "O5'"  sing N N 43  
DC  OP2   HOP2   sing N N 44  
DC  "O5'" "C5'"  sing N N 45  
DC  "C5'" "C4'"  sing N N 46  
DC  "C5'" "H5'"  sing N N 47  
DC  "C5'" "H5''" sing N N 48  
DC  "C4'" "O4'"  sing N N 49  
DC  "C4'" "C3'"  sing N N 50  
DC  "C4'" "H4'"  sing N N 51  
DC  "O4'" "C1'"  sing N N 52  
DC  "C3'" "O3'"  sing N N 53  
DC  "C3'" "C2'"  sing N N 54  
DC  "C3'" "H3'"  sing N N 55  
DC  "O3'" "HO3'" sing N N 56  
DC  "C2'" "C1'"  sing N N 57  
DC  "C2'" "H2'"  sing N N 58  
DC  "C2'" "H2''" sing N N 59  
DC  "C1'" N1     sing N N 60  
DC  "C1'" "H1'"  sing N N 61  
DC  N1    C2     sing N N 62  
DC  N1    C6     sing N N 63  
DC  C2    O2     doub N N 64  
DC  C2    N3     sing N N 65  
DC  N3    C4     doub N N 66  
DC  C4    N4     sing N N 67  
DC  C4    C5     sing N N 68  
DC  N4    H41    sing N N 69  
DC  N4    H42    sing N N 70  
DC  C5    C6     doub N N 71  
DC  C5    H5     sing N N 72  
DC  C6    H6     sing N N 73  
DG  OP3   P      sing N N 74  
DG  OP3   HOP3   sing N N 75  
DG  P     OP1    doub N N 76  
DG  P     OP2    sing N N 77  
DG  P     "O5'"  sing N N 78  
DG  OP2   HOP2   sing N N 79  
DG  "O5'" "C5'"  sing N N 80  
DG  "C5'" "C4'"  sing N N 81  
DG  "C5'" "H5'"  sing N N 82  
DG  "C5'" "H5''" sing N N 83  
DG  "C4'" "O4'"  sing N N 84  
DG  "C4'" "C3'"  sing N N 85  
DG  "C4'" "H4'"  sing N N 86  
DG  "O4'" "C1'"  sing N N 87  
DG  "C3'" "O3'"  sing N N 88  
DG  "C3'" "C2'"  sing N N 89  
DG  "C3'" "H3'"  sing N N 90  
DG  "O3'" "HO3'" sing N N 91  
DG  "C2'" "C1'"  sing N N 92  
DG  "C2'" "H2'"  sing N N 93  
DG  "C2'" "H2''" sing N N 94  
DG  "C1'" N9     sing N N 95  
DG  "C1'" "H1'"  sing N N 96  
DG  N9    C8     sing Y N 97  
DG  N9    C4     sing Y N 98  
DG  C8    N7     doub Y N 99  
DG  C8    H8     sing N N 100 
DG  N7    C5     sing Y N 101 
DG  C5    C6     sing N N 102 
DG  C5    C4     doub Y N 103 
DG  C6    O6     doub N N 104 
DG  C6    N1     sing N N 105 
DG  N1    C2     sing N N 106 
DG  N1    H1     sing N N 107 
DG  C2    N2     sing N N 108 
DG  C2    N3     doub N N 109 
DG  N2    H21    sing N N 110 
DG  N2    H22    sing N N 111 
DG  N3    C4     sing N N 112 
DT  OP3   P      sing N N 113 
DT  OP3   HOP3   sing N N 114 
DT  P     OP1    doub N N 115 
DT  P     OP2    sing N N 116 
DT  P     "O5'"  sing N N 117 
DT  OP2   HOP2   sing N N 118 
DT  "O5'" "C5'"  sing N N 119 
DT  "C5'" "C4'"  sing N N 120 
DT  "C5'" "H5'"  sing N N 121 
DT  "C5'" "H5''" sing N N 122 
DT  "C4'" "O4'"  sing N N 123 
DT  "C4'" "C3'"  sing N N 124 
DT  "C4'" "H4'"  sing N N 125 
DT  "O4'" "C1'"  sing N N 126 
DT  "C3'" "O3'"  sing N N 127 
DT  "C3'" "C2'"  sing N N 128 
DT  "C3'" "H3'"  sing N N 129 
DT  "O3'" "HO3'" sing N N 130 
DT  "C2'" "C1'"  sing N N 131 
DT  "C2'" "H2'"  sing N N 132 
DT  "C2'" "H2''" sing N N 133 
DT  "C1'" N1     sing N N 134 
DT  "C1'" "H1'"  sing N N 135 
DT  N1    C2     sing N N 136 
DT  N1    C6     sing N N 137 
DT  C2    O2     doub N N 138 
DT  C2    N3     sing N N 139 
DT  N3    C4     sing N N 140 
DT  N3    H3     sing N N 141 
DT  C4    O4     doub N N 142 
DT  C4    C5     sing N N 143 
DT  C5    C7     sing N N 144 
DT  C5    C6     doub N N 145 
DT  C7    H71    sing N N 146 
DT  C7    H72    sing N N 147 
DT  C7    H73    sing N N 148 
DT  C6    H6     sing N N 149 
HOH O     H1     sing N N 150 
HOH O     H2     sing N N 151 
RCZ CL    C18    sing N N 152 
RCZ C18   C17    doub Y N 153 
RCZ C18   C14    sing Y N 154 
RCZ C17   C16    sing Y N 155 
RCZ C14   C13    doub Y N 156 
RCZ C13   N4     sing Y N 157 
RCZ C13   C15    sing Y N 158 
RCZ C16   C15    doub Y N 159 
RCZ N6    C21    doub Y N 160 
RCZ N6    C22    sing Y N 161 
RCZ N4    C7     doub Y N 162 
RCZ C15   N3     sing Y N 163 
RCZ C21   C20    sing Y N 164 
RCZ C23   C22    doub Y N 165 
RCZ C23   C24    sing Y N 166 
RCZ C22   C19    sing Y N 167 
RCZ C7    C8     sing Y N 168 
RCZ C7    C6     sing Y N 169 
RCZ C9    C8     doub Y N 170 
RCZ C9    C11    sing Y N 171 
RCZ N3    C6     doub Y N 172 
RCZ C20   N5     doub Y N 173 
RCZ C8    C10    sing Y N 174 
RCZ C11   C12    doub Y N 175 
RCZ C6    C5     sing Y N 176 
RCZ C24   C25    doub Y N 177 
RCZ C19   N5     sing Y N 178 
RCZ C19   C26    doub Y N 179 
RCZ N5    RU     sing N N 180 
RCZ C12   N1     sing Y N 181 
RCZ C10   N1     doub Y N 182 
RCZ C10   C1     sing Y N 183 
RCZ C5    C1     doub Y N 184 
RCZ C5    C4     sing Y N 185 
RCZ N1    RU     sing N N 186 
RCZ C1    N2     sing Y N 187 
RCZ C25   C26    sing Y N 188 
RCZ C25   N7     sing Y N 189 
RCZ C4    C3     doub Y N 190 
RCZ C26   N8     sing Y N 191 
RCZ N7    C27    doub Y N 192 
RCZ N2    RU     sing N N 193 
RCZ N2    C2     doub Y N 194 
RCZ C3    C2     sing Y N 195 
RCZ RU    N8     sing N N 196 
RCZ RU    N12    sing N N 197 
RCZ RU    N9     sing N N 198 
RCZ N8    C28    doub Y N 199 
RCZ C27   C28    sing Y N 200 
RCZ C38   N12    doub Y N 201 
RCZ C38   C37    sing Y N 202 
RCZ N12   C36    sing Y N 203 
RCZ N9    C30    doub Y N 204 
RCZ N9    C29    sing Y N 205 
RCZ C30   C31    sing Y N 206 
RCZ C37   N11    doub Y N 207 
RCZ C36   C29    doub Y N 208 
RCZ C36   C35    sing Y N 209 
RCZ C29   C32    sing Y N 210 
RCZ C31   N10    doub Y N 211 
RCZ N11   C35    sing Y N 212 
RCZ C35   C34    doub Y N 213 
RCZ C32   N10    sing Y N 214 
RCZ C32   C33    doub Y N 215 
RCZ C34   C33    sing Y N 216 
RCZ C4    H4     sing N N 217 
RCZ C2    H2     sing N N 218 
RCZ C14   H14    sing N N 219 
RCZ C16   H16    sing N N 220 
RCZ C17   H17    sing N N 221 
RCZ C9    H9     sing N N 222 
RCZ C11   H11    sing N N 223 
RCZ C12   H12    sing N N 224 
RCZ C3    H3     sing N N 225 
RCZ C20   H20    sing N N 226 
RCZ C21   H21    sing N N 227 
RCZ C23   H23    sing N N 228 
RCZ C24   H24    sing N N 229 
RCZ C27   H27    sing N N 230 
RCZ C28   H28    sing N N 231 
RCZ C30   H30    sing N N 232 
RCZ C31   H31    sing N N 233 
RCZ C33   H33    sing N N 234 
RCZ C34   H34    sing N N 235 
RCZ C37   H37    sing N N 236 
RCZ C38   H38    sing N N 237 
# 
_ndb_struct_conf_na.entry_id   4III 
_ndb_struct_conf_na.feature    'b-form double helix' 
# 
loop_
_ndb_struct_na_base_pair.model_number 
_ndb_struct_na_base_pair.i_label_asym_id 
_ndb_struct_na_base_pair.i_label_comp_id 
_ndb_struct_na_base_pair.i_label_seq_id 
_ndb_struct_na_base_pair.i_symmetry 
_ndb_struct_na_base_pair.j_label_asym_id 
_ndb_struct_na_base_pair.j_label_comp_id 
_ndb_struct_na_base_pair.j_label_seq_id 
_ndb_struct_na_base_pair.j_symmetry 
_ndb_struct_na_base_pair.shear 
_ndb_struct_na_base_pair.stretch 
_ndb_struct_na_base_pair.stagger 
_ndb_struct_na_base_pair.buckle 
_ndb_struct_na_base_pair.propeller 
_ndb_struct_na_base_pair.opening 
_ndb_struct_na_base_pair.pair_number 
_ndb_struct_na_base_pair.pair_name 
_ndb_struct_na_base_pair.i_auth_asym_id 
_ndb_struct_na_base_pair.i_auth_seq_id 
_ndb_struct_na_base_pair.i_PDB_ins_code 
_ndb_struct_na_base_pair.j_auth_asym_id 
_ndb_struct_na_base_pair.j_auth_seq_id 
_ndb_struct_na_base_pair.j_PDB_ins_code 
_ndb_struct_na_base_pair.hbond_type_28 
_ndb_struct_na_base_pair.hbond_type_12 
1 A DC 2 1_555 A DG 9 7_555 0.138  -0.112 0.272  -10.920 7.345  1.386  1 A_DC2:DG9_A A 2 ? A 9 ? 19 1 
1 A DG 3 1_555 A DC 8 7_555 -0.196 -0.036 0.103  23.439  -5.149 -0.631 2 A_DG3:DC8_A A 3 ? A 8 ? 19 1 
1 A DG 4 1_555 A DC 7 7_555 -0.229 -0.142 -0.072 -10.194 0.634  -1.711 3 A_DG4:DC7_A A 4 ? A 7 ? 19 1 
1 A DC 5 1_555 A DG 6 7_555 0.259  -0.081 0.246  -4.096  -5.487 0.312  4 A_DC5:DG6_A A 5 ? A 6 ? 19 1 
1 A DG 6 1_555 A DC 5 7_555 -0.259 -0.081 0.246  4.096   -5.488 0.312  5 A_DG6:DC5_A A 6 ? A 5 ? 19 1 
1 A DC 7 1_555 A DG 4 7_555 0.229  -0.142 -0.072 10.194  0.634  -1.711 6 A_DC7:DG4_A A 7 ? A 4 ? 19 1 
1 A DC 8 1_555 A DG 3 7_555 0.196  -0.036 0.103  -23.439 -5.149 -0.631 7 A_DC8:DG3_A A 8 ? A 3 ? 19 1 
1 A DG 9 1_555 A DC 2 7_555 -0.138 -0.112 0.272  10.920  7.345  1.386  8 A_DG9:DC2_A A 9 ? A 2 ? 19 1 
# 
loop_
_ndb_struct_na_base_pair_step.model_number 
_ndb_struct_na_base_pair_step.i_label_asym_id_1 
_ndb_struct_na_base_pair_step.i_label_comp_id_1 
_ndb_struct_na_base_pair_step.i_label_seq_id_1 
_ndb_struct_na_base_pair_step.i_symmetry_1 
_ndb_struct_na_base_pair_step.j_label_asym_id_1 
_ndb_struct_na_base_pair_step.j_label_comp_id_1 
_ndb_struct_na_base_pair_step.j_label_seq_id_1 
_ndb_struct_na_base_pair_step.j_symmetry_1 
_ndb_struct_na_base_pair_step.i_label_asym_id_2 
_ndb_struct_na_base_pair_step.i_label_comp_id_2 
_ndb_struct_na_base_pair_step.i_label_seq_id_2 
_ndb_struct_na_base_pair_step.i_symmetry_2 
_ndb_struct_na_base_pair_step.j_label_asym_id_2 
_ndb_struct_na_base_pair_step.j_label_comp_id_2 
_ndb_struct_na_base_pair_step.j_label_seq_id_2 
_ndb_struct_na_base_pair_step.j_symmetry_2 
_ndb_struct_na_base_pair_step.shift 
_ndb_struct_na_base_pair_step.slide 
_ndb_struct_na_base_pair_step.rise 
_ndb_struct_na_base_pair_step.tilt 
_ndb_struct_na_base_pair_step.roll 
_ndb_struct_na_base_pair_step.twist 
_ndb_struct_na_base_pair_step.x_displacement 
_ndb_struct_na_base_pair_step.y_displacement 
_ndb_struct_na_base_pair_step.helical_rise 
_ndb_struct_na_base_pair_step.inclination 
_ndb_struct_na_base_pair_step.tip 
_ndb_struct_na_base_pair_step.helical_twist 
_ndb_struct_na_base_pair_step.step_number 
_ndb_struct_na_base_pair_step.step_name 
_ndb_struct_na_base_pair_step.i_auth_asym_id_1 
_ndb_struct_na_base_pair_step.i_auth_seq_id_1 
_ndb_struct_na_base_pair_step.i_PDB_ins_code_1 
_ndb_struct_na_base_pair_step.j_auth_asym_id_1 
_ndb_struct_na_base_pair_step.j_auth_seq_id_1 
_ndb_struct_na_base_pair_step.j_PDB_ins_code_1 
_ndb_struct_na_base_pair_step.i_auth_asym_id_2 
_ndb_struct_na_base_pair_step.i_auth_seq_id_2 
_ndb_struct_na_base_pair_step.i_PDB_ins_code_2 
_ndb_struct_na_base_pair_step.j_auth_asym_id_2 
_ndb_struct_na_base_pair_step.j_auth_seq_id_2 
_ndb_struct_na_base_pair_step.j_PDB_ins_code_2 
1 A DC 2 1_555 A DG 9 7_555 A DG 3 1_555 A DC 8 7_555 -0.531 1.695 2.625 3.135  3.575  19.565 3.473  2.725  2.768 10.324 -9.055 
20.129 1 AA_DC2DG3:DC8DG9_AA A 2 ? A 9 ? A 3 ? A 8 ? 
1 A DG 3 1_555 A DC 8 7_555 A DG 4 1_555 A DC 7 7_555 -0.142 0.865 5.223 -3.103 51.389 14.811 -5.284 -0.219 2.333 74.897 4.522  
53.431 2 AA_DG3DG4:DC7DC8_AA A 3 ? A 8 ? A 4 ? A 7 ? 
1 A DG 4 1_555 A DC 7 7_555 A DC 5 1_555 A DG 6 7_555 -0.853 0.139 3.204 -3.233 -3.593 39.510 0.615  0.884  3.237 -5.291 4.761  
39.793 3 AA_DG4DC5:DG6DC7_AA A 4 ? A 7 ? A 5 ? A 6 ? 
1 A DC 5 1_555 A DG 6 7_555 A DG 6 1_555 A DC 5 7_555 0.000  0.815 3.352 0.000  23.279 26.221 -2.631 0.000  3.067 42.244 0.000  
34.927 4 AA_DC5DG6:DC5DG6_AA A 5 ? A 6 ? A 6 ? A 5 ? 
1 A DG 6 1_555 A DC 5 7_555 A DC 7 1_555 A DG 4 7_555 0.853  0.139 3.204 3.233  -3.593 39.510 0.615  -0.884 3.237 -5.291 -4.761 
39.793 5 AA_DG6DC7:DG4DC5_AA A 6 ? A 5 ? A 7 ? A 4 ? 
1 A DC 7 1_555 A DG 4 7_555 A DC 8 1_555 A DG 3 7_555 0.142  0.865 5.223 3.103  51.389 14.811 -5.284 0.219  2.333 74.897 -4.522 
53.431 6 AA_DC7DC8:DG3DG4_AA A 7 ? A 4 ? A 8 ? A 3 ? 
1 A DC 8 1_555 A DG 3 7_555 A DG 9 1_555 A DC 2 7_555 0.531  1.695 2.625 -3.135 3.575  19.565 3.473  -2.725 2.768 10.324 9.055  
20.129 7 AA_DC8DG9:DC2DG3_AA A 8 ? A 3 ? A 9 ? A 2 ? 
# 
loop_
_pdbx_entity_nonpoly.entity_id 
_pdbx_entity_nonpoly.name 
_pdbx_entity_nonpoly.comp_id 
2 'BARIUM ION'                BA  
3 'Ru(TAP)2(Cl-dppz) complex' RCZ 
4 water                       HOH 
# 
_pdbx_initial_refinement_model.id               1 
_pdbx_initial_refinement_model.entity_id_list   ? 
_pdbx_initial_refinement_model.type             'experimental model' 
_pdbx_initial_refinement_model.source_name      PDB 
_pdbx_initial_refinement_model.accession_code   3QRN 
_pdbx_initial_refinement_model.details          ? 
# 
